data_5VN8
#
_entry.id   5VN8
#
_cell.length_a   1
_cell.length_b   1
_cell.length_c   1
_cell.angle_alpha   90.00
_cell.angle_beta   90.00
_cell.angle_gamma   90.00
#
_symmetry.space_group_name_H-M   'P 1'
#
loop_
_entity.id
_entity.type
_entity.pdbx_description
1 polymer 'Envelope glycoprotein gp160'
2 polymer 'Envelope glycoprotein gp160'
3 polymer 'b12 Fab heavy chain'
4 polymer 'b12 Fab light chain'
5 branched 2-acetamido-2-deoxy-beta-D-glucopyranose-(1-4)-2-acetamido-2-deoxy-beta-D-glucopyranose
6 branched beta-D-mannopyranose-(1-4)-2-acetamido-2-deoxy-beta-D-glucopyranose-(1-4)-2-acetamido-2-deoxy-beta-D-glucopyranose
7 branched alpha-D-mannopyranose-(1-3)-beta-D-mannopyranose-(1-4)-2-acetamido-2-deoxy-beta-D-glucopyranose-(1-4)-2-acetamido-2-deoxy-beta-D-glucopyranose
8 non-polymer 2-acetamido-2-deoxy-beta-D-glucopyranose
#
loop_
_entity_poly.entity_id
_entity_poly.type
_entity_poly.pdbx_seq_one_letter_code
_entity_poly.pdbx_strand_id
1 'polypeptide(L)'
;MDAMKRGLCCVLLLCGAVFVSPSQEIHARFRRGARAAKKWVTVYYGVPVWKEATTTLFCASDAKAYDTEVHNVWATHACV
PTDPNPQEIVLGNVTENFNMWKNNMVEQMHEDIISLWDQSLKPCVKLTPLCVTLNCNNVNTNNTNNSTNATISDWEKMET
GEMKNCSFNVTTSIRDKIKKEYALFYKLDVVPLENKNNINNTNITNYRLINCNTSVITQACPKVSFEPIPIHYCAPAGFA
ILKCNSKTFNGSGPCTNVSTVQCTHGIRPVVSTQLLLNGSLAEEEIVIRSENITDNAKTIIVQLNEAVEINCTRPNNNTR
KSIHIGPGRAFYATGDIIGNIRQAHCNISKARWNETLGQIVAKLEEQFPNKTIIFNHSSGGDPEIVTHSFNCGGEFFYCN
TTPLFNSTWNNTRTDDYPTGGEQNITLQCRIKQIINMWQGVGKAMYAPPIRGQIRCSSNITGLLLTRDGGRDQNGTETFR
PGGGNMRDNWRSELYKYKVVKIEPLGIAPTACKRRV
;
G,D,E
2 'polypeptide(L)'
;AVGLGAFILGFLGAAGSTMGAASMALTVQARLLLSGIVQQQNNLLRAPEAQQHMLQLTVWGIKQLQARVLAVERYLRDQQ
LLGIWGCSGKIICCTNVPWNDSWSNKTINEIWDNMTWMQWEKEIDNYTQHIYTLLEVSQIQQEKNEQELLELD
;
A,B,C
3 'polypeptide(L)'
;QVQLVQSGAEVKKPGASVKVSCQASGYRFSNFVIHWVRQAPGQRFEWMGWINPYNGNKEFSAKFQDRVTFTADTSANTAY
MELRSLRSADTAVYYCARVGPYSWDDSPQDNYYMDVWGKGTTVIVSSASTKGPSVFPLAPSSKSTSGGTAALGCLVKDYF
PEPVTVSWNSGALTSGVHTFPAVLQSSGLYSLSSVVTVPSSSLGTQTYICNVNHKPSNTKVDKKAEPKSC
;
H,F,I
4 'polypeptide(L)'
;EIVLTQSPGTLSLSPGERATFSCRSSHSIRSRRVAWYQHKPGQAPRLVIHGVSNRASGISDRFSGSGSGTDFTLTITRVE
PEDFALYYCQVYGASSYTFGQGTKLERKRTVAAPSVFIFPPSDEQLKSGTASVVCLLNNFYPREAKVQWKVDNALQSGNS
QESVTEQDSKDSTYSLSSTLTLSKADYEKHKVYACEVTHQGLRSPVTKSFNRGEC
;
L,J,K
#
# COMPACT_ATOMS: atom_id res chain seq x y z
N ALA A 37 48.85 1.50 -35.84
CA ALA A 37 47.65 1.35 -35.04
C ALA A 37 46.96 2.70 -34.84
N LYS A 38 46.19 3.12 -35.83
CA LYS A 38 45.50 4.40 -35.75
C LYS A 38 44.30 4.27 -34.80
N LYS A 39 44.14 5.27 -33.95
CA LYS A 39 43.08 5.30 -32.96
C LYS A 39 41.77 5.79 -33.57
N TRP A 40 40.65 5.41 -32.94
CA TRP A 40 39.34 5.81 -33.40
C TRP A 40 38.43 6.03 -32.19
N VAL A 41 37.54 7.01 -32.29
CA VAL A 41 36.64 7.37 -31.21
C VAL A 41 35.52 6.34 -31.12
N THR A 42 35.20 5.90 -29.90
CA THR A 42 34.13 4.94 -29.67
C THR A 42 33.28 5.37 -28.49
N VAL A 43 31.96 5.30 -28.65
CA VAL A 43 31.02 5.67 -27.60
C VAL A 43 30.58 4.41 -26.88
N TYR A 44 30.61 4.44 -25.56
CA TYR A 44 30.20 3.30 -24.76
C TYR A 44 28.99 3.73 -23.95
N TYR A 45 28.17 2.77 -23.54
CA TYR A 45 27.00 3.09 -22.76
C TYR A 45 26.99 2.21 -21.52
N GLY A 46 27.03 2.83 -20.35
CA GLY A 46 27.03 2.09 -19.11
C GLY A 46 28.29 2.38 -18.32
N VAL A 47 28.86 3.54 -18.54
CA VAL A 47 30.08 3.96 -17.87
C VAL A 47 29.71 4.38 -16.45
N PRO A 48 30.49 4.03 -15.42
CA PRO A 48 30.13 4.42 -14.04
C PRO A 48 30.47 5.86 -13.63
N VAL A 49 30.64 6.78 -14.59
CA VAL A 49 30.97 8.17 -14.28
C VAL A 49 29.87 8.86 -13.47
N TRP A 50 30.27 9.57 -12.43
CA TRP A 50 29.40 10.31 -11.53
C TRP A 50 29.42 11.79 -11.85
N LYS A 51 28.36 12.48 -11.43
CA LYS A 51 28.20 13.91 -11.60
C LYS A 51 27.38 14.39 -10.42
N GLU A 52 27.91 15.34 -9.65
CA GLU A 52 27.18 15.84 -8.49
C GLU A 52 26.02 16.70 -8.95
N ALA A 53 24.82 16.36 -8.49
CA ALA A 53 23.62 17.10 -8.86
C ALA A 53 22.79 17.37 -7.62
N THR A 54 21.87 18.32 -7.75
CA THR A 54 20.99 18.71 -6.66
C THR A 54 19.59 18.21 -6.93
N THR A 55 18.82 18.05 -5.85
CA THR A 55 17.45 17.57 -5.93
C THR A 55 16.71 17.89 -4.64
N THR A 56 15.47 17.44 -4.57
CA THR A 56 14.60 17.62 -3.41
C THR A 56 14.43 16.26 -2.76
N LEU A 57 15.26 15.99 -1.77
CA LEU A 57 15.24 14.72 -1.04
C LEU A 57 13.97 14.63 -0.20
N PHE A 58 13.51 13.41 0.04
CA PHE A 58 12.31 13.24 0.86
C PHE A 58 12.67 12.69 2.23
N CYS A 59 11.92 13.13 3.24
CA CYS A 59 12.15 12.71 4.61
C CYS A 59 11.64 11.29 4.85
N ALA A 60 12.06 10.73 5.98
CA ALA A 60 11.67 9.40 6.40
C ALA A 60 11.87 9.32 7.90
N SER A 61 10.86 8.84 8.63
CA SER A 61 10.96 8.75 10.08
C SER A 61 10.05 7.65 10.58
N ASP A 62 10.25 7.27 11.84
CA ASP A 62 9.44 6.21 12.45
C ASP A 62 8.00 6.67 12.67
N ALA A 63 7.82 7.69 13.50
CA ALA A 63 6.48 8.20 13.78
C ALA A 63 6.02 9.15 12.69
N ALA A 75 5.49 17.11 11.25
CA ALA A 75 6.38 16.05 11.70
C ALA A 75 5.95 14.71 11.13
N THR A 76 4.68 14.61 10.74
CA THR A 76 4.13 13.38 10.17
C THR A 76 3.71 13.53 8.72
N HIS A 77 3.72 14.73 8.17
CA HIS A 77 3.33 14.96 6.79
C HIS A 77 4.53 14.78 5.87
N ALA A 78 4.30 14.07 4.76
CA ALA A 78 5.25 13.74 3.70
C ALA A 78 6.44 12.89 4.15
N CYS A 79 6.43 12.38 5.38
CA CYS A 79 7.52 11.54 5.89
C CYS A 79 7.05 10.10 5.90
N VAL A 80 7.58 9.31 4.97
CA VAL A 80 7.26 7.89 4.82
C VAL A 80 7.97 7.13 5.94
N PRO A 81 7.61 5.89 6.26
CA PRO A 81 8.32 5.17 7.32
C PRO A 81 9.74 4.83 6.89
N THR A 82 10.56 4.47 7.88
CA THR A 82 11.96 4.15 7.63
C THR A 82 12.09 2.86 6.82
N ASP A 83 13.20 2.77 6.12
CA ASP A 83 13.50 1.62 5.27
C ASP A 83 13.85 0.42 6.13
N PRO A 84 13.11 -0.69 6.03
CA PRO A 84 13.45 -1.86 6.86
C PRO A 84 14.69 -2.59 6.37
N ASN A 85 15.16 -2.33 5.15
CA ASN A 85 16.35 -2.96 4.61
C ASN A 85 17.33 -1.88 4.17
N PRO A 86 18.08 -1.27 5.10
CA PRO A 86 19.02 -0.23 4.71
C PRO A 86 20.27 -0.80 4.06
N GLN A 87 20.19 -1.03 2.75
CA GLN A 87 21.31 -1.58 2.02
C GLN A 87 22.45 -0.57 1.88
N GLU A 88 23.67 -1.09 1.91
CA GLU A 88 24.88 -0.29 1.78
C GLU A 88 25.91 -1.13 1.04
N ILE A 89 26.48 -0.58 -0.02
CA ILE A 89 27.46 -1.28 -0.82
C ILE A 89 28.77 -0.51 -0.80
N VAL A 90 29.84 -1.15 -0.37
CA VAL A 90 31.15 -0.51 -0.35
C VAL A 90 31.69 -0.53 -1.77
N LEU A 91 32.02 0.65 -2.30
CA LEU A 91 32.51 0.74 -3.67
C LEU A 91 33.88 0.12 -3.84
N GLY A 92 34.88 0.64 -3.13
CA GLY A 92 36.19 0.06 -3.27
C GLY A 92 37.34 1.04 -3.33
N ASN A 93 38.03 1.07 -4.47
CA ASN A 93 39.18 1.95 -4.64
C ASN A 93 38.82 3.24 -5.36
N VAL A 94 37.90 3.99 -4.76
CA VAL A 94 37.45 5.26 -5.30
C VAL A 94 37.86 6.38 -4.35
N THR A 95 38.19 7.53 -4.92
CA THR A 95 38.59 8.71 -4.17
C THR A 95 37.74 9.87 -4.66
N GLU A 96 36.65 10.16 -3.95
CA GLU A 96 35.74 11.22 -4.33
C GLU A 96 35.97 12.42 -3.41
N ASN A 97 36.31 13.56 -4.01
CA ASN A 97 36.57 14.77 -3.26
C ASN A 97 35.28 15.33 -2.66
N PHE A 98 35.20 15.39 -1.34
CA PHE A 98 34.03 15.92 -0.69
C PHE A 98 34.25 17.37 -0.29
N ASN A 99 33.16 18.05 0.02
CA ASN A 99 33.22 19.44 0.44
C ASN A 99 31.95 19.71 1.23
N MET A 100 32.06 19.72 2.56
CA MET A 100 30.90 19.96 3.39
C MET A 100 30.51 21.43 3.47
N TRP A 101 31.35 22.33 2.98
CA TRP A 101 31.02 23.75 3.06
C TRP A 101 30.26 24.24 1.85
N LYS A 102 30.49 23.64 0.68
CA LYS A 102 29.79 24.00 -0.54
C LYS A 102 28.72 22.97 -0.88
N ASN A 103 28.22 22.28 0.14
CA ASN A 103 27.20 21.25 -0.05
C ASN A 103 25.86 21.91 -0.29
N ASN A 104 25.10 21.35 -1.24
CA ASN A 104 23.78 21.83 -1.58
C ASN A 104 22.68 21.03 -0.87
N MET A 105 23.05 20.28 0.16
CA MET A 105 22.12 19.51 0.97
C MET A 105 21.75 20.22 2.26
N VAL A 106 22.65 21.07 2.77
CA VAL A 106 22.39 21.81 3.99
C VAL A 106 21.28 22.82 3.75
N GLU A 107 21.26 23.39 2.54
CA GLU A 107 20.19 24.32 2.17
C GLU A 107 18.88 23.56 2.03
N GLN A 108 18.96 22.29 1.65
CA GLN A 108 17.77 21.46 1.55
C GLN A 108 17.23 21.11 2.93
N MET A 109 18.11 21.06 3.94
CA MET A 109 17.68 20.79 5.30
C MET A 109 17.29 22.07 6.01
N HIS A 110 17.91 23.21 5.66
CA HIS A 110 17.52 24.47 6.29
C HIS A 110 16.14 24.85 5.80
N GLU A 111 15.85 24.55 4.54
CA GLU A 111 14.53 24.69 3.97
C GLU A 111 13.82 23.39 4.33
N ASP A 112 12.50 23.31 4.12
CA ASP A 112 11.68 22.12 4.46
C ASP A 112 11.69 21.79 5.95
N ILE A 113 12.23 22.67 6.79
CA ILE A 113 12.25 22.54 8.24
C ILE A 113 11.70 23.79 8.89
N ILE A 114 11.63 24.88 8.14
CA ILE A 114 11.06 26.15 8.53
C ILE A 114 9.69 26.02 7.89
N SER A 115 9.64 25.22 6.82
CA SER A 115 8.39 24.96 6.13
C SER A 115 7.46 24.09 6.96
N LEU A 116 8.00 23.01 7.56
CA LEU A 116 7.15 22.18 8.41
C LEU A 116 6.87 22.90 9.72
N TRP A 117 7.79 23.79 10.12
CA TRP A 117 7.61 24.57 11.32
C TRP A 117 6.48 25.57 11.13
N ASP A 118 6.35 26.11 9.92
CA ASP A 118 5.30 27.07 9.61
C ASP A 118 3.95 26.38 9.44
N GLN A 119 3.94 25.11 9.06
CA GLN A 119 2.68 24.38 8.90
C GLN A 119 2.01 24.16 10.25
N SER A 120 2.78 24.11 11.32
CA SER A 120 2.25 23.92 12.66
C SER A 120 1.98 25.23 13.38
N LEU A 121 1.91 26.33 12.64
CA LEU A 121 1.65 27.65 13.22
C LEU A 121 0.65 28.42 12.38
N LYS A 122 -0.39 27.73 11.91
CA LYS A 122 -1.43 28.38 11.10
C LYS A 122 -2.81 28.12 11.67
N THR A 128 -3.55 38.56 16.94
CA THR A 128 -2.47 37.83 17.60
C THR A 128 -1.35 38.63 18.32
N PRO A 129 -0.82 39.80 17.78
CA PRO A 129 0.23 40.50 18.54
C PRO A 129 -0.24 41.11 19.85
N LEU A 130 -1.20 42.04 19.74
CA LEU A 130 -1.83 42.75 20.85
C LEU A 130 -0.80 43.39 21.81
N CYS A 131 -0.05 44.35 21.28
CA CYS A 131 0.98 45.04 22.06
C CYS A 131 0.35 46.24 22.77
N VAL A 132 0.18 46.10 24.08
CA VAL A 132 -0.36 47.17 24.92
C VAL A 132 0.64 47.46 26.02
N THR A 133 0.50 48.65 26.61
CA THR A 133 1.39 49.07 27.67
C THR A 133 1.13 48.24 28.93
N LEU A 134 2.17 47.58 29.43
CA LEU A 134 2.04 46.75 30.61
C LEU A 134 2.22 47.60 31.86
N ASN A 135 2.26 46.95 33.02
CA ASN A 135 2.47 47.59 34.31
C ASN A 135 2.87 46.47 35.26
N CYS A 136 4.04 46.58 35.88
CA CYS A 136 4.48 45.52 36.77
C CYS A 136 5.47 46.05 37.81
N ASN A 137 6.00 45.13 38.62
CA ASN A 137 6.98 45.43 39.66
C ASN A 137 7.75 44.16 39.97
N ASN A 138 8.66 44.25 40.94
CA ASN A 138 9.47 43.10 41.30
C ASN A 138 8.60 42.04 41.99
N VAL A 139 9.00 40.78 41.86
CA VAL A 139 8.23 39.70 42.47
C VAL A 139 8.54 39.65 43.96
N ASN A 140 7.55 39.23 44.74
CA ASN A 140 7.69 39.14 46.20
C ASN A 140 8.34 37.81 46.55
N THR A 141 9.64 37.85 46.76
CA THR A 141 10.40 36.64 47.10
C THR A 141 10.27 36.32 48.59
N MET A 158 22.30 31.40 42.60
CA MET A 158 21.39 30.28 42.81
C MET A 158 20.04 30.76 43.32
N GLU A 159 19.84 32.07 43.28
CA GLU A 159 18.60 32.69 43.73
C GLU A 159 18.13 33.71 42.70
N THR A 160 16.81 33.90 42.62
CA THR A 160 16.22 34.84 41.69
C THR A 160 16.31 36.25 42.24
N GLY A 161 16.89 37.16 41.45
CA GLY A 161 17.03 38.53 41.88
C GLY A 161 15.93 39.48 41.40
N GLU A 162 15.69 39.50 40.09
CA GLU A 162 14.68 40.39 39.49
C GLU A 162 14.00 39.65 38.35
N MET A 163 12.75 39.25 38.55
CA MET A 163 11.95 38.54 37.54
C MET A 163 10.55 39.13 37.64
N LYS A 164 10.26 40.11 36.78
CA LYS A 164 8.97 40.79 36.78
C LYS A 164 7.85 39.86 36.32
N ASN A 165 6.76 39.80 37.10
CA ASN A 165 5.63 38.92 36.80
C ASN A 165 4.35 39.60 37.27
N CYS A 166 3.60 40.22 36.35
CA CYS A 166 2.36 40.89 36.73
C CYS A 166 1.34 40.73 35.60
N SER A 167 0.25 41.49 35.68
CA SER A 167 -0.83 41.49 34.69
C SER A 167 -0.94 42.89 34.08
N PHE A 168 -1.54 42.94 32.89
CA PHE A 168 -1.68 44.19 32.16
C PHE A 168 -3.10 44.75 32.26
N ASN A 169 -3.40 45.77 31.46
CA ASN A 169 -4.64 46.52 31.38
C ASN A 169 -5.60 45.85 30.37
N VAL A 170 -6.55 46.63 29.84
CA VAL A 170 -7.60 46.28 28.90
C VAL A 170 -7.14 45.41 27.73
N THR A 171 -7.84 44.29 27.52
CA THR A 171 -7.52 43.37 26.43
C THR A 171 -8.36 43.72 25.20
N THR A 172 -9.68 43.53 25.32
CA THR A 172 -10.64 43.85 24.27
C THR A 172 -11.67 44.87 24.74
N SER A 173 -12.33 44.59 25.86
CA SER A 173 -13.32 45.47 26.45
C SER A 173 -12.86 45.88 27.84
N ILE A 174 -13.64 46.73 28.48
CA ILE A 174 -13.31 47.23 29.81
C ILE A 174 -13.41 46.12 30.86
N LEU A 184 4.22 34.63 33.20
CA LEU A 184 3.87 36.03 33.41
C LEU A 184 4.91 37.03 32.91
N PHE A 185 5.47 36.78 31.73
CA PHE A 185 6.46 37.62 31.04
C PHE A 185 7.69 37.82 31.93
N TYR A 186 8.48 36.74 32.12
CA TYR A 186 9.63 36.64 33.02
C TYR A 186 10.61 37.83 33.07
N LYS A 187 11.53 37.97 32.13
CA LYS A 187 12.42 39.11 32.24
C LYS A 187 12.92 39.63 30.90
N LEU A 188 13.05 38.75 29.91
CA LEU A 188 13.60 39.16 28.63
C LEU A 188 12.53 39.44 27.59
N ASP A 189 11.38 39.93 28.01
CA ASP A 189 10.31 40.26 27.07
C ASP A 189 9.59 41.52 27.55
N VAL A 190 10.32 42.39 28.22
CA VAL A 190 9.79 43.66 28.73
C VAL A 190 10.74 44.78 28.37
N VAL A 191 10.19 45.95 28.02
CA VAL A 191 10.95 47.12 27.65
C VAL A 191 10.42 48.27 28.49
N PRO A 192 11.21 48.84 29.39
CA PRO A 192 10.72 49.93 30.25
C PRO A 192 10.41 51.21 29.50
N LEU A 193 9.47 51.97 30.06
CA LEU A 193 9.00 53.24 29.52
C LEU A 193 8.53 54.12 30.69
N GLU A 194 7.90 55.25 30.35
CA GLU A 194 7.33 56.19 31.30
C GLU A 194 6.46 57.21 30.56
N ASN A 195 5.25 57.46 31.07
CA ASN A 195 4.34 58.41 30.45
C ASN A 195 4.75 59.85 30.79
N LYS A 196 4.05 60.81 30.19
CA LYS A 196 4.33 62.23 30.40
C LYS A 196 3.47 62.86 31.49
N ASN A 197 2.83 62.05 32.32
CA ASN A 197 1.99 62.59 33.37
C ASN A 197 2.84 63.02 34.56
N ASN A 198 2.18 63.45 35.64
CA ASN A 198 2.84 63.90 36.86
C ASN A 198 2.98 62.79 37.89
N ILE A 199 3.09 61.53 37.44
CA ILE A 199 3.24 60.41 38.35
C ILE A 199 4.70 60.07 38.51
N ASN A 200 5.57 60.98 38.07
CA ASN A 200 7.02 60.78 38.18
C ASN A 200 7.52 60.80 39.61
N ASN A 201 6.77 61.41 40.53
CA ASN A 201 7.14 61.47 41.93
C ASN A 201 6.70 60.23 42.71
N THR A 202 6.11 59.25 42.02
CA THR A 202 5.65 58.01 42.63
C THR A 202 6.36 56.77 42.10
N ASN A 203 7.16 56.90 41.04
CA ASN A 203 7.92 55.82 40.41
C ASN A 203 7.02 54.68 39.93
N ILE A 204 6.16 54.99 38.97
CA ILE A 204 5.24 54.03 38.38
C ILE A 204 5.83 53.65 37.04
N THR A 205 6.45 52.47 36.97
CA THR A 205 7.07 52.03 35.73
C THR A 205 6.04 51.38 34.79
N ASN A 206 6.35 51.40 33.51
CA ASN A 206 5.50 50.83 32.47
C ASN A 206 6.37 50.03 31.52
N TYR A 207 5.86 48.89 31.07
CA TYR A 207 6.63 48.03 30.17
C TYR A 207 5.97 47.98 28.80
N ARG A 208 6.57 47.15 27.94
CA ARG A 208 6.13 46.94 26.57
C ARG A 208 6.71 45.60 26.15
N LEU A 209 6.02 44.91 25.24
CA LEU A 209 6.50 43.62 24.76
C LEU A 209 7.76 43.82 23.93
N ILE A 210 8.64 42.80 23.94
CA ILE A 210 9.91 42.88 23.23
C ILE A 210 9.74 42.91 21.71
N ASN A 211 8.67 42.33 21.18
CA ASN A 211 8.48 42.35 19.74
C ASN A 211 7.23 43.14 19.39
N CYS A 212 7.13 44.33 19.98
CA CYS A 212 5.98 45.19 19.75
C CYS A 212 5.95 45.76 18.33
N ASN A 213 7.12 45.95 17.71
CA ASN A 213 7.16 46.49 16.36
C ASN A 213 7.73 45.50 15.35
N THR A 214 7.53 44.20 15.59
CA THR A 214 7.96 43.14 14.71
C THR A 214 6.76 42.83 13.80
N SER A 215 7.05 42.28 12.61
CA SER A 215 6.06 41.98 11.58
C SER A 215 4.85 41.14 12.00
N VAL A 216 5.04 39.86 12.33
CA VAL A 216 3.93 38.99 12.70
C VAL A 216 4.29 38.23 13.97
N ILE A 217 3.42 38.29 14.98
CA ILE A 217 3.65 37.61 16.24
C ILE A 217 2.57 36.55 16.40
N THR A 218 2.82 35.33 15.92
CA THR A 218 1.83 34.27 16.04
C THR A 218 1.88 33.64 17.43
N GLN A 219 1.12 32.56 17.60
CA GLN A 219 1.06 31.85 18.86
C GLN A 219 0.56 30.44 18.59
N ALA A 220 1.21 29.46 19.22
CA ALA A 220 0.84 28.07 19.05
C ALA A 220 -0.26 27.71 20.03
N SER A 225 3.89 20.98 21.49
CA SER A 225 5.00 20.12 21.91
C SER A 225 6.07 20.05 20.84
N PHE A 226 7.32 20.26 21.24
CA PHE A 226 8.46 20.22 20.33
C PHE A 226 9.36 19.08 20.76
N GLU A 227 9.32 17.98 20.01
CA GLU A 227 10.13 16.81 20.29
C GLU A 227 10.89 16.43 19.02
N PRO A 228 12.21 16.41 19.04
CA PRO A 228 12.97 16.05 17.83
C PRO A 228 12.85 14.57 17.53
N ILE A 229 12.48 14.26 16.29
CA ILE A 229 12.30 12.91 15.78
C ILE A 229 13.46 12.64 14.84
N PRO A 230 14.09 11.46 14.86
CA PRO A 230 15.23 11.21 13.96
C PRO A 230 14.86 11.08 12.49
N ILE A 231 14.78 12.23 11.81
CA ILE A 231 14.45 12.29 10.39
C ILE A 231 15.57 11.70 9.56
N HIS A 232 15.20 10.92 8.54
CA HIS A 232 16.14 10.28 7.62
C HIS A 232 15.90 10.82 6.21
N TYR A 233 16.92 11.42 5.63
CA TYR A 233 16.81 11.92 4.26
C TYR A 233 17.19 10.80 3.31
N CYS A 234 16.38 10.59 2.29
CA CYS A 234 16.64 9.55 1.31
C CYS A 234 16.73 10.16 -0.08
N ALA A 235 17.38 9.44 -0.97
CA ALA A 235 17.56 9.91 -2.32
C ALA A 235 16.39 9.49 -3.21
N PRO A 236 16.00 10.33 -4.17
CA PRO A 236 14.88 9.97 -5.05
C PRO A 236 15.29 8.97 -6.11
N ALA A 237 14.38 8.67 -7.03
CA ALA A 237 14.67 7.73 -8.11
C ALA A 237 15.61 8.38 -9.12
N GLY A 238 16.74 7.73 -9.36
CA GLY A 238 17.74 8.22 -10.29
C GLY A 238 18.94 8.87 -9.68
N PHE A 239 18.94 9.12 -8.37
CA PHE A 239 20.03 9.76 -7.66
C PHE A 239 20.53 8.84 -6.56
N ALA A 240 21.79 9.02 -6.18
CA ALA A 240 22.40 8.20 -5.14
C ALA A 240 23.13 9.08 -4.14
N ILE A 241 23.53 8.48 -3.03
CA ILE A 241 24.22 9.16 -1.94
C ILE A 241 25.52 8.42 -1.66
N LEU A 242 26.65 9.13 -1.73
CA LEU A 242 27.97 8.56 -1.50
C LEU A 242 28.45 8.90 -0.10
N LYS A 243 28.31 7.96 0.82
CA LYS A 243 28.73 8.18 2.20
C LYS A 243 30.14 7.69 2.43
N CYS A 244 31.05 8.59 2.82
CA CYS A 244 32.40 8.16 3.11
C CYS A 244 32.44 7.49 4.47
N ASN A 245 33.48 6.69 4.68
CA ASN A 245 33.63 5.96 5.93
C ASN A 245 35.00 6.13 6.56
N SER A 246 35.84 7.00 6.02
CA SER A 246 37.17 7.22 6.59
C SER A 246 37.02 7.95 7.91
N LYS A 247 37.52 7.34 8.98
CA LYS A 247 37.43 7.89 10.33
C LYS A 247 38.31 9.11 10.58
N THR A 248 39.02 9.61 9.58
CA THR A 248 39.88 10.78 9.75
C THR A 248 39.39 11.98 8.95
N PHE A 249 38.09 12.26 9.03
CA PHE A 249 37.52 13.40 8.32
C PHE A 249 38.05 14.73 8.83
N ASN A 250 38.07 15.69 7.93
CA ASN A 250 38.47 17.05 8.28
C ASN A 250 37.58 18.07 7.60
N GLY A 251 36.58 17.63 6.82
CA GLY A 251 35.68 18.52 6.14
C GLY A 251 35.76 18.54 4.63
N SER A 252 36.97 18.60 4.08
CA SER A 252 37.14 18.62 2.63
C SER A 252 38.18 17.61 2.21
N GLY A 253 38.67 17.69 0.98
CA GLY A 253 39.66 16.77 0.51
C GLY A 253 39.04 15.45 0.08
N PRO A 254 39.88 14.48 -0.25
CA PRO A 254 39.38 13.18 -0.70
C PRO A 254 39.14 12.18 0.43
N CYS A 255 38.40 11.14 0.07
CA CYS A 255 38.07 10.02 0.93
C CYS A 255 38.62 8.76 0.28
N THR A 256 38.77 7.71 1.08
CA THR A 256 39.30 6.44 0.57
C THR A 256 38.38 5.26 0.79
N ASN A 257 37.33 5.40 1.59
CA ASN A 257 36.37 4.33 1.87
C ASN A 257 34.99 4.91 1.63
N VAL A 258 34.55 4.90 0.37
CA VAL A 258 33.27 5.44 -0.04
C VAL A 258 32.27 4.31 -0.24
N SER A 259 31.08 4.48 0.31
CA SER A 259 30.01 3.50 0.19
C SER A 259 28.73 4.22 -0.20
N THR A 260 27.87 3.53 -0.93
CA THR A 260 26.61 4.09 -1.41
C THR A 260 25.47 3.64 -0.51
N VAL A 261 24.56 4.56 -0.22
CA VAL A 261 23.39 4.31 0.60
C VAL A 261 22.20 5.04 -0.03
N GLN A 262 21.01 4.51 0.17
CA GLN A 262 19.82 5.15 -0.38
C GLN A 262 19.17 6.09 0.62
N CYS A 263 19.57 6.02 1.88
CA CYS A 263 19.04 6.87 2.94
C CYS A 263 20.22 7.26 3.81
N THR A 264 19.95 7.73 5.02
CA THR A 264 21.04 8.13 5.91
C THR A 264 20.74 7.70 7.34
N HIS A 265 21.62 8.10 8.25
CA HIS A 265 21.47 7.76 9.65
C HIS A 265 20.46 8.69 10.32
N GLY A 266 20.29 8.50 11.62
CA GLY A 266 19.34 9.30 12.37
C GLY A 266 19.83 10.73 12.54
N ILE A 267 19.04 11.69 12.07
CA ILE A 267 19.37 13.10 12.17
C ILE A 267 18.35 13.76 13.08
N ARG A 268 18.83 14.34 14.18
CA ARG A 268 17.96 14.99 15.14
C ARG A 268 17.90 16.49 14.82
N PRO A 269 16.75 17.03 14.44
CA PRO A 269 16.64 18.47 14.12
C PRO A 269 16.45 19.34 15.35
N VAL A 270 17.39 19.27 16.28
CA VAL A 270 17.33 20.07 17.50
C VAL A 270 18.07 21.37 17.28
N VAL A 271 17.41 22.49 17.58
CA VAL A 271 18.00 23.80 17.41
C VAL A 271 18.69 24.22 18.70
N SER A 272 19.91 24.74 18.56
CA SER A 272 20.73 25.19 19.68
C SER A 272 21.91 25.97 19.11
N THR A 273 22.51 26.79 19.96
CA THR A 273 23.67 27.60 19.61
C THR A 273 24.75 27.38 20.66
N GLN A 274 26.01 27.56 20.24
CA GLN A 274 27.26 27.44 21.01
C GLN A 274 27.58 26.02 21.49
N LEU A 275 26.67 25.07 21.34
CA LEU A 275 26.86 23.69 21.73
C LEU A 275 25.89 22.85 20.92
N LEU A 276 26.35 21.69 20.48
CA LEU A 276 25.51 20.80 19.70
C LEU A 276 25.02 19.69 20.63
N LEU A 277 23.72 19.60 20.82
CA LEU A 277 23.12 18.62 21.69
C LEU A 277 22.55 17.46 20.89
N ASN A 278 22.65 16.25 21.46
CA ASN A 278 22.15 15.00 20.88
C ASN A 278 22.65 14.76 19.47
N GLY A 279 23.91 15.08 19.22
CA GLY A 279 24.51 14.90 17.92
C GLY A 279 25.00 13.49 17.67
N SER A 280 26.10 13.40 16.93
CA SER A 280 26.71 12.12 16.59
C SER A 280 28.19 12.17 16.98
N LEU A 281 28.59 11.25 17.85
CA LEU A 281 29.96 11.18 18.31
C LEU A 281 30.88 10.65 17.20
N ALA A 282 32.18 10.84 17.40
CA ALA A 282 33.17 10.38 16.44
C ALA A 282 33.64 8.97 16.80
N GLU A 283 34.60 8.45 16.03
CA GLU A 283 35.15 7.12 16.26
C GLU A 283 36.59 7.13 16.73
N GLU A 284 37.29 8.25 16.57
CA GLU A 284 38.67 8.41 16.99
C GLU A 284 38.66 9.66 17.88
N GLU A 285 39.84 10.25 18.08
CA GLU A 285 40.00 11.46 18.87
C GLU A 285 39.16 12.62 18.34
N ILE A 286 39.06 13.66 19.16
CA ILE A 286 38.28 14.85 18.86
C ILE A 286 38.85 15.54 17.63
N VAL A 287 38.04 15.61 16.57
CA VAL A 287 38.46 16.22 15.31
C VAL A 287 37.77 17.56 15.14
N ILE A 288 38.49 18.51 14.55
CA ILE A 288 37.98 19.83 14.27
C ILE A 288 37.86 19.94 12.76
N ARG A 289 37.01 20.85 12.31
CA ARG A 289 36.82 21.02 10.89
C ARG A 289 36.33 22.43 10.59
N SER A 290 36.84 22.98 9.50
CA SER A 290 36.50 24.32 9.06
C SER A 290 36.85 24.46 7.60
N GLU A 291 36.28 25.48 6.96
CA GLU A 291 36.57 25.72 5.55
C GLU A 291 37.98 26.26 5.38
N ASN A 292 38.44 27.07 6.33
CA ASN A 292 39.78 27.64 6.28
C ASN A 292 40.15 27.91 7.74
N ILE A 293 40.98 27.04 8.32
CA ILE A 293 41.37 27.16 9.72
C ILE A 293 42.22 28.41 9.96
N THR A 294 42.91 28.90 8.94
CA THR A 294 43.73 30.09 9.07
C THR A 294 42.93 31.38 8.89
N ASP A 295 41.62 31.27 8.73
CA ASP A 295 40.72 32.41 8.57
C ASP A 295 39.99 32.61 9.89
N ASN A 296 39.47 33.82 10.10
CA ASN A 296 38.76 34.15 11.33
C ASN A 296 37.25 34.16 11.20
N ALA A 297 36.71 34.53 10.04
CA ALA A 297 35.26 34.58 9.89
C ALA A 297 34.63 33.20 9.67
N LYS A 298 35.42 32.16 9.44
CA LYS A 298 34.86 30.84 9.22
C LYS A 298 34.61 30.13 10.54
N THR A 299 33.47 29.44 10.61
CA THR A 299 33.09 28.71 11.82
C THR A 299 33.94 27.46 11.96
N ILE A 300 34.39 27.19 13.19
CA ILE A 300 35.22 26.03 13.48
C ILE A 300 34.34 25.05 14.24
N ILE A 301 33.83 24.04 13.54
CA ILE A 301 32.98 23.03 14.16
C ILE A 301 33.87 21.98 14.81
N VAL A 302 33.65 21.71 16.09
CA VAL A 302 34.42 20.73 16.84
C VAL A 302 33.50 19.59 17.22
N GLN A 303 33.84 18.38 16.79
CA GLN A 303 33.06 17.19 17.09
C GLN A 303 33.81 16.38 18.14
N LEU A 304 33.16 16.08 19.25
CA LEU A 304 33.77 15.33 20.33
C LEU A 304 33.56 13.84 20.13
N ASN A 305 34.04 13.04 21.08
CA ASN A 305 33.88 11.59 21.06
C ASN A 305 33.44 11.07 22.41
N GLU A 306 32.93 11.94 23.28
CA GLU A 306 32.46 11.60 24.61
C GLU A 306 31.16 12.34 24.84
N ALA A 307 30.09 11.61 25.09
CA ALA A 307 28.80 12.22 25.30
C ALA A 307 28.74 12.90 26.67
N VAL A 308 29.18 14.17 26.72
CA VAL A 308 29.17 14.92 27.97
C VAL A 308 27.72 15.24 28.33
N GLU A 309 27.28 14.75 29.47
CA GLU A 309 25.90 15.00 29.85
C GLU A 309 25.74 16.39 30.46
N ILE A 310 24.49 16.82 30.53
CA ILE A 310 24.11 18.10 31.10
C ILE A 310 22.76 17.88 31.77
N ASN A 311 22.50 18.61 32.84
CA ASN A 311 21.24 18.47 33.57
C ASN A 311 20.69 19.87 33.85
N CYS A 312 19.82 20.33 32.97
CA CYS A 312 19.19 21.63 33.10
C CYS A 312 17.75 21.41 33.53
N THR A 313 17.30 22.18 34.51
CA THR A 313 15.95 22.03 35.01
C THR A 313 15.44 23.32 35.60
N ARG A 314 14.12 23.43 35.67
CA ARG A 314 13.44 24.58 36.25
C ARG A 314 12.76 24.10 37.51
N PRO A 315 13.33 24.35 38.69
CA PRO A 315 12.70 23.86 39.94
C PRO A 315 11.48 24.64 40.40
N ASN A 316 10.97 25.59 39.64
CA ASN A 316 9.80 26.35 40.05
C ASN A 316 8.53 25.56 39.74
N ASN A 317 7.39 26.23 39.84
CA ASN A 317 6.10 25.59 39.58
C ASN A 317 5.14 26.68 39.09
N ASN A 318 4.79 26.63 37.82
CA ASN A 318 3.90 27.61 37.22
C ASN A 318 2.52 27.00 37.00
N THR A 319 1.49 27.83 37.12
CA THR A 319 0.11 27.42 36.93
C THR A 319 -0.50 28.17 35.75
N ARG A 320 -1.24 27.42 34.93
CA ARG A 320 -1.89 27.96 33.74
C ARG A 320 -2.99 28.95 34.07
N LYS A 321 -2.81 30.20 33.62
CA LYS A 321 -3.80 31.24 33.88
C LYS A 321 -5.00 31.15 32.94
N SER A 322 -4.76 30.76 31.68
CA SER A 322 -5.77 30.59 30.63
C SER A 322 -6.56 31.88 30.38
N ILE A 323 -5.86 32.89 29.91
CA ILE A 323 -6.49 34.18 29.61
C ILE A 323 -7.03 34.13 28.18
N HIS A 324 -8.33 34.34 28.03
CA HIS A 324 -8.96 34.32 26.72
C HIS A 324 -9.16 35.75 26.24
N ILE A 325 -8.58 36.07 25.09
CA ILE A 325 -8.66 37.40 24.50
C ILE A 325 -9.09 37.23 23.04
N GLY A 326 -10.33 37.57 22.75
CA GLY A 326 -10.86 37.45 21.40
C GLY A 326 -11.98 36.44 21.29
N PRO A 327 -12.60 36.36 20.11
CA PRO A 327 -13.71 35.40 19.90
C PRO A 327 -13.23 33.96 19.73
N GLY A 328 -12.99 33.31 20.87
CA GLY A 328 -12.52 31.94 20.87
C GLY A 328 -11.03 31.82 20.63
N ARG A 329 -10.25 32.61 21.38
CA ARG A 329 -8.80 32.62 21.26
C ARG A 329 -8.20 32.44 22.64
N ALA A 330 -7.12 31.67 22.73
CA ALA A 330 -6.45 31.40 23.99
C ALA A 330 -5.11 32.14 24.08
N PHE A 331 -4.61 32.22 25.30
CA PHE A 331 -3.35 32.86 25.67
C PHE A 331 -3.03 32.34 27.06
N TYR A 332 -1.74 32.08 27.33
CA TYR A 332 -1.37 31.51 28.63
C TYR A 332 -0.17 32.21 29.27
N ALA A 333 -0.45 33.22 30.08
CA ALA A 333 0.60 33.96 30.79
C ALA A 333 0.74 33.42 32.21
N THR A 334 1.14 32.15 32.30
CA THR A 334 1.30 31.40 33.55
C THR A 334 2.15 32.03 34.64
N GLY A 335 1.89 31.64 35.89
CA GLY A 335 2.62 32.14 37.04
C GLY A 335 1.98 31.84 38.38
N ASP A 336 2.78 31.46 39.37
CA ASP A 336 2.26 31.15 40.70
C ASP A 336 3.42 31.28 41.69
N ILE A 337 3.07 31.67 42.92
CA ILE A 337 4.03 31.85 44.00
C ILE A 337 4.04 30.58 44.84
N ILE A 338 4.86 29.61 44.43
CA ILE A 338 4.99 28.34 45.14
C ILE A 338 6.48 28.26 45.51
N GLY A 339 7.05 29.40 45.86
CA GLY A 339 8.46 29.45 46.21
C GLY A 339 9.32 29.86 45.02
N ASN A 340 8.96 30.98 44.39
CA ASN A 340 9.69 31.50 43.22
C ASN A 340 10.99 32.16 43.65
N ILE A 341 11.92 31.33 44.11
CA ILE A 341 13.23 31.79 44.54
C ILE A 341 14.37 30.98 43.94
N ARG A 342 14.14 29.76 43.47
CA ARG A 342 15.18 28.93 42.88
C ARG A 342 15.26 29.22 41.39
N GLN A 343 16.38 29.80 40.96
CA GLN A 343 16.58 30.11 39.54
C GLN A 343 17.02 28.86 38.79
N ALA A 344 16.47 28.68 37.59
CA ALA A 344 16.81 27.54 36.76
C ALA A 344 18.26 27.60 36.32
N HIS A 345 18.97 26.49 36.47
CA HIS A 345 20.39 26.43 36.12
C HIS A 345 20.67 25.10 35.44
N CYS A 346 21.96 24.78 35.33
CA CYS A 346 22.41 23.56 34.70
C CYS A 346 23.59 22.99 35.47
N ASN A 347 23.91 21.73 35.20
CA ASN A 347 25.04 21.06 35.85
C ASN A 347 25.81 20.26 34.83
N ILE A 348 27.12 20.51 34.78
CA ILE A 348 28.04 19.84 33.87
C ILE A 348 29.17 19.23 34.69
N SER A 349 29.51 17.98 34.40
CA SER A 349 30.58 17.28 35.11
C SER A 349 31.91 17.94 34.82
N LYS A 350 32.48 18.58 35.83
CA LYS A 350 33.76 19.27 35.68
C LYS A 350 34.89 18.30 35.40
N ALA A 351 34.80 17.08 35.91
CA ALA A 351 35.83 16.07 35.67
C ALA A 351 35.81 15.64 34.21
N ARG A 352 34.62 15.50 33.64
CA ARG A 352 34.50 15.13 32.24
C ARG A 352 34.83 16.32 31.34
N TRP A 353 34.53 17.53 31.80
CA TRP A 353 34.81 18.74 31.04
C TRP A 353 36.30 19.02 30.90
N ASN A 354 37.13 18.51 31.82
CA ASN A 354 38.57 18.69 31.71
C ASN A 354 39.14 17.84 30.59
N GLU A 355 38.72 16.57 30.54
CA GLU A 355 39.22 15.63 29.54
C GLU A 355 38.82 16.06 28.13
N THR A 356 37.69 16.76 27.98
CA THR A 356 37.28 17.20 26.65
C THR A 356 38.13 18.36 26.17
N LEU A 357 38.20 19.44 26.96
CA LEU A 357 39.00 20.59 26.57
C LEU A 357 40.49 20.29 26.54
N GLY A 358 40.93 19.28 27.30
CA GLY A 358 42.34 18.92 27.27
C GLY A 358 42.73 18.29 25.95
N GLN A 359 41.79 17.57 25.32
CA GLN A 359 42.06 16.96 24.03
C GLN A 359 41.86 17.95 22.89
N ILE A 360 41.00 18.95 23.10
CA ILE A 360 40.74 19.95 22.06
C ILE A 360 41.95 20.86 21.87
N VAL A 361 42.55 21.30 22.98
CA VAL A 361 43.74 22.16 22.90
C VAL A 361 44.90 21.37 22.33
N ALA A 362 44.93 20.05 22.59
CA ALA A 362 45.99 19.20 22.04
C ALA A 362 45.88 19.10 20.52
N LYS A 363 44.66 19.26 19.98
CA LYS A 363 44.45 19.23 18.54
C LYS A 363 44.61 20.61 17.93
N LEU A 364 44.19 21.65 18.65
CA LEU A 364 44.30 23.01 18.15
C LEU A 364 45.75 23.48 18.11
N GLU A 365 46.62 22.87 18.94
CA GLU A 365 48.03 23.23 18.95
C GLU A 365 48.73 22.76 17.68
N GLU A 366 48.20 21.74 17.03
CA GLU A 366 48.79 21.22 15.80
C GLU A 366 48.70 22.24 14.67
N GLN A 367 47.51 22.77 14.42
CA GLN A 367 47.36 23.76 13.36
C GLN A 367 47.89 25.12 13.76
N PHE A 368 47.98 25.39 15.06
CA PHE A 368 48.46 26.67 15.59
C PHE A 368 49.70 26.42 16.43
N PRO A 369 50.88 26.41 15.83
CA PRO A 369 52.10 26.16 16.60
C PRO A 369 52.64 27.43 17.26
N ASN A 370 53.36 27.21 18.38
CA ASN A 370 53.97 28.27 19.20
C ASN A 370 52.95 29.31 19.65
N LYS A 371 51.74 28.86 19.95
CA LYS A 371 50.69 29.78 20.36
C LYS A 371 49.95 29.24 21.57
N THR A 372 49.26 30.15 22.25
CA THR A 372 48.48 29.84 23.44
C THR A 372 47.01 29.90 23.05
N ILE A 373 46.32 28.77 23.16
CA ILE A 373 44.91 28.68 22.78
C ILE A 373 44.06 29.20 23.93
N ILE A 374 43.79 30.50 23.95
CA ILE A 374 43.00 31.14 24.99
C ILE A 374 41.53 31.10 24.62
N PHE A 375 40.71 30.64 25.55
CA PHE A 375 39.26 30.61 25.37
C PHE A 375 38.72 31.85 26.07
N ASN A 376 37.63 32.40 25.56
CA ASN A 376 37.12 33.62 26.18
C ASN A 376 35.60 33.71 26.00
N HIS A 377 35.03 34.69 26.71
CA HIS A 377 33.64 35.06 26.72
C HIS A 377 33.15 35.39 25.31
N SER A 378 31.85 35.24 25.10
CA SER A 378 31.28 35.53 23.78
C SER A 378 31.12 37.03 23.58
N SER A 379 30.55 37.41 22.43
CA SER A 379 30.31 38.80 22.08
C SER A 379 29.02 39.30 22.71
N GLY A 380 28.48 40.41 22.22
CA GLY A 380 27.25 40.93 22.79
C GLY A 380 26.13 41.19 21.80
N GLY A 381 25.33 42.21 22.07
CA GLY A 381 24.21 42.57 21.19
C GLY A 381 22.88 42.01 21.63
N ASP A 382 22.31 41.13 20.81
CA ASP A 382 21.04 40.52 21.12
C ASP A 382 21.25 39.45 22.18
N PRO A 383 20.40 39.39 23.23
CA PRO A 383 20.57 38.36 24.28
C PRO A 383 20.47 36.93 23.82
N GLU A 384 19.88 36.66 22.65
CA GLU A 384 19.79 35.29 22.16
C GLU A 384 21.03 34.85 21.41
N ILE A 385 22.08 35.66 21.39
CA ILE A 385 23.32 35.35 20.71
C ILE A 385 24.39 34.90 21.69
N VAL A 386 24.53 35.66 22.77
CA VAL A 386 25.55 35.38 23.78
C VAL A 386 25.25 34.10 24.55
N THR A 387 23.98 33.81 24.76
CA THR A 387 23.58 32.65 25.53
C THR A 387 23.27 31.43 24.70
N HIS A 388 23.27 30.29 25.38
CA HIS A 388 22.99 29.00 24.79
C HIS A 388 21.48 28.83 24.64
N SER A 389 21.04 28.20 23.57
CA SER A 389 19.62 28.00 23.36
C SER A 389 19.26 26.54 23.62
N PHE A 390 18.24 26.33 24.45
CA PHE A 390 17.78 25.00 24.81
C PHE A 390 16.34 24.77 24.37
N ASN A 391 15.88 23.57 24.69
CA ASN A 391 14.51 23.13 24.43
C ASN A 391 14.32 21.95 25.39
N CYS A 392 13.69 22.21 26.54
CA CYS A 392 13.48 21.17 27.55
C CYS A 392 11.99 20.96 27.74
N GLY A 393 11.44 19.94 27.07
CA GLY A 393 10.03 19.60 27.17
C GLY A 393 9.05 20.58 26.56
N GLY A 394 9.51 21.74 26.08
CA GLY A 394 8.61 22.71 25.50
C GLY A 394 8.90 24.12 25.99
N GLU A 395 10.01 24.30 26.70
CA GLU A 395 10.41 25.60 27.21
C GLU A 395 11.82 25.86 26.72
N PHE A 396 12.12 27.13 26.42
CA PHE A 396 13.43 27.52 25.90
C PHE A 396 14.25 28.20 26.99
N PHE A 397 15.47 27.72 27.19
CA PHE A 397 16.38 28.22 28.21
C PHE A 397 17.56 28.95 27.59
N TYR A 398 17.89 30.11 28.14
CA TYR A 398 19.02 30.92 27.70
C TYR A 398 20.02 30.98 28.85
N CYS A 399 21.12 30.23 28.72
CA CYS A 399 22.11 30.11 29.77
C CYS A 399 23.42 30.83 29.47
N ASN A 400 23.91 31.57 30.45
CA ASN A 400 25.18 32.29 30.37
C ASN A 400 26.30 31.25 30.40
N THR A 401 27.00 31.09 29.28
CA THR A 401 28.07 30.11 29.18
C THR A 401 29.44 30.67 29.55
N THR A 402 29.50 31.72 30.35
CA THR A 402 30.77 32.30 30.77
C THR A 402 31.58 31.38 31.68
N PRO A 403 31.02 30.62 32.66
CA PRO A 403 31.88 29.70 33.44
C PRO A 403 32.48 28.61 32.58
N LEU A 404 31.89 28.31 31.43
CA LEU A 404 32.44 27.33 30.53
C LEU A 404 33.61 27.97 29.77
N PHE A 405 34.65 27.17 29.64
CA PHE A 405 35.96 27.30 29.01
C PHE A 405 36.92 28.25 29.72
N ASN A 406 36.44 29.46 30.11
CA ASN A 406 37.07 30.56 30.86
C ASN A 406 38.56 30.48 31.21
N SER A 407 39.44 30.03 30.32
CA SER A 407 40.84 29.92 30.72
C SER A 407 41.78 30.39 29.61
N THR A 408 43.06 30.14 29.83
CA THR A 408 44.16 30.50 28.94
C THR A 408 44.77 29.31 28.21
N TRP A 409 45.00 28.19 28.90
CA TRP A 409 45.54 26.95 28.34
C TRP A 409 46.86 27.09 27.59
N ASN A 410 47.96 27.40 28.28
CA ASN A 410 49.27 27.55 27.67
C ASN A 410 49.74 26.27 26.99
N ASN A 411 50.00 25.20 27.74
CA ASN A 411 50.42 23.95 27.13
C ASN A 411 49.23 23.00 27.14
N THR A 412 49.42 21.80 26.61
CA THR A 412 48.36 20.83 26.51
C THR A 412 47.98 20.27 27.88
N ARG A 413 46.66 20.20 28.10
CA ARG A 413 46.00 19.65 29.30
C ARG A 413 46.47 20.25 30.62
N THR A 414 46.37 21.58 30.76
CA THR A 414 46.78 22.24 31.99
C THR A 414 45.78 23.34 32.36
N ASP A 415 46.17 24.12 33.36
CA ASP A 415 45.44 25.27 33.93
C ASP A 415 44.05 24.87 34.43
N ASP A 416 44.06 24.04 35.47
CA ASP A 416 42.80 23.63 36.08
C ASP A 416 42.44 24.59 37.21
N TYR A 417 41.17 24.62 37.56
CA TYR A 417 40.76 25.52 38.63
C TYR A 417 39.78 25.04 39.71
N PRO A 418 39.81 23.78 40.25
CA PRO A 418 38.81 23.48 41.30
C PRO A 418 39.34 23.46 42.72
N THR A 419 40.69 23.53 42.88
CA THR A 419 41.44 23.43 44.16
C THR A 419 40.93 22.28 45.04
N GLY A 420 40.54 21.19 44.38
CA GLY A 420 40.00 20.03 45.05
C GLY A 420 38.50 20.04 45.20
N GLY A 421 37.80 20.92 44.48
CA GLY A 421 36.36 21.01 44.59
C GLY A 421 35.52 19.99 43.83
N GLU A 422 35.53 20.06 42.48
CA GLU A 422 34.77 19.17 41.59
C GLU A 422 33.28 19.23 41.95
N GLN A 423 32.81 20.43 42.24
CA GLN A 423 31.43 20.65 42.72
C GLN A 423 30.44 21.05 41.64
N ASN A 424 30.33 20.33 40.50
CA ASN A 424 29.34 20.61 39.45
C ASN A 424 29.27 22.06 38.96
N ILE A 425 30.20 22.51 38.10
CA ILE A 425 30.18 23.89 37.59
C ILE A 425 28.84 24.21 36.95
N THR A 426 28.14 25.19 37.51
CA THR A 426 26.81 25.59 37.09
C THR A 426 26.83 26.69 36.04
N LEU A 427 25.64 26.95 35.50
CA LEU A 427 25.40 27.97 34.49
C LEU A 427 24.07 28.62 34.81
N GLN A 428 24.07 29.90 35.13
CA GLN A 428 22.83 30.60 35.43
C GLN A 428 22.05 30.77 34.13
N CYS A 429 20.74 30.54 34.18
CA CYS A 429 19.93 30.60 32.98
C CYS A 429 18.71 31.51 33.12
N ARG A 430 18.36 32.15 32.01
CA ARG A 430 17.19 33.00 31.88
C ARG A 430 16.21 32.26 30.98
N ILE A 431 14.93 32.59 31.08
CA ILE A 431 13.90 31.93 30.29
C ILE A 431 13.07 32.95 29.57
N LYS A 432 12.90 32.77 28.26
CA LYS A 432 12.09 33.66 27.44
C LYS A 432 10.77 33.00 27.08
N GLN A 433 9.84 33.84 26.65
CA GLN A 433 8.52 33.43 26.21
C GLN A 433 8.27 33.87 24.77
N ILE A 434 8.69 35.07 24.42
CA ILE A 434 8.58 35.58 23.05
C ILE A 434 9.90 35.19 22.39
N ILE A 435 9.82 34.34 21.38
CA ILE A 435 11.01 33.80 20.73
C ILE A 435 11.18 34.34 19.32
N ASN A 436 12.35 34.91 19.04
CA ASN A 436 12.70 35.41 17.71
C ASN A 436 13.03 34.15 16.91
N MET A 437 11.97 33.54 16.41
CA MET A 437 12.02 32.27 15.71
C MET A 437 12.73 32.33 14.36
N TRP A 438 13.52 31.30 14.10
CA TRP A 438 14.26 31.07 12.86
C TRP A 438 15.12 32.19 12.30
N GLN A 439 16.32 32.32 12.88
CA GLN A 439 17.40 33.24 12.53
C GLN A 439 17.54 33.44 11.02
N GLY A 440 17.41 34.68 10.57
CA GLY A 440 17.53 34.99 9.17
C GLY A 440 16.35 35.69 8.53
N VAL A 441 15.13 35.32 8.89
CA VAL A 441 13.95 35.94 8.29
C VAL A 441 13.32 36.96 9.25
N GLY A 442 12.85 36.49 10.39
CA GLY A 442 12.24 37.34 11.39
C GLY A 442 10.73 37.24 11.42
N LYS A 443 10.24 36.37 12.29
CA LYS A 443 8.82 36.13 12.50
C LYS A 443 8.75 35.47 13.87
N ALA A 444 8.39 36.24 14.89
CA ALA A 444 8.36 35.70 16.24
C ALA A 444 7.17 34.77 16.45
N MET A 445 7.16 34.17 17.64
CA MET A 445 6.11 33.25 18.06
C MET A 445 6.03 33.30 19.58
N TYR A 446 5.03 32.62 20.12
CA TYR A 446 4.83 32.55 21.56
C TYR A 446 4.94 31.11 22.01
N ALA A 447 5.65 30.88 23.11
CA ALA A 447 5.83 29.54 23.63
C ALA A 447 4.88 29.30 24.78
N PRO A 448 3.95 28.35 24.66
CA PRO A 448 3.03 28.07 25.76
C PRO A 448 3.77 27.38 26.90
N PRO A 449 3.65 27.89 28.12
CA PRO A 449 4.39 27.30 29.25
C PRO A 449 3.85 25.94 29.65
N ILE A 450 4.64 25.26 30.46
CA ILE A 450 4.33 23.92 30.96
C ILE A 450 3.91 24.04 32.41
N ARG A 451 2.83 23.33 32.76
CA ARG A 451 2.32 23.35 34.12
C ARG A 451 3.15 22.43 34.99
N GLY A 452 3.91 23.00 35.92
CA GLY A 452 4.70 22.21 36.83
C GLY A 452 6.20 22.38 36.64
N GLN A 453 6.94 21.41 37.17
CA GLN A 453 8.39 21.40 37.11
C GLN A 453 8.86 20.88 35.76
N ILE A 454 9.96 21.45 35.26
CA ILE A 454 10.56 21.09 33.97
C ILE A 454 11.97 20.59 34.22
N ARG A 455 12.31 19.44 33.63
CA ARG A 455 13.63 18.86 33.79
C ARG A 455 14.04 18.18 32.48
N CYS A 456 15.25 18.46 32.01
CA CYS A 456 15.75 17.89 30.78
C CYS A 456 17.22 17.49 30.95
N SER A 457 17.68 16.62 30.04
CA SER A 457 19.06 16.15 30.06
C SER A 457 19.45 15.75 28.65
N SER A 458 20.59 16.27 28.18
CA SER A 458 21.06 15.97 26.84
C SER A 458 22.56 15.72 26.85
N ASN A 459 23.09 15.31 25.71
CA ASN A 459 24.50 15.00 25.55
C ASN A 459 25.18 16.06 24.71
N ILE A 460 26.17 16.75 25.30
CA ILE A 460 26.93 17.76 24.57
C ILE A 460 27.95 16.99 23.72
N THR A 461 27.68 16.89 22.42
CA THR A 461 28.55 16.16 21.53
C THR A 461 29.36 17.03 20.59
N GLY A 462 28.93 18.25 20.29
CA GLY A 462 29.64 19.13 19.39
C GLY A 462 29.97 20.45 20.03
N LEU A 463 30.64 21.29 19.25
CA LEU A 463 31.05 22.61 19.68
C LEU A 463 31.21 23.53 18.48
N LEU A 464 30.69 24.75 18.62
CA LEU A 464 30.82 25.77 17.61
C LEU A 464 31.79 26.79 18.17
N LEU A 465 32.75 27.22 17.36
CA LEU A 465 33.75 28.18 17.82
C LEU A 465 34.00 29.20 16.74
N THR A 466 34.86 30.16 17.05
CA THR A 466 35.23 31.24 16.15
C THR A 466 36.56 31.81 16.63
N ARG A 467 37.34 32.33 15.70
CA ARG A 467 38.64 32.91 16.01
C ARG A 467 38.59 34.41 15.84
N ASP A 468 39.16 35.14 16.80
CA ASP A 468 39.17 36.60 16.73
C ASP A 468 40.45 37.02 16.01
N GLY A 469 40.31 37.54 14.80
CA GLY A 469 41.48 37.99 14.08
C GLY A 469 41.91 39.34 14.61
N GLY A 470 42.97 39.37 15.38
CA GLY A 470 43.46 40.61 15.95
C GLY A 470 44.94 40.81 15.71
N ARG A 471 45.32 42.07 15.55
CA ARG A 471 46.72 42.41 15.31
C ARG A 471 47.57 42.42 16.58
N ASP A 472 46.95 42.20 17.74
CA ASP A 472 47.66 42.12 19.01
C ASP A 472 48.09 40.68 19.29
N GLN A 473 48.15 39.86 18.25
CA GLN A 473 48.50 38.45 18.29
C GLN A 473 49.96 38.28 18.70
N ASN A 474 50.17 37.89 19.94
CA ASN A 474 51.48 37.62 20.50
C ASN A 474 51.55 36.16 20.91
N GLY A 475 51.02 35.29 20.06
CA GLY A 475 50.98 33.88 20.35
C GLY A 475 49.79 33.51 21.20
N THR A 476 48.73 34.31 21.18
CA THR A 476 47.51 34.09 21.96
C THR A 476 46.31 34.35 21.07
N GLU A 477 45.86 33.33 20.33
CA GLU A 477 44.70 33.47 19.46
C GLU A 477 43.47 33.12 20.29
N THR A 478 42.68 34.13 20.63
CA THR A 478 41.49 33.92 21.44
C THR A 478 40.33 33.33 20.65
N PHE A 479 39.64 32.39 21.30
CA PHE A 479 38.48 31.70 20.74
C PHE A 479 37.25 32.03 21.56
N ARG A 480 36.11 32.09 20.89
CA ARG A 480 34.82 32.41 21.50
C ARG A 480 33.82 31.38 21.06
N PRO A 481 32.74 31.17 21.83
CA PRO A 481 31.73 30.18 21.42
C PRO A 481 30.95 30.61 20.19
N GLY A 482 30.72 31.91 20.01
CA GLY A 482 30.01 32.42 18.85
C GLY A 482 28.59 31.91 18.66
N GLY A 483 28.43 31.01 17.69
CA GLY A 483 27.14 30.44 17.38
C GLY A 483 26.95 30.32 15.88
N GLY A 484 27.55 31.24 15.14
CA GLY A 484 27.53 31.33 13.69
C GLY A 484 26.13 31.38 13.11
N ASN A 485 25.98 30.72 11.97
CA ASN A 485 24.71 30.63 11.25
C ASN A 485 23.94 29.41 11.75
N MET A 486 22.64 29.38 11.42
CA MET A 486 21.82 28.24 11.83
C MET A 486 22.16 26.99 11.02
N ARG A 487 22.68 27.18 9.81
CA ARG A 487 23.05 26.04 8.97
C ARG A 487 24.24 25.27 9.52
N ASP A 488 25.07 25.90 10.35
CA ASP A 488 26.23 25.22 10.91
C ASP A 488 25.85 24.13 11.89
N ASN A 489 24.63 24.16 12.43
CA ASN A 489 24.18 23.12 13.34
C ASN A 489 23.86 21.85 12.59
N TRP A 490 23.74 21.92 11.27
CA TRP A 490 23.42 20.79 10.42
C TRP A 490 24.58 20.35 9.54
N ARG A 491 25.64 21.16 9.44
CA ARG A 491 26.79 20.74 8.65
C ARG A 491 27.64 19.73 9.42
N SER A 492 27.42 19.61 10.73
CA SER A 492 28.13 18.66 11.57
C SER A 492 27.51 17.27 11.50
N GLU A 493 26.49 17.09 10.66
CA GLU A 493 25.81 15.83 10.48
C GLU A 493 25.69 15.42 9.02
N LEU A 494 25.87 16.36 8.09
CA LEU A 494 25.79 16.09 6.66
C LEU A 494 27.15 16.17 6.00
N TYR A 495 28.22 16.10 6.80
CA TYR A 495 29.57 16.19 6.27
C TYR A 495 30.06 14.88 5.69
N LYS A 496 29.33 13.79 5.86
CA LYS A 496 29.78 12.50 5.37
C LYS A 496 29.31 12.14 3.97
N TYR A 497 28.36 12.88 3.39
CA TYR A 497 27.89 12.45 2.07
C TYR A 497 27.39 13.59 1.20
N LYS A 498 27.25 13.25 -0.09
CA LYS A 498 26.80 14.13 -1.16
C LYS A 498 25.81 13.36 -2.02
N VAL A 499 25.12 14.07 -2.91
CA VAL A 499 24.13 13.48 -3.80
C VAL A 499 24.68 13.53 -5.22
N VAL A 500 24.80 12.36 -5.86
CA VAL A 500 25.34 12.31 -7.21
C VAL A 500 24.33 11.71 -8.18
N LYS A 501 24.54 12.03 -9.45
CA LYS A 501 23.76 11.55 -10.58
C LYS A 501 24.68 10.66 -11.40
N ILE A 502 24.13 9.68 -12.09
CA ILE A 502 24.92 8.74 -12.85
C ILE A 502 24.84 9.07 -14.34
N GLU A 503 25.94 9.53 -14.92
CA GLU A 503 25.99 9.80 -16.34
C GLU A 503 26.47 8.50 -16.95
N PRO A 504 25.64 7.78 -17.70
CA PRO A 504 26.06 6.47 -18.20
C PRO A 504 26.91 6.42 -19.46
N LEU A 505 26.87 7.40 -20.35
CA LEU A 505 27.67 7.26 -21.56
C LEU A 505 29.01 7.96 -21.40
N GLY A 506 30.01 7.38 -22.05
CA GLY A 506 31.36 7.91 -22.01
C GLY A 506 32.10 7.43 -23.23
N ILE A 507 33.05 8.24 -23.70
CA ILE A 507 33.82 7.89 -24.88
C ILE A 507 35.23 7.50 -24.47
N ALA A 508 35.88 6.75 -25.34
CA ALA A 508 37.24 6.27 -25.14
C ALA A 508 37.78 5.81 -26.48
N PRO A 509 39.07 5.94 -26.73
CA PRO A 509 39.63 5.52 -28.01
C PRO A 509 40.15 4.09 -28.00
N THR A 510 40.04 3.46 -29.17
CA THR A 510 40.52 2.08 -29.36
C THR A 510 40.88 1.91 -30.83
N ALA A 511 41.22 0.68 -31.20
CA ALA A 511 41.67 0.38 -32.55
C ALA A 511 40.59 -0.18 -33.48
N CYS A 512 39.31 -0.13 -33.11
CA CYS A 512 38.33 -0.66 -34.04
C CYS A 512 37.91 0.42 -35.03
N LYS A 513 37.25 0.00 -36.11
CA LYS A 513 36.78 0.93 -37.13
C LYS A 513 35.42 0.48 -37.63
N ARG A 514 34.56 1.45 -37.94
CA ARG A 514 33.23 1.13 -38.43
C ARG A 514 33.27 0.79 -39.91
N ARG A 515 32.62 -0.32 -40.28
CA ARG A 515 32.58 -0.75 -41.67
C ARG A 515 31.70 0.19 -42.50
N VAL A 516 32.23 0.66 -43.61
CA VAL A 516 31.49 1.58 -44.46
C VAL A 516 31.71 1.16 -45.93
N ALA B 1 22.30 -5.42 -14.46
CA ALA B 1 22.51 -6.33 -13.34
C ALA B 1 23.80 -7.14 -13.53
N VAL B 2 24.42 -6.99 -14.70
CA VAL B 2 25.65 -7.69 -15.02
C VAL B 2 26.82 -6.78 -14.69
N GLY B 3 27.95 -7.37 -14.29
CA GLY B 3 29.13 -6.59 -13.96
C GLY B 3 29.26 -6.24 -12.49
N LEU B 4 28.12 -6.04 -11.82
CA LEU B 4 28.00 -5.69 -10.41
C LEU B 4 28.74 -4.41 -10.08
N GLY B 5 28.27 -3.28 -10.62
CA GLY B 5 28.89 -2.00 -10.38
C GLY B 5 28.18 -1.19 -9.31
N ALA B 6 27.40 -1.89 -8.47
CA ALA B 6 26.61 -1.40 -7.34
C ALA B 6 25.47 -0.45 -7.69
N PHE B 7 25.31 -0.13 -8.97
CA PHE B 7 24.26 0.76 -9.44
C PHE B 7 23.46 0.04 -10.51
N ILE B 8 22.26 0.56 -10.81
CA ILE B 8 21.44 -0.08 -11.85
C ILE B 8 22.06 0.23 -13.20
N LEU B 9 22.33 1.51 -13.46
CA LEU B 9 23.02 1.91 -14.67
C LEU B 9 24.51 1.80 -14.35
N GLY B 10 25.35 2.00 -15.35
CA GLY B 10 26.77 1.86 -15.06
C GLY B 10 27.16 0.41 -14.87
N PHE B 11 26.53 -0.49 -15.60
CA PHE B 11 26.73 -1.93 -15.53
C PHE B 11 27.93 -2.42 -16.33
N LEU B 12 28.59 -1.57 -17.10
CA LEU B 12 29.74 -2.04 -17.89
C LEU B 12 31.00 -2.18 -17.04
N GLY B 13 30.93 -1.91 -15.75
CA GLY B 13 32.10 -2.05 -14.89
C GLY B 13 31.81 -1.53 -13.51
N ALA B 14 32.75 -1.77 -12.61
CA ALA B 14 32.65 -1.33 -11.23
C ALA B 14 33.56 -0.13 -11.03
N ALA B 15 33.08 0.84 -10.26
CA ALA B 15 33.87 2.03 -9.99
C ALA B 15 35.04 1.68 -9.10
N GLY B 16 36.24 2.05 -9.54
CA GLY B 16 37.42 1.74 -8.78
C GLY B 16 38.37 0.90 -9.62
N SER B 17 37.82 -0.04 -10.37
CA SER B 17 38.63 -0.88 -11.22
C SER B 17 38.99 -0.12 -12.49
N THR B 18 40.11 -0.49 -13.08
CA THR B 18 40.58 0.18 -14.29
C THR B 18 39.67 -0.11 -15.48
N MET B 19 39.87 0.67 -16.54
CA MET B 19 39.08 0.54 -17.75
C MET B 19 39.33 -0.80 -18.45
N GLY B 20 40.58 -1.27 -18.43
CA GLY B 20 40.87 -2.54 -19.08
C GLY B 20 40.40 -3.74 -18.28
N ALA B 21 40.60 -3.71 -16.97
CA ALA B 21 40.18 -4.82 -16.12
C ALA B 21 38.67 -4.92 -15.98
N ALA B 22 37.93 -3.85 -16.27
CA ALA B 22 36.48 -3.91 -16.17
C ALA B 22 35.88 -4.65 -17.35
N SER B 23 36.51 -4.56 -18.52
CA SER B 23 36.03 -5.26 -19.71
C SER B 23 36.50 -6.69 -19.75
N MET B 24 37.70 -6.97 -19.23
CA MET B 24 38.19 -8.35 -19.21
C MET B 24 37.42 -9.18 -18.20
N ALA B 25 36.95 -8.55 -17.14
CA ALA B 25 36.17 -9.24 -16.12
C ALA B 25 34.70 -9.25 -16.46
N LEU B 26 34.30 -8.53 -17.51
CA LEU B 26 32.90 -8.50 -17.91
C LEU B 26 32.56 -9.70 -18.77
N THR B 27 33.44 -10.05 -19.71
CA THR B 27 33.20 -11.20 -20.58
C THR B 27 33.26 -12.49 -19.77
N VAL B 28 34.10 -12.53 -18.74
CA VAL B 28 34.19 -13.70 -17.88
C VAL B 28 32.92 -13.83 -17.05
N GLN B 29 32.39 -12.68 -16.59
CA GLN B 29 31.14 -12.69 -15.83
C GLN B 29 29.95 -12.96 -16.74
N ALA B 30 30.08 -12.63 -18.03
CA ALA B 30 29.00 -12.86 -18.96
C ALA B 30 28.91 -14.32 -19.38
N ARG B 31 30.02 -15.06 -19.35
CA ARG B 31 29.98 -16.47 -19.71
C ARG B 31 29.23 -17.28 -18.66
N LEU B 32 29.30 -16.86 -17.39
CA LEU B 32 28.62 -17.58 -16.34
C LEU B 32 27.12 -17.31 -16.32
N LEU B 33 26.66 -16.26 -17.00
CA LEU B 33 25.24 -15.97 -17.02
C LEU B 33 24.54 -16.60 -18.22
N LEU B 34 25.22 -16.75 -19.35
CA LEU B 34 24.59 -17.38 -20.51
C LEU B 34 24.50 -18.88 -20.31
N SER B 35 25.53 -19.48 -19.73
CA SER B 35 25.53 -20.92 -19.48
C SER B 35 24.53 -21.31 -18.39
N GLY B 36 24.14 -20.37 -17.54
CA GLY B 36 23.19 -20.66 -16.50
C GLY B 36 23.71 -21.54 -15.38
N ILE B 37 25.02 -21.67 -15.26
CA ILE B 37 25.59 -22.51 -14.21
C ILE B 37 25.69 -21.69 -12.94
N VAL B 38 25.61 -22.37 -11.79
CA VAL B 38 25.67 -21.71 -10.50
C VAL B 38 27.02 -21.95 -9.83
N HIS B 53 7.11 -6.24 9.50
CA HIS B 53 6.04 -5.26 9.39
C HIS B 53 5.52 -5.32 7.96
N MET B 54 4.39 -4.66 7.68
CA MET B 54 3.83 -4.69 6.34
C MET B 54 3.62 -3.28 5.78
N LEU B 55 3.29 -2.31 6.65
CA LEU B 55 3.08 -0.95 6.17
C LEU B 55 4.38 -0.32 5.71
N GLN B 56 5.50 -0.61 6.37
CA GLN B 56 6.77 -0.09 5.96
C GLN B 56 7.42 -0.95 4.90
N LEU B 57 6.76 -2.05 4.52
CA LEU B 57 7.22 -2.96 3.50
C LEU B 57 6.49 -2.75 2.18
N THR B 58 5.30 -2.17 2.22
CA THR B 58 4.51 -1.88 1.03
C THR B 58 4.82 -0.51 0.45
N VAL B 59 5.46 0.37 1.22
CA VAL B 59 5.83 1.69 0.72
C VAL B 59 7.22 1.64 0.13
N TRP B 60 8.13 0.93 0.78
CA TRP B 60 9.49 0.78 0.27
C TRP B 60 9.58 -0.27 -0.81
N GLY B 61 8.49 -0.96 -1.11
CA GLY B 61 8.48 -1.94 -2.17
C GLY B 61 8.19 -1.18 -3.44
N ILE B 62 7.50 -0.06 -3.29
CA ILE B 62 7.17 0.79 -4.42
C ILE B 62 8.36 1.64 -4.82
N LYS B 63 9.07 2.20 -3.84
CA LYS B 63 10.23 3.04 -4.14
C LYS B 63 11.37 2.25 -4.74
N GLN B 64 11.43 0.94 -4.52
CA GLN B 64 12.46 0.16 -5.18
C GLN B 64 12.05 -0.13 -6.60
N LEU B 65 10.74 -0.13 -6.86
CA LEU B 65 10.24 -0.34 -8.21
C LEU B 65 10.38 0.93 -9.03
N GLN B 66 10.14 2.09 -8.42
CA GLN B 66 10.28 3.35 -9.14
C GLN B 66 11.73 3.64 -9.49
N ALA B 67 12.68 3.06 -8.76
CA ALA B 67 14.07 3.26 -9.08
C ALA B 67 14.51 2.32 -10.20
N ARG B 68 13.84 1.18 -10.35
CA ARG B 68 14.16 0.23 -11.39
C ARG B 68 13.43 0.53 -12.69
N VAL B 69 12.16 0.94 -12.61
CA VAL B 69 11.40 1.25 -13.82
C VAL B 69 11.94 2.51 -14.48
N LEU B 70 12.40 3.48 -13.69
CA LEU B 70 12.97 4.70 -14.26
C LEU B 70 14.29 4.40 -14.96
N ALA B 71 15.08 3.49 -14.40
CA ALA B 71 16.34 3.14 -15.04
C ALA B 71 16.12 2.33 -16.30
N VAL B 72 15.01 1.61 -16.40
CA VAL B 72 14.72 0.85 -17.62
C VAL B 72 14.26 1.81 -18.71
N GLU B 73 13.45 2.81 -18.34
CA GLU B 73 12.98 3.79 -19.31
C GLU B 73 14.12 4.67 -19.80
N ARG B 74 15.10 4.96 -18.95
CA ARG B 74 16.23 5.76 -19.39
C ARG B 74 17.13 4.93 -20.29
N TYR B 75 17.18 3.62 -20.04
CA TYR B 75 18.01 2.74 -20.86
C TYR B 75 17.40 2.58 -22.25
N LEU B 76 16.11 2.31 -22.32
CA LEU B 76 15.44 2.13 -23.61
C LEU B 76 15.41 3.42 -24.41
N ARG B 77 15.42 4.57 -23.73
CA ARG B 77 15.41 5.83 -24.45
C ARG B 77 16.78 6.12 -25.03
N ASP B 78 17.83 5.91 -24.24
CA ASP B 78 19.18 6.18 -24.71
C ASP B 78 19.64 5.19 -25.76
N GLN B 79 19.11 3.97 -25.79
CA GLN B 79 19.53 3.04 -26.84
C GLN B 79 19.01 3.45 -28.19
N GLN B 80 17.96 4.26 -28.23
CA GLN B 80 17.42 4.75 -29.49
C GLN B 80 17.91 6.14 -29.82
N LEU B 81 18.34 6.91 -28.82
CA LEU B 81 18.86 8.24 -29.10
C LEU B 81 20.25 8.17 -29.71
N LEU B 82 20.91 7.02 -29.60
CA LEU B 82 22.23 6.83 -30.20
C LEU B 82 22.14 6.60 -31.69
N GLY B 83 20.95 6.64 -32.28
CA GLY B 83 20.78 6.47 -33.70
C GLY B 83 21.31 7.64 -34.50
N ILE B 84 21.59 8.77 -33.84
CA ILE B 84 22.15 9.94 -34.50
C ILE B 84 23.63 9.71 -34.73
N TRP B 85 24.22 8.74 -34.05
CA TRP B 85 25.63 8.41 -34.17
C TRP B 85 25.84 7.06 -34.85
N GLY B 86 24.76 6.41 -35.26
CA GLY B 86 24.82 5.10 -35.89
C GLY B 86 24.95 3.95 -34.92
N CYS B 87 24.91 4.22 -33.63
CA CYS B 87 25.03 3.19 -32.60
C CYS B 87 23.69 2.86 -31.96
N SER B 88 22.64 2.81 -32.79
CA SER B 88 21.30 2.51 -32.31
C SER B 88 21.20 1.10 -31.75
N GLY B 89 20.93 1.01 -30.45
CA GLY B 89 20.79 -0.28 -29.82
C GLY B 89 22.08 -1.04 -29.59
N LYS B 90 23.11 -0.38 -29.08
CA LYS B 90 24.39 -1.03 -28.81
C LYS B 90 24.96 -0.54 -27.49
N ILE B 91 25.86 -1.35 -26.94
CA ILE B 91 26.52 -1.03 -25.68
C ILE B 91 27.91 -0.53 -26.01
N ILE B 92 28.73 -1.39 -26.60
CA ILE B 92 30.09 -1.05 -26.97
C ILE B 92 30.02 -0.81 -28.48
N CYS B 93 29.82 0.45 -28.86
CA CYS B 93 29.75 0.76 -30.28
C CYS B 93 31.14 1.01 -30.82
N CYS B 94 31.20 1.39 -32.09
CA CYS B 94 32.47 1.64 -32.76
C CYS B 94 32.20 2.56 -33.94
N THR B 95 32.80 3.76 -33.92
CA THR B 95 32.61 4.74 -34.97
C THR B 95 33.87 4.86 -35.81
N ASN B 96 33.85 5.81 -36.76
CA ASN B 96 34.98 6.04 -37.65
C ASN B 96 35.54 7.45 -37.53
N VAL B 97 35.41 8.07 -36.37
CA VAL B 97 35.94 9.42 -36.18
C VAL B 97 37.40 9.30 -35.77
N PRO B 98 38.33 9.97 -36.46
CA PRO B 98 39.74 9.86 -36.09
C PRO B 98 40.03 10.52 -34.75
N TRP B 99 40.65 9.76 -33.86
CA TRP B 99 40.99 10.29 -32.54
C TRP B 99 42.13 11.29 -32.67
N ASN B 100 41.85 12.55 -32.34
CA ASN B 100 42.84 13.59 -32.45
C ASN B 100 43.87 13.41 -31.34
N ASP B 101 45.15 13.59 -31.69
CA ASP B 101 46.21 13.41 -30.69
C ASP B 101 46.21 14.52 -29.64
N SER B 102 45.60 15.68 -29.94
CA SER B 102 45.56 16.76 -28.98
C SER B 102 44.54 16.51 -27.87
N TRP B 103 43.72 15.48 -28.01
CA TRP B 103 42.71 15.12 -27.02
C TRP B 103 43.28 14.09 -26.02
N SER B 104 44.43 14.44 -25.43
CA SER B 104 45.13 13.61 -24.44
C SER B 104 45.51 12.24 -25.03
N ASN B 105 46.54 12.26 -25.89
CA ASN B 105 47.12 11.11 -26.59
C ASN B 105 47.22 9.84 -25.73
N LYS B 106 48.03 9.90 -24.68
CA LYS B 106 48.21 8.90 -23.64
C LYS B 106 48.58 7.47 -23.99
N THR B 107 48.76 7.10 -25.28
CA THR B 107 49.17 5.74 -25.68
C THR B 107 48.24 4.63 -25.19
N ILE B 108 47.19 4.31 -25.98
CA ILE B 108 46.06 3.38 -25.73
C ILE B 108 46.26 2.29 -24.68
N ASN B 109 47.40 1.58 -24.71
CA ASN B 109 47.62 0.56 -23.70
C ASN B 109 47.82 1.14 -22.29
N GLU B 110 48.16 2.43 -22.18
CA GLU B 110 48.34 3.07 -20.90
C GLU B 110 47.04 3.64 -20.35
N ILE B 111 46.01 3.76 -21.18
CA ILE B 111 44.73 4.29 -20.71
C ILE B 111 43.94 3.19 -20.01
N TRP B 112 43.80 2.05 -20.69
CA TRP B 112 43.04 0.94 -20.15
C TRP B 112 43.71 0.26 -18.97
N ASP B 113 45.04 0.33 -18.88
CA ASP B 113 45.74 -0.34 -17.79
C ASP B 113 46.03 0.55 -16.59
N ASN B 114 45.85 1.85 -16.68
CA ASN B 114 46.14 2.71 -15.53
C ASN B 114 44.96 3.53 -15.05
N MET B 115 44.21 4.13 -15.97
CA MET B 115 43.11 5.00 -15.61
C MET B 115 41.79 4.23 -15.52
N THR B 116 40.93 4.69 -14.61
CA THR B 116 39.61 4.12 -14.44
C THR B 116 38.65 5.00 -15.23
N TRP B 117 37.34 4.79 -15.08
CA TRP B 117 36.42 5.64 -15.82
C TRP B 117 36.28 7.01 -15.20
N MET B 118 36.55 7.14 -13.90
CA MET B 118 36.43 8.44 -13.26
C MET B 118 37.58 9.36 -13.66
N GLN B 119 38.81 8.83 -13.70
CA GLN B 119 39.93 9.68 -14.09
C GLN B 119 39.92 10.00 -15.58
N TRP B 120 39.33 9.12 -16.40
CA TRP B 120 39.32 9.40 -17.82
C TRP B 120 38.30 10.46 -18.18
N GLU B 121 37.19 10.54 -17.44
CA GLU B 121 36.20 11.57 -17.76
C GLU B 121 36.70 12.94 -17.35
N LYS B 122 37.56 13.00 -16.33
CA LYS B 122 38.14 14.26 -15.89
C LYS B 122 39.29 14.68 -16.79
N GLU B 123 39.73 13.80 -17.69
CA GLU B 123 40.81 14.05 -18.61
C GLU B 123 40.33 14.72 -19.89
N ILE B 124 39.15 14.35 -20.37
CA ILE B 124 38.61 14.92 -21.60
C ILE B 124 37.30 15.65 -21.33
N ASP B 125 37.18 16.24 -20.14
CA ASP B 125 35.97 16.97 -19.78
C ASP B 125 35.72 18.18 -20.68
N ASN B 126 36.79 18.83 -21.14
CA ASN B 126 36.66 19.98 -22.02
C ASN B 126 36.47 19.58 -23.47
N TYR B 127 36.57 18.30 -23.81
CA TYR B 127 36.46 17.88 -25.20
C TYR B 127 35.25 17.01 -25.51
N THR B 128 34.45 16.62 -24.51
CA THR B 128 33.30 15.79 -24.80
C THR B 128 32.22 16.54 -25.57
N GLN B 129 32.10 17.85 -25.37
CA GLN B 129 31.08 18.57 -26.11
C GLN B 129 31.46 18.80 -27.56
N HIS B 130 32.75 18.69 -27.90
CA HIS B 130 33.19 18.87 -29.27
C HIS B 130 33.19 17.56 -30.04
N ILE B 131 33.48 16.45 -29.35
CA ILE B 131 33.47 15.15 -30.01
C ILE B 131 32.05 14.70 -30.29
N TYR B 132 31.10 15.11 -29.44
CA TYR B 132 29.70 14.76 -29.66
C TYR B 132 29.14 15.40 -30.92
N THR B 133 29.72 16.50 -31.37
CA THR B 133 29.26 17.13 -32.61
C THR B 133 29.92 16.51 -33.83
N LEU B 134 31.14 16.01 -33.70
CA LEU B 134 31.81 15.36 -34.82
C LEU B 134 31.21 14.01 -35.13
N LEU B 135 30.60 13.37 -34.14
CA LEU B 135 29.98 12.07 -34.37
C LEU B 135 28.70 12.21 -35.18
N GLU B 136 27.97 13.30 -34.97
CA GLU B 136 26.73 13.52 -35.71
C GLU B 136 27.04 13.91 -37.15
N VAL B 137 28.10 14.69 -37.36
CA VAL B 137 28.47 15.11 -38.71
C VAL B 137 28.96 13.91 -39.51
N SER B 138 29.74 13.03 -38.90
CA SER B 138 30.24 11.85 -39.59
C SER B 138 29.14 10.83 -39.87
N GLN B 139 28.06 10.84 -39.09
CA GLN B 139 26.98 9.90 -39.33
C GLN B 139 26.10 10.34 -40.49
N ILE B 140 25.89 11.65 -40.64
CA ILE B 140 25.09 12.18 -41.73
C ILE B 140 25.79 11.89 -43.06
N GLN B 141 27.13 11.87 -43.07
CA GLN B 141 27.86 11.53 -44.27
C GLN B 141 27.68 10.06 -44.62
N GLN B 142 27.50 9.21 -43.61
CA GLN B 142 27.28 7.79 -43.88
C GLN B 142 25.88 7.55 -44.42
N GLU B 143 24.90 8.28 -43.89
CA GLU B 143 23.52 8.15 -44.35
C GLU B 143 23.25 8.86 -45.65
N LYS B 144 24.26 9.54 -46.21
CA LYS B 144 24.18 10.24 -47.48
C LYS B 144 24.99 9.55 -48.56
N ASN B 145 26.18 9.05 -48.22
CA ASN B 145 27.00 8.35 -49.19
C ASN B 145 26.44 6.97 -49.49
N GLU B 146 25.96 6.27 -48.47
CA GLU B 146 25.40 4.94 -48.66
C GLU B 146 23.97 4.98 -49.18
N GLN B 147 23.40 6.17 -49.29
CA GLN B 147 22.04 6.35 -49.81
C GLN B 147 22.05 6.68 -51.29
N GLU B 148 23.05 7.43 -51.74
CA GLU B 148 23.16 7.80 -53.15
C GLU B 148 23.53 6.59 -54.00
N LEU B 149 24.16 5.58 -53.41
CA LEU B 149 24.53 4.38 -54.16
C LEU B 149 23.29 3.59 -54.60
N LEU B 150 22.19 3.71 -53.84
CA LEU B 150 20.97 3.01 -54.18
C LEU B 150 20.13 3.79 -55.18
N GLU B 151 20.29 5.12 -55.23
CA GLU B 151 19.53 5.93 -56.17
C GLU B 151 20.01 5.76 -57.60
N LEU B 152 21.22 5.25 -57.80
CA LEU B 152 21.74 5.07 -59.15
C LEU B 152 21.09 3.89 -59.86
N ASP B 153 20.61 2.91 -59.11
CA ASP B 153 19.96 1.74 -59.70
C ASP B 153 18.57 2.08 -60.24
N GLN C 1 41.00 47.08 14.40
CA GLN C 1 40.06 47.76 15.27
C GLN C 1 38.69 47.87 14.60
N VAL C 2 37.67 48.20 15.40
CA VAL C 2 36.32 48.33 14.87
C VAL C 2 36.22 49.60 14.04
N GLN C 3 35.79 49.47 12.80
CA GLN C 3 35.67 50.63 11.92
C GLN C 3 34.60 50.36 10.88
N LEU C 4 33.75 51.35 10.66
CA LEU C 4 32.67 51.28 9.68
C LEU C 4 33.01 52.22 8.54
N VAL C 5 33.12 51.69 7.33
CA VAL C 5 33.44 52.46 6.15
C VAL C 5 32.22 52.46 5.24
N GLN C 6 31.67 53.65 5.00
CA GLN C 6 30.52 53.78 4.14
C GLN C 6 30.96 54.01 2.70
N SER C 7 30.00 54.03 1.78
CA SER C 7 30.30 54.24 0.38
C SER C 7 30.46 55.75 0.12
N GLY C 8 30.74 56.09 -1.13
CA GLY C 8 30.91 57.47 -1.51
C GLY C 8 29.59 58.21 -1.66
N ALA C 9 29.70 59.44 -2.16
CA ALA C 9 28.52 60.27 -2.36
C ALA C 9 27.68 59.73 -3.51
N GLU C 10 26.39 60.09 -3.52
CA GLU C 10 25.50 59.61 -4.56
C GLU C 10 24.45 60.69 -4.82
N VAL C 11 24.72 61.54 -5.81
CA VAL C 11 23.80 62.61 -6.18
C VAL C 11 22.79 62.03 -7.15
N LYS C 12 21.52 62.00 -6.76
CA LYS C 12 20.47 61.45 -7.60
C LYS C 12 19.31 62.43 -7.78
N LYS C 13 18.54 62.18 -8.83
CA LYS C 13 17.39 62.99 -9.16
C LYS C 13 16.25 62.68 -8.18
N PRO C 14 15.33 63.63 -7.96
CA PRO C 14 14.21 63.37 -7.04
C PRO C 14 13.24 62.34 -7.62
N GLY C 15 13.09 61.23 -6.92
CA GLY C 15 12.21 60.15 -7.34
C GLY C 15 13.01 58.89 -7.65
N ALA C 16 14.29 58.92 -7.35
CA ALA C 16 15.18 57.79 -7.59
C ALA C 16 15.32 56.95 -6.31
N SER C 17 16.26 56.01 -6.32
CA SER C 17 16.50 55.13 -5.17
C SER C 17 17.98 55.17 -4.82
N VAL C 18 18.31 55.82 -3.71
CA VAL C 18 19.68 55.93 -3.23
C VAL C 18 19.98 54.70 -2.40
N LYS C 19 21.09 54.03 -2.70
CA LYS C 19 21.50 52.82 -1.99
C LYS C 19 22.79 53.10 -1.21
N VAL C 20 22.62 53.43 0.06
CA VAL C 20 23.74 53.71 0.95
C VAL C 20 24.17 52.40 1.60
N SER C 21 25.48 52.14 1.63
CA SER C 21 26.00 50.90 2.19
C SER C 21 26.97 51.15 3.34
N CYS C 22 27.03 50.18 4.24
CA CYS C 22 27.90 50.17 5.41
C CYS C 22 28.84 48.98 5.26
N GLN C 23 29.91 48.96 6.05
CA GLN C 23 30.86 47.85 5.95
C GLN C 23 31.55 47.63 7.28
N ALA C 24 31.35 46.46 7.87
CA ALA C 24 31.96 46.09 9.14
C ALA C 24 33.30 45.43 8.89
N SER C 25 34.32 45.84 9.65
CA SER C 25 35.65 45.28 9.48
C SER C 25 36.25 44.64 10.72
N GLY C 26 36.25 45.34 11.85
CA GLY C 26 36.86 44.79 13.05
C GLY C 26 36.06 43.94 14.00
N TYR C 27 34.94 43.36 13.56
CA TYR C 27 34.13 42.52 14.44
C TYR C 27 33.32 41.56 13.58
N ARG C 28 32.43 40.82 14.22
CA ARG C 28 31.55 39.88 13.53
C ARG C 28 30.25 40.62 13.26
N PHE C 29 30.01 40.94 11.98
CA PHE C 29 28.83 41.69 11.55
C PHE C 29 27.52 40.98 11.87
N SER C 30 27.53 39.65 11.96
CA SER C 30 26.30 38.93 12.25
C SER C 30 25.93 38.89 13.72
N ASN C 31 26.45 39.79 14.57
CA ASN C 31 26.11 39.78 15.98
C ASN C 31 25.66 41.12 16.55
N PHE C 32 25.83 42.22 15.84
CA PHE C 32 25.46 43.54 16.34
C PHE C 32 24.40 44.18 15.45
N VAL C 33 23.60 45.06 16.05
CA VAL C 33 22.53 45.78 15.36
C VAL C 33 23.09 47.08 14.79
N ILE C 34 22.72 47.39 13.54
CA ILE C 34 23.19 48.58 12.83
C ILE C 34 22.08 49.62 12.78
N HIS C 35 22.42 50.86 13.15
CA HIS C 35 21.50 51.99 13.12
C HIS C 35 21.85 52.95 11.99
N TRP C 36 20.84 53.67 11.53
CA TRP C 36 20.98 54.69 10.50
C TRP C 36 20.30 55.96 10.98
N VAL C 37 21.02 57.08 10.96
CA VAL C 37 20.46 58.35 11.36
C VAL C 37 20.64 59.31 10.19
N ARG C 38 19.97 60.46 10.27
CA ARG C 38 20.04 61.46 9.22
C ARG C 38 20.45 62.80 9.83
N GLN C 39 21.27 63.54 9.08
CA GLN C 39 21.74 64.85 9.53
C GLN C 39 21.75 65.82 8.35
N ALA C 40 20.89 66.83 8.45
CA ALA C 40 20.63 67.97 7.58
C ALA C 40 21.45 69.15 8.08
N PRO C 41 22.01 69.97 7.15
CA PRO C 41 22.84 71.11 7.58
C PRO C 41 22.08 72.14 8.39
N GLY C 42 22.43 72.24 9.67
CA GLY C 42 21.82 73.17 10.59
C GLY C 42 20.76 72.55 11.49
N GLN C 43 20.19 71.41 11.09
CA GLN C 43 19.16 70.73 11.85
C GLN C 43 19.79 69.81 12.90
N ARG C 44 18.97 68.95 13.49
CA ARG C 44 19.40 67.99 14.49
C ARG C 44 19.47 66.60 13.86
N PHE C 45 20.04 65.65 14.60
CA PHE C 45 20.07 64.29 14.11
C PHE C 45 18.66 63.72 14.17
N GLU C 46 18.42 62.66 13.41
CA GLU C 46 17.11 62.04 13.42
C GLU C 46 17.24 60.57 13.05
N TRP C 47 16.68 59.73 13.90
CA TRP C 47 16.72 58.29 13.74
C TRP C 47 15.89 57.83 12.55
N MET C 48 16.40 56.84 11.82
CA MET C 48 15.74 56.32 10.64
C MET C 48 15.36 54.85 10.76
N GLY C 49 15.75 54.19 11.84
CA GLY C 49 15.44 52.78 12.03
C GLY C 49 16.70 51.95 12.24
N TRP C 50 16.49 50.66 12.43
CA TRP C 50 17.61 49.75 12.62
C TRP C 50 17.28 48.41 11.99
N ILE C 51 18.32 47.61 11.80
CA ILE C 51 18.17 46.27 11.25
C ILE C 51 19.00 45.32 12.11
N ASN C 52 18.46 44.15 12.37
CA ASN C 52 19.17 43.16 13.16
C ASN C 52 19.62 42.11 12.15
N PRO C 53 20.89 42.12 11.73
CA PRO C 53 21.35 41.13 10.73
C PRO C 53 21.40 39.71 11.25
N TYR C 54 21.28 39.50 12.56
CA TYR C 54 21.32 38.14 13.10
C TYR C 54 20.04 37.41 12.73
N ASN C 55 18.90 37.88 13.23
CA ASN C 55 17.62 37.23 12.98
C ASN C 55 16.76 37.92 11.92
N GLY C 56 17.25 38.96 11.26
CA GLY C 56 16.43 39.61 10.26
C GLY C 56 15.34 40.49 10.82
N ASN C 57 15.39 40.83 12.10
CA ASN C 57 14.37 41.67 12.70
C ASN C 57 14.60 43.11 12.27
N LYS C 58 13.58 43.73 11.68
CA LYS C 58 13.67 45.10 11.19
C LYS C 58 12.68 45.99 11.90
N GLU C 59 13.10 47.22 12.19
CA GLU C 59 12.23 48.20 12.82
C GLU C 59 12.67 49.58 12.38
N PHE C 60 11.74 50.31 11.77
CA PHE C 60 11.99 51.66 11.28
C PHE C 60 10.98 52.62 11.88
N SER C 61 11.36 53.89 11.97
CA SER C 61 10.50 54.91 12.55
C SER C 61 9.25 55.15 11.70
N ALA C 62 8.22 55.68 12.36
CA ALA C 62 6.94 55.96 11.72
C ALA C 62 7.03 57.08 10.69
N LYS C 63 8.03 57.96 10.80
CA LYS C 63 8.17 59.05 9.84
C LYS C 63 8.62 58.53 8.48
N PHE C 64 9.38 57.43 8.47
CA PHE C 64 9.88 56.82 7.24
C PHE C 64 9.24 55.45 7.07
N GLN C 65 7.92 55.40 7.25
CA GLN C 65 7.15 54.16 7.15
C GLN C 65 7.26 53.53 5.76
N ASP C 66 6.72 54.21 4.74
CA ASP C 66 6.72 53.70 3.37
C ASP C 66 7.73 54.40 2.49
N ARG C 67 8.91 54.74 3.00
CA ARG C 67 9.89 55.43 2.18
C ARG C 67 11.27 54.79 2.21
N VAL C 68 11.66 54.21 3.34
CA VAL C 68 12.99 53.62 3.50
C VAL C 68 12.84 52.14 3.89
N THR C 69 13.56 51.27 3.18
CA THR C 69 13.58 49.85 3.45
C THR C 69 15.00 49.46 3.85
N PHE C 70 15.12 48.40 4.64
CA PHE C 70 16.41 47.94 5.14
C PHE C 70 16.71 46.52 4.67
N THR C 71 17.95 46.31 4.20
CA THR C 71 18.44 45.02 3.74
C THR C 71 19.88 44.85 4.20
N ALA C 72 20.25 43.63 4.55
CA ALA C 72 21.62 43.37 5.01
C ALA C 72 22.13 42.06 4.42
N ASP C 73 23.45 41.99 4.25
CA ASP C 73 24.13 40.82 3.71
C ASP C 73 25.09 40.32 4.77
N THR C 74 24.82 39.12 5.29
CA THR C 74 25.66 38.54 6.34
C THR C 74 27.00 38.06 5.79
N SER C 75 26.98 37.33 4.68
CA SER C 75 28.20 36.79 4.09
C SER C 75 29.14 37.84 3.50
N ALA C 76 28.69 39.08 3.34
CA ALA C 76 29.54 40.14 2.79
C ALA C 76 29.91 41.20 3.81
N ASN C 77 29.38 41.10 5.04
CA ASN C 77 29.62 42.03 6.15
C ASN C 77 29.23 43.46 5.78
N THR C 78 28.13 43.61 5.03
CA THR C 78 27.66 44.92 4.60
C THR C 78 26.17 45.08 4.85
N ALA C 79 25.77 46.28 5.27
CA ALA C 79 24.38 46.64 5.52
C ALA C 79 23.97 47.67 4.49
N TYR C 80 22.79 47.48 3.90
CA TYR C 80 22.28 48.35 2.85
C TYR C 80 21.05 49.12 3.30
N MET C 81 20.81 50.26 2.65
CA MET C 81 19.65 51.09 2.95
C MET C 81 19.08 51.63 1.65
N GLU C 82 17.88 51.20 1.30
CA GLU C 82 17.20 51.62 0.09
C GLU C 82 16.17 52.69 0.42
N LEU C 83 15.92 53.59 -0.54
CA LEU C 83 14.95 54.66 -0.39
C LEU C 83 13.94 54.53 -1.52
N ARG C 84 12.65 54.50 -1.16
CA ARG C 84 11.61 54.36 -2.18
C ARG C 84 11.42 55.65 -2.97
N SER C 85 11.02 56.72 -2.29
CA SER C 85 10.81 58.01 -2.92
C SER C 85 11.82 59.02 -2.40
N LEU C 86 12.00 60.09 -3.17
CA LEU C 86 12.92 61.16 -2.80
C LEU C 86 12.17 62.49 -2.85
N ARG C 87 12.86 63.52 -2.39
CA ARG C 87 12.35 64.89 -2.32
C ARG C 87 13.56 65.78 -2.10
N SER C 88 13.45 67.05 -2.52
CA SER C 88 14.55 68.00 -2.36
C SER C 88 14.85 68.29 -0.89
N ALA C 89 13.92 68.02 0.03
CA ALA C 89 14.14 68.23 1.45
C ALA C 89 14.98 67.13 2.08
N ASP C 90 15.27 66.05 1.35
CA ASP C 90 16.07 64.95 1.84
C ASP C 90 17.56 65.14 1.61
N THR C 91 17.98 66.33 1.18
CA THR C 91 19.39 66.61 0.95
C THR C 91 20.06 66.68 2.31
N ALA C 92 20.61 65.56 2.77
CA ALA C 92 21.24 65.50 4.08
C ALA C 92 22.38 64.50 4.07
N VAL C 93 23.13 64.50 5.17
CA VAL C 93 24.28 63.61 5.33
C VAL C 93 23.83 62.38 6.10
N TYR C 94 23.88 61.22 5.45
CA TYR C 94 23.47 59.97 6.07
C TYR C 94 24.63 59.36 6.84
N TYR C 95 24.32 58.71 7.96
CA TYR C 95 25.32 58.06 8.81
C TYR C 95 25.06 56.56 8.89
N CYS C 96 25.81 55.92 9.79
CA CYS C 96 25.74 54.48 10.04
C CYS C 96 26.36 54.27 11.41
N ALA C 97 25.68 53.51 12.27
CA ALA C 97 26.19 53.29 13.61
C ALA C 97 26.02 51.83 14.03
N ARG C 98 26.66 51.49 15.16
CA ARG C 98 26.65 50.15 15.73
C ARG C 98 26.32 50.20 17.21
N VAL C 99 25.41 49.34 17.65
CA VAL C 99 24.99 49.26 19.04
C VAL C 99 26.09 48.71 19.93
N GLY C 100 25.89 48.80 21.24
CA GLY C 100 26.88 48.33 22.18
C GLY C 100 26.73 46.89 22.62
N PRO C 101 27.70 46.41 23.39
CA PRO C 101 27.63 45.02 23.87
C PRO C 101 26.61 44.89 24.98
N TYR C 102 26.08 43.68 25.13
CA TYR C 102 25.07 43.39 26.13
C TYR C 102 25.67 42.88 27.43
N SER C 103 25.24 43.47 28.53
CA SER C 103 25.70 43.09 29.86
C SER C 103 24.67 42.17 30.50
N TRP C 104 25.08 41.46 31.54
CA TRP C 104 24.18 40.51 32.19
C TRP C 104 23.20 41.17 33.15
N ASP C 105 23.43 42.42 33.56
CA ASP C 105 22.51 43.03 34.51
C ASP C 105 21.71 44.23 34.00
N ASP C 106 21.12 44.15 32.82
CA ASP C 106 20.33 45.27 32.31
C ASP C 106 19.22 44.77 31.41
N SER C 107 18.29 45.69 31.11
CA SER C 107 17.15 45.44 30.25
C SER C 107 17.60 45.15 28.82
N PRO C 108 16.79 44.41 28.02
CA PRO C 108 17.19 44.11 26.63
C PRO C 108 17.30 45.28 25.66
N GLN C 109 17.06 46.51 26.10
CA GLN C 109 17.17 47.66 25.21
C GLN C 109 18.12 48.72 25.74
N ASP C 110 18.81 48.47 26.85
CA ASP C 110 19.74 49.43 27.42
C ASP C 110 21.10 49.42 26.75
N ASN C 111 21.28 48.69 25.65
CA ASN C 111 22.57 48.63 24.99
C ASN C 111 22.47 48.92 23.51
N TYR C 112 21.66 49.91 23.15
CA TYR C 112 21.48 50.34 21.77
C TYR C 112 21.79 51.82 21.67
N TYR C 113 22.93 52.26 22.19
CA TYR C 113 23.26 53.69 22.18
C TYR C 113 24.26 54.10 21.12
N MET C 114 24.41 53.32 20.05
CA MET C 114 25.24 53.64 18.87
C MET C 114 26.70 53.95 19.23
N ASP C 115 27.44 52.90 19.61
CA ASP C 115 28.86 53.07 19.96
C ASP C 115 29.76 53.58 18.84
N VAL C 116 29.94 52.77 17.80
CA VAL C 116 30.84 53.09 16.69
C VAL C 116 30.04 53.63 15.51
N TRP C 117 30.37 54.84 15.10
CA TRP C 117 29.75 55.52 13.97
C TRP C 117 30.49 55.17 12.69
N GLY C 118 30.23 55.93 11.63
CA GLY C 118 30.87 55.70 10.36
C GLY C 118 31.13 57.02 9.66
N LYS C 119 32.02 56.97 8.67
CA LYS C 119 32.35 58.17 7.89
C LYS C 119 31.15 58.49 7.02
N GLY C 120 30.34 59.43 7.49
CA GLY C 120 29.12 59.84 6.85
C GLY C 120 29.10 60.29 5.40
N THR C 121 28.36 59.57 4.58
CA THR C 121 28.21 59.91 3.18
C THR C 121 27.11 60.97 3.03
N THR C 122 27.22 61.75 1.96
CA THR C 122 26.26 62.82 1.70
C THR C 122 25.59 62.61 0.36
N VAL C 123 24.31 62.99 0.29
CA VAL C 123 23.51 62.87 -0.92
C VAL C 123 22.89 64.23 -1.21
N ILE C 124 22.84 64.58 -2.50
CA ILE C 124 22.29 65.84 -2.96
C ILE C 124 21.22 65.52 -3.99
N VAL C 125 20.08 66.19 -3.87
CA VAL C 125 18.96 65.94 -4.79
C VAL C 125 19.07 66.78 -6.06
N SER C 126 19.38 68.07 -5.95
CA SER C 126 19.50 68.94 -7.12
C SER C 126 20.69 69.87 -6.92
N SER C 127 21.74 69.67 -7.72
CA SER C 127 22.95 70.49 -7.65
C SER C 127 22.96 71.56 -8.73
N GLU D 1 6.75 63.75 20.12
CA GLU D 1 6.45 63.26 21.45
C GLU D 1 7.54 63.67 22.43
N ILE D 2 8.74 63.11 22.25
CA ILE D 2 9.88 63.41 23.10
C ILE D 2 10.71 64.50 22.44
N VAL D 3 11.01 65.56 23.18
CA VAL D 3 11.80 66.69 22.67
C VAL D 3 12.83 67.03 23.73
N LEU D 4 14.11 66.99 23.35
CA LEU D 4 15.19 67.30 24.27
C LEU D 4 15.58 68.76 24.18
N THR D 5 16.03 69.30 25.31
CA THR D 5 16.46 70.69 25.41
C THR D 5 17.82 70.72 26.09
N GLN D 6 18.70 71.59 25.61
CA GLN D 6 20.04 71.72 26.17
C GLN D 6 20.37 73.17 26.47
N SER D 7 21.19 73.38 27.49
CA SER D 7 21.61 74.71 27.90
C SER D 7 22.90 74.56 28.69
N PRO D 8 23.88 75.46 28.53
CA PRO D 8 23.88 76.61 27.62
C PRO D 8 24.31 76.24 26.21
N GLY D 9 23.89 77.02 25.22
CA GLY D 9 24.28 76.71 23.85
C GLY D 9 25.74 76.99 23.57
N THR D 10 26.31 77.98 24.27
CA THR D 10 27.70 78.36 24.13
C THR D 10 28.37 78.29 25.49
N LEU D 11 29.70 78.26 25.48
CA LEU D 11 30.46 78.20 26.73
C LEU D 11 31.72 79.06 26.60
N SER D 12 31.76 80.17 27.33
CA SER D 12 32.92 81.06 27.32
C SER D 12 33.92 80.47 28.30
N LEU D 13 34.63 79.44 27.86
CA LEU D 13 35.59 78.75 28.69
C LEU D 13 36.99 78.76 28.10
N SER D 14 37.96 78.53 28.97
CA SER D 14 39.38 78.47 28.71
C SER D 14 39.89 77.11 29.17
N PRO D 15 41.05 76.64 28.64
CA PRO D 15 41.58 75.32 29.07
C PRO D 15 41.96 75.26 30.53
N GLY D 16 41.20 74.46 31.29
CA GLY D 16 41.39 74.27 32.72
C GLY D 16 40.17 74.59 33.55
N GLU D 17 39.06 75.00 32.92
CA GLU D 17 37.83 75.36 33.63
C GLU D 17 36.92 74.13 33.77
N ARG D 18 35.66 74.38 34.16
CA ARG D 18 34.66 73.35 34.34
C ARG D 18 33.40 73.75 33.58
N ALA D 19 32.83 72.80 32.83
CA ALA D 19 31.63 73.04 32.05
C ALA D 19 30.41 72.48 32.74
N THR D 20 29.25 73.06 32.41
CA THR D 20 27.97 72.65 32.96
C THR D 20 27.04 72.30 31.82
N PHE D 21 26.54 71.06 31.82
CA PHE D 21 25.65 70.57 30.79
C PHE D 21 24.32 70.18 31.42
N SER D 22 23.25 70.23 30.62
CA SER D 22 21.93 69.89 31.12
C SER D 22 21.06 69.44 29.97
N CYS D 23 20.32 68.35 30.19
CA CYS D 23 19.42 67.78 29.18
C CYS D 23 18.08 67.57 29.86
N ARG D 24 17.24 68.62 29.86
CA ARG D 24 15.92 68.55 30.46
C ARG D 24 14.95 68.03 29.41
N SER D 25 14.57 66.77 29.53
CA SER D 25 13.66 66.15 28.59
C SER D 25 12.22 66.56 28.87
N SER D 26 11.38 66.40 27.84
CA SER D 26 9.96 66.72 28.00
C SER D 26 9.29 65.70 28.90
N HIS D 27 9.75 64.46 28.84
CA HIS D 27 9.27 63.37 29.66
C HIS D 27 10.23 63.20 30.83
N SER D 28 10.07 62.13 31.58
CA SER D 28 10.92 61.77 32.68
C SER D 28 11.34 60.33 32.45
N ILE D 29 12.63 60.11 32.27
CA ILE D 29 13.13 58.76 31.98
C ILE D 29 13.04 57.93 33.26
N ARG D 30 12.27 56.84 33.20
CA ARG D 30 12.07 55.98 34.35
C ARG D 30 13.29 55.09 34.60
N SER D 31 13.83 54.48 33.55
CA SER D 31 14.98 53.60 33.72
C SER D 31 16.27 54.33 34.00
N ARG D 32 16.36 55.62 33.63
CA ARG D 32 17.53 56.48 33.78
C ARG D 32 18.70 55.92 32.96
N ARG D 33 18.43 55.71 31.68
CA ARG D 33 19.41 55.19 30.72
C ARG D 33 19.48 56.14 29.53
N VAL D 34 20.54 56.95 29.47
CA VAL D 34 20.77 57.89 28.38
C VAL D 34 22.19 57.73 27.87
N ALA D 35 22.60 58.63 26.99
CA ALA D 35 23.95 58.60 26.45
C ALA D 35 24.31 60.00 26.01
N TRP D 36 25.60 60.23 25.80
CA TRP D 36 26.10 61.53 25.37
C TRP D 36 27.10 61.33 24.26
N TYR D 37 27.12 62.26 23.31
CA TYR D 37 27.99 62.18 22.16
C TYR D 37 28.99 63.32 22.10
N GLN D 38 29.96 63.15 21.21
CA GLN D 38 31.02 64.10 20.93
C GLN D 38 31.18 64.13 19.42
N HIS D 39 30.84 65.25 18.79
CA HIS D 39 30.94 65.38 17.34
C HIS D 39 31.89 66.51 16.97
N LYS D 40 33.08 66.15 16.55
CA LYS D 40 34.03 67.16 16.15
C LYS D 40 33.71 67.61 14.72
N PRO D 41 34.00 68.87 14.38
CA PRO D 41 33.69 69.36 13.03
C PRO D 41 34.57 68.70 11.97
N GLY D 42 33.93 67.95 11.07
CA GLY D 42 34.64 67.27 10.01
C GLY D 42 34.82 65.79 10.23
N GLN D 43 35.10 65.40 11.48
CA GLN D 43 35.32 64.01 11.84
C GLN D 43 33.99 63.27 11.99
N ALA D 44 34.04 62.08 12.58
CA ALA D 44 33.00 61.13 12.91
C ALA D 44 32.55 61.34 14.36
N PRO D 45 31.28 61.08 14.68
CA PRO D 45 30.81 61.26 16.06
C PRO D 45 31.44 60.23 16.99
N ARG D 46 31.51 60.59 18.27
CA ARG D 46 32.11 59.71 19.25
C ARG D 46 31.25 59.65 20.50
N LEU D 47 31.06 58.44 21.02
CA LEU D 47 30.28 58.22 22.22
C LEU D 47 31.05 58.65 23.45
N VAL D 48 30.41 59.43 24.31
CA VAL D 48 31.06 59.90 25.53
C VAL D 48 30.77 58.91 26.67
N ILE D 49 29.50 58.74 27.04
CA ILE D 49 29.12 57.82 28.10
C ILE D 49 28.02 56.89 27.60
N HIS D 50 28.19 55.59 27.88
CA HIS D 50 27.24 54.56 27.47
C HIS D 50 26.36 54.20 28.67
N GLY D 51 25.60 55.19 29.10
CA GLY D 51 24.72 55.05 30.25
C GLY D 51 24.54 56.43 30.85
N VAL D 52 23.85 56.47 31.99
CA VAL D 52 23.66 57.76 32.63
C VAL D 52 24.95 58.18 33.33
N SER D 53 25.77 57.21 33.74
CA SER D 53 27.04 57.49 34.38
C SER D 53 28.14 56.53 33.94
N ASN D 54 27.83 55.57 33.08
CA ASN D 54 28.80 54.60 32.60
C ASN D 54 29.51 55.17 31.38
N ARG D 55 30.80 55.46 31.52
CA ARG D 55 31.56 56.02 30.41
C ARG D 55 31.88 54.94 29.37
N ALA D 56 32.15 55.40 28.15
CA ALA D 56 32.47 54.51 27.05
C ALA D 56 33.93 54.07 27.13
N SER D 57 34.29 53.16 26.24
CA SER D 57 35.65 52.66 26.19
C SER D 57 36.59 53.71 25.61
N GLY D 58 37.77 53.83 26.22
CA GLY D 58 38.76 54.80 25.78
C GLY D 58 38.54 56.21 26.24
N ILE D 59 37.39 56.52 26.84
CA ILE D 59 37.12 57.87 27.31
C ILE D 59 37.90 58.11 28.61
N SER D 60 38.57 59.27 28.68
CA SER D 60 39.37 59.63 29.83
C SER D 60 38.49 59.88 31.06
N ASP D 61 39.16 60.02 32.21
CA ASP D 61 38.48 60.24 33.47
C ASP D 61 37.98 61.68 33.64
N ARG D 62 38.33 62.57 32.72
CA ARG D 62 37.86 63.96 32.82
C ARG D 62 36.37 64.05 32.58
N PHE D 63 35.82 63.18 31.74
CA PHE D 63 34.40 63.16 31.47
C PHE D 63 33.73 62.30 32.54
N SER D 64 32.61 62.78 33.08
CA SER D 64 31.91 62.03 34.11
C SER D 64 30.44 62.42 34.07
N GLY D 65 29.57 61.43 33.92
CA GLY D 65 28.15 61.67 33.87
C GLY D 65 27.49 61.51 35.23
N SER D 66 26.41 62.26 35.42
CA SER D 66 25.65 62.22 36.67
C SER D 66 24.25 62.74 36.39
N GLY D 67 23.38 62.61 37.38
CA GLY D 67 22.01 63.06 37.28
C GLY D 67 21.02 61.89 37.26
N SER D 68 19.76 62.25 37.45
CA SER D 68 18.66 61.30 37.47
C SER D 68 17.37 62.08 37.22
N GLY D 69 16.33 61.35 36.83
CA GLY D 69 15.06 61.98 36.56
C GLY D 69 15.11 62.76 35.27
N THR D 70 15.11 64.09 35.37
CA THR D 70 15.18 64.95 34.19
C THR D 70 16.39 65.86 34.21
N ASP D 71 17.23 65.79 35.23
CA ASP D 71 18.42 66.63 35.33
C ASP D 71 19.64 65.85 34.84
N PHE D 72 19.63 65.57 33.54
CA PHE D 72 20.71 64.84 32.87
C PHE D 72 21.84 65.83 32.67
N THR D 73 22.85 65.77 33.54
CA THR D 73 23.97 66.68 33.50
C THR D 73 25.28 65.97 33.20
N LEU D 74 26.30 66.78 32.95
CA LEU D 74 27.66 66.34 32.70
C LEU D 74 28.61 67.40 33.20
N THR D 75 29.86 67.00 33.41
CA THR D 75 30.88 67.93 33.87
C THR D 75 32.21 67.47 33.31
N ILE D 76 33.06 68.43 32.96
CA ILE D 76 34.37 68.15 32.40
C ILE D 76 35.39 68.83 33.29
N THR D 77 36.03 68.06 34.17
CA THR D 77 37.04 68.62 35.05
C THR D 77 38.35 68.75 34.27
N ARG D 78 38.94 69.95 34.32
CA ARG D 78 40.20 70.29 33.64
C ARG D 78 40.09 70.06 32.12
N VAL D 79 39.28 70.93 31.49
CA VAL D 79 39.05 70.83 30.04
C VAL D 79 40.36 71.02 29.27
N GLU D 80 40.39 70.46 28.07
CA GLU D 80 41.54 70.49 27.18
C GLU D 80 41.13 71.03 25.82
N PRO D 81 42.07 71.58 25.05
CA PRO D 81 41.71 72.08 23.71
C PRO D 81 41.34 71.00 22.72
N GLU D 82 41.65 69.74 23.01
CA GLU D 82 41.33 68.60 22.15
C GLU D 82 39.91 68.10 22.33
N ASP D 83 39.06 68.82 23.06
CA ASP D 83 37.68 68.40 23.30
C ASP D 83 36.68 69.46 22.87
N PHE D 84 37.10 70.48 22.14
CA PHE D 84 36.21 71.55 21.71
C PHE D 84 35.36 71.02 20.56
N ALA D 85 34.15 70.56 20.86
CA ALA D 85 33.28 70.01 19.83
C ALA D 85 31.82 70.16 20.24
N LEU D 86 30.93 69.60 19.43
CA LEU D 86 29.50 69.62 19.67
C LEU D 86 29.11 68.39 20.47
N TYR D 87 28.26 68.60 21.49
CA TYR D 87 27.80 67.53 22.35
C TYR D 87 26.29 67.37 22.24
N TYR D 88 25.83 66.14 22.02
CA TYR D 88 24.41 65.84 21.88
C TYR D 88 23.94 64.95 23.02
N CYS D 89 22.62 64.96 23.25
CA CYS D 89 21.97 64.18 24.29
C CYS D 89 21.16 63.04 23.71
N GLN D 90 20.85 62.06 24.56
CA GLN D 90 20.07 60.89 24.16
C GLN D 90 18.87 60.70 25.07
N VAL D 91 17.99 59.80 24.65
CA VAL D 91 16.79 59.51 25.42
C VAL D 91 16.83 58.08 25.92
N TYR D 92 16.77 57.13 24.99
CA TYR D 92 16.75 55.68 25.25
C TYR D 92 16.91 55.00 23.90
N GLY D 93 16.83 53.68 23.88
CA GLY D 93 16.88 52.93 22.65
C GLY D 93 15.59 52.15 22.65
N ALA D 94 14.64 52.57 21.83
CA ALA D 94 13.32 51.94 21.75
C ALA D 94 12.69 52.35 20.42
N SER D 95 11.37 52.20 20.32
CA SER D 95 10.63 52.56 19.12
C SER D 95 10.61 54.07 18.86
N SER D 96 10.99 54.90 19.83
CA SER D 96 10.97 56.34 19.63
C SER D 96 11.98 56.99 20.56
N TYR D 97 12.93 57.73 19.98
CA TYR D 97 13.93 58.46 20.74
C TYR D 97 14.52 59.53 19.84
N THR D 98 14.63 60.73 20.40
CA THR D 98 15.12 61.90 19.69
C THR D 98 16.57 62.21 20.09
N PHE D 99 17.06 63.34 19.59
CA PHE D 99 18.40 63.81 19.84
C PHE D 99 18.38 65.21 20.41
N GLY D 100 19.43 65.54 21.16
CA GLY D 100 19.52 66.84 21.79
C GLY D 100 19.81 67.97 20.82
N GLN D 101 19.79 69.19 21.37
CA GLN D 101 20.05 70.38 20.56
C GLN D 101 21.52 70.48 20.17
N GLY D 102 22.39 70.61 21.15
CA GLY D 102 23.81 70.71 20.89
C GLY D 102 24.51 71.88 21.54
N THR D 103 25.48 71.59 22.39
CA THR D 103 26.26 72.62 23.07
C THR D 103 27.54 72.82 22.27
N LYS D 104 28.41 73.71 22.74
CA LYS D 104 29.67 73.95 22.05
C LYS D 104 30.70 74.42 23.05
N LEU D 105 31.80 73.68 23.17
CA LEU D 105 32.87 74.04 24.09
C LEU D 105 33.76 75.03 23.36
N GLU D 106 33.28 76.28 23.34
CA GLU D 106 33.98 77.37 22.66
C GLU D 106 35.26 77.78 23.39
N ARG D 107 36.31 78.02 22.61
CA ARG D 107 37.60 78.44 23.16
C ARG D 107 37.58 79.87 23.68
N LYS D 108 36.60 80.66 23.25
CA LYS D 108 36.48 82.05 23.66
C LYS D 108 35.72 82.19 24.98
N ALA E 37 13.05 11.17 -57.90
CA ALA E 37 12.86 10.92 -56.48
C ALA E 37 11.74 9.92 -56.26
N LYS E 38 12.05 8.64 -56.39
CA LYS E 38 11.06 7.60 -56.20
C LYS E 38 10.77 7.42 -54.72
N LYS E 39 9.49 7.30 -54.39
CA LYS E 39 9.04 7.16 -53.02
C LYS E 39 9.15 5.70 -52.55
N TRP E 40 9.24 5.53 -51.23
CA TRP E 40 9.34 4.21 -50.64
C TRP E 40 8.59 4.20 -49.31
N VAL E 41 7.95 3.07 -49.00
CA VAL E 41 7.16 2.91 -47.79
C VAL E 41 8.09 2.74 -46.59
N THR E 42 7.80 3.46 -45.50
CA THR E 42 8.58 3.36 -44.27
C THR E 42 7.67 3.26 -43.07
N VAL E 43 7.98 2.34 -42.16
CA VAL E 43 7.21 2.14 -40.94
C VAL E 43 7.88 2.89 -39.81
N TYR E 44 7.10 3.64 -39.05
CA TYR E 44 7.61 4.39 -37.93
C TYR E 44 6.97 3.86 -36.68
N TYR E 45 7.61 4.03 -35.54
CA TYR E 45 7.06 3.55 -34.29
C TYR E 45 7.08 4.69 -33.29
N GLY E 46 5.90 5.08 -32.80
CA GLY E 46 5.79 6.15 -31.85
C GLY E 46 4.96 7.28 -32.41
N VAL E 47 4.07 6.95 -33.31
CA VAL E 47 3.19 7.92 -33.95
C VAL E 47 2.09 8.29 -32.95
N PRO E 48 1.70 9.56 -32.82
CA PRO E 48 0.64 9.90 -31.85
C PRO E 48 -0.81 9.67 -32.29
N VAL E 49 -1.03 8.77 -33.26
CA VAL E 49 -2.38 8.45 -33.73
C VAL E 49 -3.26 7.86 -32.64
N TRP E 50 -4.49 8.36 -32.54
CA TRP E 50 -5.49 7.94 -31.57
C TRP E 50 -6.51 7.03 -32.23
N LYS E 51 -7.18 6.24 -31.39
CA LYS E 51 -8.23 5.32 -31.80
C LYS E 51 -9.19 5.23 -30.63
N GLU E 52 -10.47 5.54 -30.86
CA GLU E 52 -11.44 5.46 -29.77
C GLU E 52 -11.73 4.01 -29.44
N ALA E 53 -11.57 3.67 -28.16
CA ALA E 53 -11.81 2.30 -27.71
C ALA E 53 -12.62 2.33 -26.43
N THR E 54 -13.22 1.19 -26.12
CA THR E 54 -14.04 1.04 -24.92
C THR E 54 -13.30 0.22 -23.88
N THR E 55 -13.69 0.41 -22.63
CA THR E 55 -13.08 -0.30 -21.50
C THR E 55 -13.99 -0.20 -20.29
N THR E 56 -13.50 -0.75 -19.19
CA THR E 56 -14.20 -0.75 -17.91
C THR E 56 -13.45 0.18 -16.97
N LEU E 57 -13.88 1.44 -16.93
CA LEU E 57 -13.27 2.47 -16.09
C LEU E 57 -13.52 2.15 -14.63
N PHE E 58 -12.60 2.60 -13.77
CA PHE E 58 -12.77 2.37 -12.35
C PHE E 58 -13.15 3.66 -11.63
N CYS E 59 -13.98 3.52 -10.60
CA CYS E 59 -14.45 4.67 -9.83
C CYS E 59 -13.37 5.17 -8.88
N ALA E 60 -13.61 6.36 -8.34
CA ALA E 60 -12.71 7.02 -7.41
C ALA E 60 -13.52 8.04 -6.64
N SER E 61 -13.42 8.03 -5.32
CA SER E 61 -14.17 8.97 -4.50
C SER E 61 -13.44 9.20 -3.19
N ASP E 62 -13.87 10.24 -2.48
CA ASP E 62 -13.26 10.59 -1.20
C ASP E 62 -13.59 9.55 -0.13
N ALA E 63 -14.87 9.39 0.20
CA ALA E 63 -15.26 8.42 1.21
C ALA E 63 -15.36 7.02 0.61
N ALA E 75 -20.97 1.91 -2.23
CA ALA E 75 -20.47 3.28 -2.31
C ALA E 75 -19.00 3.33 -1.93
N THR E 76 -18.54 2.33 -1.18
CA THR E 76 -17.15 2.26 -0.75
C THR E 76 -16.40 1.07 -1.33
N HIS E 77 -17.06 0.18 -2.04
CA HIS E 77 -16.42 -0.98 -2.62
C HIS E 77 -15.90 -0.63 -4.00
N ALA E 78 -14.67 -1.06 -4.29
CA ALA E 78 -13.91 -0.89 -5.54
C ALA E 78 -13.63 0.58 -5.89
N CYS E 79 -13.90 1.52 -5.01
CA CYS E 79 -13.65 2.94 -5.26
C CYS E 79 -12.41 3.36 -4.47
N VAL E 80 -11.31 3.57 -5.19
CA VAL E 80 -10.03 3.99 -4.61
C VAL E 80 -10.14 5.46 -4.24
N PRO E 81 -9.26 6.02 -3.41
CA PRO E 81 -9.37 7.45 -3.11
C PRO E 81 -9.02 8.31 -4.30
N THR E 82 -9.39 9.58 -4.23
CA THR E 82 -9.16 10.51 -5.32
C THR E 82 -7.68 10.77 -5.52
N ASP E 83 -7.33 11.15 -6.74
CA ASP E 83 -5.96 11.43 -7.12
C ASP E 83 -5.51 12.75 -6.50
N PRO E 84 -4.46 12.76 -5.67
CA PRO E 84 -4.01 14.03 -5.09
C PRO E 84 -3.30 14.93 -6.08
N ASN E 85 -2.88 14.41 -7.24
CA ASN E 85 -2.20 15.20 -8.27
C ASN E 85 -2.96 15.04 -9.58
N PRO E 86 -4.08 15.77 -9.76
CA PRO E 86 -4.83 15.65 -11.02
C PRO E 86 -4.14 16.37 -12.16
N GLN E 87 -3.21 15.68 -12.81
CA GLN E 87 -2.48 16.28 -13.93
C GLN E 87 -3.37 16.44 -15.15
N GLU E 88 -3.11 17.51 -15.90
CA GLU E 88 -3.83 17.84 -17.11
C GLU E 88 -2.86 18.50 -18.06
N ILE E 89 -2.79 18.01 -19.29
CA ILE E 89 -1.88 18.54 -20.29
C ILE E 89 -2.68 19.01 -21.48
N VAL E 90 -2.54 20.29 -21.83
CA VAL E 90 -3.24 20.83 -22.98
C VAL E 90 -2.48 20.39 -24.22
N LEU E 91 -3.18 19.71 -25.14
CA LEU E 91 -2.53 19.20 -26.35
C LEU E 91 -2.11 20.33 -27.29
N GLY E 92 -3.06 21.11 -27.76
CA GLY E 92 -2.67 22.19 -28.66
C GLY E 92 -3.57 22.41 -29.84
N ASN E 93 -3.04 22.20 -31.04
CA ASN E 93 -3.80 22.43 -32.27
C ASN E 93 -4.40 21.12 -32.82
N VAL E 94 -5.24 20.50 -32.00
CA VAL E 94 -5.91 19.26 -32.36
C VAL E 94 -7.40 19.52 -32.44
N THR E 95 -8.06 18.83 -33.36
CA THR E 95 -9.50 18.94 -33.58
C THR E 95 -10.06 17.52 -33.57
N GLU E 96 -10.55 17.08 -32.43
CA GLU E 96 -11.11 15.73 -32.29
C GLU E 96 -12.63 15.82 -32.28
N ASN E 97 -13.26 15.13 -33.23
CA ASN E 97 -14.70 15.12 -33.34
C ASN E 97 -15.33 14.35 -32.20
N PHE E 98 -16.12 15.03 -31.38
CA PHE E 98 -16.77 14.35 -30.26
C PHE E 98 -18.21 14.02 -30.63
N ASN E 99 -18.80 13.13 -29.83
CA ASN E 99 -20.18 12.72 -30.05
C ASN E 99 -20.70 12.21 -28.70
N MET E 100 -21.47 13.04 -28.02
CA MET E 100 -21.99 12.63 -26.72
C MET E 100 -23.18 11.70 -26.82
N TRP E 101 -23.75 11.51 -28.01
CA TRP E 101 -24.90 10.63 -28.13
C TRP E 101 -24.52 9.21 -28.44
N LYS E 102 -23.39 8.99 -29.13
CA LYS E 102 -22.91 7.65 -29.43
C LYS E 102 -21.75 7.27 -28.53
N ASN E 103 -21.70 7.87 -27.35
CA ASN E 103 -20.63 7.60 -26.39
C ASN E 103 -20.86 6.27 -25.72
N ASN E 104 -19.77 5.51 -25.57
CA ASN E 104 -19.80 4.21 -24.92
C ASN E 104 -19.42 4.29 -23.44
N MET E 105 -19.45 5.50 -22.88
CA MET E 105 -19.17 5.73 -21.47
C MET E 105 -20.43 5.87 -20.65
N VAL E 106 -21.51 6.33 -21.27
CA VAL E 106 -22.78 6.50 -20.56
C VAL E 106 -23.32 5.13 -20.20
N GLU E 107 -23.10 4.13 -21.06
CA GLU E 107 -23.52 2.77 -20.76
C GLU E 107 -22.66 2.20 -19.64
N GLN E 108 -21.42 2.68 -19.54
CA GLN E 108 -20.54 2.25 -18.47
C GLN E 108 -20.98 2.86 -17.14
N MET E 109 -21.61 4.03 -17.18
CA MET E 109 -22.11 4.66 -15.97
C MET E 109 -23.51 4.17 -15.65
N HIS E 110 -24.31 3.82 -16.66
CA HIS E 110 -25.64 3.29 -16.38
C HIS E 110 -25.50 1.91 -15.74
N GLU E 111 -24.51 1.17 -16.17
CA GLU E 111 -24.13 -0.10 -15.58
C GLU E 111 -23.19 0.29 -14.45
N ASP E 112 -22.84 -0.65 -13.56
CA ASP E 112 -21.97 -0.42 -12.40
C ASP E 112 -22.54 0.62 -11.41
N ILE E 113 -23.81 1.01 -11.59
CA ILE E 113 -24.52 1.91 -10.69
C ILE E 113 -25.84 1.30 -10.27
N ILE E 114 -26.30 0.29 -11.00
CA ILE E 114 -27.48 -0.50 -10.72
C ILE E 114 -26.84 -1.69 -10.04
N SER E 115 -25.57 -1.93 -10.39
CA SER E 115 -24.81 -3.02 -9.80
C SER E 115 -24.47 -2.71 -8.35
N LEU E 116 -23.99 -1.50 -8.07
CA LEU E 116 -23.69 -1.15 -6.68
C LEU E 116 -24.99 -0.95 -5.92
N TRP E 117 -26.04 -0.56 -6.62
CA TRP E 117 -27.35 -0.38 -6.01
C TRP E 117 -27.92 -1.72 -5.58
N ASP E 118 -27.64 -2.77 -6.37
CA ASP E 118 -28.12 -4.10 -6.06
C ASP E 118 -27.31 -4.74 -4.95
N GLN E 119 -26.04 -4.33 -4.78
CA GLN E 119 -25.21 -4.89 -3.72
C GLN E 119 -25.70 -4.45 -2.35
N SER E 120 -26.37 -3.31 -2.27
CA SER E 120 -26.91 -2.79 -1.01
C SER E 120 -28.35 -3.21 -0.79
N LEU E 121 -28.82 -4.24 -1.50
CA LEU E 121 -30.19 -4.73 -1.37
C LEU E 121 -30.21 -6.24 -1.34
N LYS E 122 -29.26 -6.85 -0.64
CA LYS E 122 -29.20 -8.31 -0.55
C LYS E 122 -29.14 -8.76 0.91
N THR E 128 -40.53 -11.43 1.45
CA THR E 128 -40.45 -9.97 1.26
C THR E 128 -41.65 -9.23 0.61
N PRO E 129 -42.36 -9.77 -0.45
CA PRO E 129 -43.49 -9.00 -0.99
C PRO E 129 -44.67 -8.88 -0.04
N LEU E 130 -45.25 -10.02 0.32
CA LEU E 130 -46.39 -10.15 1.24
C LEU E 130 -47.57 -9.25 0.85
N CYS E 131 -48.14 -9.54 -0.31
CA CYS E 131 -49.28 -8.76 -0.82
C CYS E 131 -50.58 -9.35 -0.30
N VAL E 132 -51.19 -8.66 0.66
CA VAL E 132 -52.46 -9.07 1.24
C VAL E 132 -53.45 -7.93 1.07
N THR E 133 -54.73 -8.27 1.15
CA THR E 133 -55.79 -7.29 1.00
C THR E 133 -55.79 -6.34 2.19
N LEU E 134 -55.67 -5.04 1.91
CA LEU E 134 -55.64 -4.04 2.97
C LEU E 134 -57.07 -3.63 3.31
N ASN E 135 -57.20 -2.62 4.16
CA ASN E 135 -58.48 -2.07 4.59
C ASN E 135 -58.17 -0.71 5.19
N CYS E 136 -58.76 0.36 4.65
CA CYS E 136 -58.44 1.68 5.17
C CYS E 136 -59.59 2.66 4.88
N ASN E 137 -59.36 3.91 5.25
CA ASN E 137 -60.31 5.00 5.04
C ASN E 137 -59.55 6.32 5.03
N ASN E 138 -60.29 7.41 4.90
CA ASN E 138 -59.67 8.74 4.87
C ASN E 138 -59.09 9.08 6.24
N VAL E 139 -58.04 9.89 6.25
CA VAL E 139 -57.41 10.27 7.50
C VAL E 139 -58.25 11.35 8.18
N ASN E 140 -58.22 11.36 9.51
CA ASN E 140 -59.00 12.32 10.30
C ASN E 140 -58.20 13.60 10.42
N THR E 141 -58.50 14.57 9.56
CA THR E 141 -57.81 15.85 9.56
C THR E 141 -58.37 16.77 10.64
N MET E 158 -52.46 23.68 -0.42
CA MET E 158 -51.57 23.76 0.72
C MET E 158 -52.07 22.92 1.88
N GLU E 159 -53.10 22.12 1.62
CA GLU E 159 -53.70 21.26 2.63
C GLU E 159 -53.89 19.86 2.05
N THR E 160 -53.83 18.86 2.93
CA THR E 160 -53.99 17.47 2.53
C THR E 160 -55.47 17.14 2.37
N GLY E 161 -55.83 16.62 1.21
CA GLY E 161 -57.22 16.27 0.95
C GLY E 161 -57.57 14.82 1.19
N GLU E 162 -56.83 13.90 0.58
CA GLU E 162 -57.08 12.46 0.72
C GLU E 162 -55.75 11.72 0.77
N MET E 163 -55.38 11.23 1.95
CA MET E 163 -54.12 10.48 2.15
C MET E 163 -54.49 9.32 3.07
N LYS E 164 -54.76 8.15 2.48
CA LYS E 164 -55.15 6.97 3.24
C LYS E 164 -54.00 6.45 4.08
N ASN E 165 -54.26 6.20 5.37
CA ASN E 165 -53.23 5.73 6.30
C ASN E 165 -53.89 4.82 7.34
N CYS E 166 -53.78 3.50 7.16
CA CYS E 166 -54.39 2.56 8.11
C CYS E 166 -53.49 1.34 8.26
N SER E 167 -54.02 0.29 8.90
CA SER E 167 -53.32 -0.98 9.10
C SER E 167 -54.10 -2.10 8.40
N PHE E 168 -53.40 -3.19 8.13
CA PHE E 168 -53.98 -4.31 7.42
C PHE E 168 -54.31 -5.47 8.37
N ASN E 169 -54.66 -6.62 7.81
CA ASN E 169 -55.07 -7.87 8.47
C ASN E 169 -53.83 -8.73 8.79
N VAL E 170 -54.05 -10.04 8.95
CA VAL E 170 -53.10 -11.09 9.27
C VAL E 170 -51.79 -11.01 8.50
N THR E 171 -50.67 -11.04 9.23
CA THR E 171 -49.34 -11.00 8.61
C THR E 171 -48.82 -12.43 8.42
N THR E 172 -48.58 -13.12 9.51
CA THR E 172 -48.11 -14.51 9.52
C THR E 172 -49.08 -15.41 10.25
N SER E 173 -49.42 -15.08 11.50
CA SER E 173 -50.34 -15.83 12.33
C SER E 173 -51.52 -14.94 12.68
N ILE E 174 -52.48 -15.50 13.40
CA ILE E 174 -53.68 -14.77 13.79
C ILE E 174 -53.36 -13.70 14.83
N LEU E 184 -47.52 4.88 6.50
CA LEU E 184 -48.74 4.08 6.47
C LEU E 184 -49.40 3.98 5.10
N PHE E 185 -48.59 3.80 4.05
CA PHE E 185 -49.01 3.64 2.66
C PHE E 185 -49.83 4.85 2.21
N TYR E 186 -49.16 6.00 2.05
CA TYR E 186 -49.73 7.33 1.76
C TYR E 186 -50.85 7.40 0.72
N LYS E 187 -50.54 7.41 -0.59
CA LYS E 187 -51.65 7.47 -1.53
C LYS E 187 -51.37 6.78 -2.85
N LEU E 188 -50.11 6.74 -3.27
CA LEU E 188 -49.77 6.17 -4.56
C LEU E 188 -49.28 4.73 -4.48
N ASP E 189 -49.78 3.97 -3.51
CA ASP E 189 -49.39 2.58 -3.36
C ASP E 189 -50.58 1.75 -2.92
N VAL E 190 -51.78 2.18 -3.33
CA VAL E 190 -53.03 1.49 -3.01
C VAL E 190 -53.85 1.35 -4.28
N VAL E 191 -54.54 0.21 -4.41
CA VAL E 191 -55.37 -0.09 -5.57
C VAL E 191 -56.73 -0.52 -5.02
N PRO E 192 -57.80 0.23 -5.24
CA PRO E 192 -59.11 -0.15 -4.69
C PRO E 192 -59.70 -1.42 -5.29
N LEU E 193 -60.51 -2.08 -4.48
CA LEU E 193 -61.19 -3.33 -4.83
C LEU E 193 -62.49 -3.41 -4.05
N GLU E 194 -63.14 -4.58 -4.12
CA GLU E 194 -64.39 -4.89 -3.42
C GLU E 194 -64.69 -6.38 -3.50
N ASN E 195 -65.04 -7.00 -2.38
CA ASN E 195 -65.34 -8.43 -2.36
C ASN E 195 -66.75 -8.67 -2.89
N LYS E 196 -67.11 -9.96 -3.01
CA LYS E 196 -68.42 -10.35 -3.52
C LYS E 196 -69.45 -10.62 -2.42
N ASN E 197 -69.18 -10.16 -1.20
CA ASN E 197 -70.11 -10.37 -0.12
C ASN E 197 -71.24 -9.34 -0.18
N ASN E 198 -72.12 -9.38 0.83
CA ASN E 198 -73.25 -8.48 0.93
C ASN E 198 -72.95 -7.23 1.76
N ILE E 199 -71.70 -6.80 1.80
CA ILE E 199 -71.31 -5.63 2.58
C ILE E 199 -71.30 -4.41 1.67
N ASN E 200 -71.91 -4.55 0.49
CA ASN E 200 -71.99 -3.44 -0.47
C ASN E 200 -72.88 -2.30 0.02
N ASN E 201 -73.81 -2.58 0.93
CA ASN E 201 -74.69 -1.56 1.47
C ASN E 201 -74.06 -0.80 2.62
N THR E 202 -72.80 -1.07 2.94
CA THR E 202 -72.09 -0.42 4.03
C THR E 202 -70.86 0.36 3.56
N ASN E 203 -70.47 0.20 2.29
CA ASN E 203 -69.32 0.88 1.67
C ASN E 203 -68.01 0.60 2.41
N ILE E 204 -67.61 -0.67 2.39
CA ILE E 204 -66.38 -1.13 3.02
C ILE E 204 -65.38 -1.33 1.88
N THR E 205 -64.47 -0.37 1.72
CA THR E 205 -63.47 -0.46 0.66
C THR E 205 -62.29 -1.34 1.07
N ASN E 206 -61.61 -1.88 0.07
CA ASN E 206 -60.46 -2.74 0.26
C ASN E 206 -59.38 -2.31 -0.71
N TYR E 207 -58.13 -2.33 -0.26
CA TYR E 207 -57.02 -1.92 -1.11
C TYR E 207 -56.12 -3.10 -1.42
N ARG E 208 -55.03 -2.80 -2.13
CA ARG E 208 -54.02 -3.76 -2.55
C ARG E 208 -52.76 -2.96 -2.84
N LEU E 209 -51.60 -3.59 -2.66
CA LEU E 209 -50.33 -2.91 -2.91
C LEU E 209 -50.18 -2.65 -4.41
N ILE E 210 -49.46 -1.57 -4.75
CA ILE E 210 -49.29 -1.17 -6.15
C ILE E 210 -48.44 -2.17 -6.93
N ASN E 211 -47.53 -2.89 -6.27
CA ASN E 211 -46.70 -3.84 -6.99
C ASN E 211 -46.99 -5.25 -6.50
N CYS E 212 -48.28 -5.57 -6.43
CA CYS E 212 -48.72 -6.88 -5.98
C CYS E 212 -48.37 -7.99 -6.96
N ASN E 213 -48.32 -7.68 -8.25
CA ASN E 213 -48.00 -8.69 -9.26
C ASN E 213 -46.69 -8.40 -9.98
N THR E 214 -45.75 -7.75 -9.30
CA THR E 214 -44.43 -7.45 -9.84
C THR E 214 -43.51 -8.59 -9.38
N SER E 215 -42.43 -8.81 -10.14
CA SER E 215 -41.47 -9.89 -9.93
C SER E 215 -40.87 -10.03 -8.52
N VAL E 216 -40.05 -9.08 -8.08
CA VAL E 216 -39.41 -9.16 -6.77
C VAL E 216 -39.56 -7.82 -6.06
N ILE E 217 -40.07 -7.85 -4.83
CA ILE E 217 -40.26 -6.64 -4.04
C ILE E 217 -39.36 -6.72 -2.82
N THR E 218 -38.12 -6.23 -2.94
CA THR E 218 -37.20 -6.29 -1.81
C THR E 218 -37.49 -5.15 -0.83
N GLN E 219 -36.61 -5.01 0.16
CA GLN E 219 -36.73 -3.98 1.18
C GLN E 219 -35.37 -3.76 1.81
N ALA E 220 -35.00 -2.49 1.98
CA ALA E 220 -33.73 -2.13 2.58
C ALA E 220 -33.86 -2.12 4.10
N SER E 225 -29.72 4.78 3.88
CA SER E 225 -29.41 6.16 3.57
C SER E 225 -28.87 6.29 2.15
N PHE E 226 -29.42 7.23 1.39
CA PHE E 226 -29.03 7.47 0.02
C PHE E 226 -28.44 8.88 -0.06
N GLU E 227 -27.12 8.97 -0.15
CA GLU E 227 -26.42 10.25 -0.22
C GLU E 227 -25.48 10.21 -1.43
N PRO E 228 -25.65 11.09 -2.41
CA PRO E 228 -24.77 11.07 -3.58
C PRO E 228 -23.37 11.56 -3.23
N ILE E 229 -22.37 10.76 -3.60
CA ILE E 229 -20.96 11.04 -3.35
C ILE E 229 -20.36 11.39 -4.71
N PRO E 230 -19.48 12.40 -4.81
CA PRO E 230 -18.91 12.75 -6.12
C PRO E 230 -17.93 11.72 -6.67
N ILE E 231 -18.46 10.73 -7.38
CA ILE E 231 -17.67 9.67 -7.98
C ILE E 231 -16.84 10.22 -9.14
N HIS E 232 -15.59 9.78 -9.23
CA HIS E 232 -14.68 10.19 -10.29
C HIS E 232 -14.29 8.97 -11.11
N TYR E 233 -14.57 9.00 -12.41
CA TYR E 233 -14.19 7.91 -13.27
C TYR E 233 -12.79 8.17 -13.80
N CYS E 234 -11.93 7.16 -13.74
CA CYS E 234 -10.56 7.29 -14.20
C CYS E 234 -10.28 6.26 -15.27
N ALA E 235 -9.28 6.53 -16.07
CA ALA E 235 -8.91 5.63 -17.15
C ALA E 235 -7.92 4.57 -16.68
N PRO E 236 -8.00 3.36 -17.20
CA PRO E 236 -7.08 2.31 -16.78
C PRO E 236 -5.70 2.46 -17.42
N ALA E 237 -4.84 1.48 -17.21
CA ALA E 237 -3.50 1.53 -17.77
C ALA E 237 -3.57 1.26 -19.27
N GLY E 238 -3.04 2.18 -20.07
CA GLY E 238 -3.04 2.05 -21.51
C GLY E 238 -4.07 2.87 -22.24
N PHE E 239 -5.01 3.49 -21.53
CA PHE E 239 -6.07 4.28 -22.11
C PHE E 239 -6.00 5.71 -21.56
N ALA E 240 -6.53 6.65 -22.33
CA ALA E 240 -6.52 8.05 -21.93
C ALA E 240 -7.90 8.66 -22.13
N ILE E 241 -8.08 9.85 -21.59
CA ILE E 241 -9.34 10.59 -21.66
C ILE E 241 -9.06 11.97 -22.24
N LEU E 242 -9.74 12.31 -23.34
CA LEU E 242 -9.56 13.59 -24.02
C LEU E 242 -10.70 14.53 -23.64
N LYS E 243 -10.43 15.44 -22.71
CA LYS E 243 -11.45 16.38 -22.27
C LYS E 243 -11.36 17.69 -23.05
N CYS E 244 -12.43 18.05 -23.75
CA CYS E 244 -12.41 19.32 -24.47
C CYS E 244 -12.64 20.46 -23.49
N ASN E 245 -12.23 21.66 -23.90
CA ASN E 245 -12.37 22.83 -23.04
C ASN E 245 -13.03 24.00 -23.74
N SER E 246 -13.54 23.81 -24.95
CA SER E 246 -14.21 24.88 -25.67
C SER E 246 -15.53 25.18 -24.99
N LYS E 247 -15.71 26.43 -24.55
CA LYS E 247 -16.91 26.86 -23.84
C LYS E 247 -18.15 26.97 -24.71
N THR E 248 -18.08 26.61 -25.99
CA THR E 248 -19.23 26.70 -26.89
C THR E 248 -19.70 25.32 -27.34
N PHE E 249 -19.81 24.38 -26.42
CA PHE E 249 -20.26 23.04 -26.75
C PHE E 249 -21.70 23.02 -27.25
N ASN E 250 -21.99 22.03 -28.09
CA ASN E 250 -23.33 21.82 -28.57
C ASN E 250 -23.67 20.33 -28.64
N GLY E 251 -22.75 19.46 -28.23
CA GLY E 251 -22.97 18.04 -28.22
C GLY E 251 -22.14 17.23 -29.18
N SER E 252 -22.02 17.67 -30.43
CA SER E 252 -21.25 16.94 -31.42
C SER E 252 -20.31 17.89 -32.14
N GLY E 253 -19.75 17.47 -33.27
CA GLY E 253 -18.85 18.30 -34.01
C GLY E 253 -17.45 18.31 -33.41
N PRO E 254 -16.58 19.16 -33.94
CA PRO E 254 -15.20 19.21 -33.44
C PRO E 254 -15.01 20.19 -32.29
N CYS E 255 -13.86 20.03 -31.64
CA CYS E 255 -13.39 20.86 -30.55
C CYS E 255 -12.06 21.48 -30.97
N THR E 256 -11.68 22.55 -30.28
CA THR E 256 -10.43 23.23 -30.60
C THR E 256 -9.47 23.35 -29.43
N ASN E 257 -9.91 23.04 -28.22
CA ASN E 257 -9.08 23.12 -27.01
C ASN E 257 -9.25 21.78 -26.30
N VAL E 258 -8.46 20.78 -26.72
CA VAL E 258 -8.52 19.44 -26.17
C VAL E 258 -7.37 19.24 -25.20
N SER E 259 -7.66 18.68 -24.03
CA SER E 259 -6.66 18.41 -23.01
C SER E 259 -6.87 16.99 -22.51
N THR E 260 -5.78 16.34 -22.10
CA THR E 260 -5.82 14.97 -21.61
C THR E 260 -5.82 14.96 -20.09
N VAL E 261 -6.62 14.08 -19.51
CA VAL E 261 -6.73 13.89 -18.07
C VAL E 261 -6.82 12.41 -17.79
N GLN E 262 -6.35 12.00 -16.62
CA GLN E 262 -6.42 10.60 -16.25
C GLN E 262 -7.67 10.27 -15.45
N CYS E 263 -8.37 11.28 -14.98
CA CYS E 263 -9.60 11.12 -14.21
C CYS E 263 -10.56 12.19 -14.70
N THR E 264 -11.59 12.48 -13.92
CA THR E 264 -12.56 13.49 -14.31
C THR E 264 -12.98 14.32 -13.11
N HIS E 265 -13.93 15.22 -13.35
CA HIS E 265 -14.44 16.10 -12.30
C HIS E 265 -15.44 15.35 -11.43
N GLY E 266 -16.01 16.08 -10.47
CA GLY E 266 -16.97 15.49 -9.56
C GLY E 266 -18.29 15.19 -10.25
N ILE E 267 -18.70 13.93 -10.23
CA ILE E 267 -19.95 13.50 -10.84
C ILE E 267 -20.87 13.02 -9.74
N ARG E 268 -22.03 13.68 -9.61
CA ARG E 268 -23.00 13.33 -8.59
C ARG E 268 -24.03 12.37 -9.19
N PRO E 269 -24.11 11.14 -8.71
CA PRO E 269 -25.09 10.17 -9.25
C PRO E 269 -26.47 10.30 -8.65
N VAL E 270 -27.06 11.48 -8.77
CA VAL E 270 -28.38 11.74 -8.24
C VAL E 270 -29.43 11.46 -9.32
N VAL E 271 -30.42 10.64 -8.98
CA VAL E 271 -31.46 10.27 -9.91
C VAL E 271 -32.63 11.26 -9.79
N SER E 272 -33.12 11.72 -10.94
CA SER E 272 -34.22 12.67 -11.02
C SER E 272 -34.68 12.72 -12.46
N THR E 273 -35.90 13.21 -12.65
CA THR E 273 -36.51 13.36 -13.97
C THR E 273 -37.06 14.77 -14.09
N GLN E 274 -37.12 15.26 -15.33
CA GLN E 274 -37.62 16.58 -15.76
C GLN E 274 -36.78 17.77 -15.30
N LEU E 275 -35.80 17.56 -14.43
CA LEU E 275 -34.93 18.60 -13.92
C LEU E 275 -33.66 17.92 -13.43
N LEU E 276 -32.52 18.54 -13.68
CA LEU E 276 -31.24 17.99 -13.25
C LEU E 276 -30.81 18.76 -12.01
N LEU E 277 -30.68 18.05 -10.90
CA LEU E 277 -30.30 18.64 -9.63
C LEU E 277 -28.84 18.39 -9.33
N ASN E 278 -28.19 19.38 -8.70
CA ASN E 278 -26.78 19.34 -8.30
C ASN E 278 -25.85 18.99 -9.45
N GLY E 279 -26.12 19.52 -10.63
CA GLY E 279 -25.31 19.24 -11.80
C GLY E 279 -24.09 20.12 -11.89
N SER E 280 -23.73 20.47 -13.11
CA SER E 280 -22.58 21.31 -13.39
C SER E 280 -23.02 22.47 -14.28
N LEU E 281 -22.81 23.69 -13.78
CA LEU E 281 -23.19 24.89 -14.52
C LEU E 281 -22.24 25.12 -15.69
N ALA E 282 -22.66 25.99 -16.61
CA ALA E 282 -21.86 26.31 -17.78
C ALA E 282 -20.98 27.53 -17.50
N GLU E 283 -20.24 27.98 -18.51
CA GLU E 283 -19.36 29.12 -18.38
C GLU E 283 -19.82 30.34 -19.18
N GLU E 284 -20.73 30.15 -20.13
CA GLU E 284 -21.26 31.22 -20.96
C GLU E 284 -22.77 31.10 -20.80
N GLU E 285 -23.52 31.68 -21.74
CA GLU E 285 -24.98 31.64 -21.76
C GLU E 285 -25.52 30.21 -21.79
N ILE E 286 -26.82 30.10 -21.53
CA ILE E 286 -27.51 28.82 -21.50
C ILE E 286 -27.46 28.14 -22.86
N VAL E 287 -26.81 26.98 -22.91
CA VAL E 287 -26.65 26.23 -24.14
C VAL E 287 -27.55 25.02 -24.14
N ILE E 288 -28.08 24.69 -25.31
CA ILE E 288 -28.93 23.53 -25.49
C ILE E 288 -28.15 22.54 -26.33
N ARG E 289 -28.53 21.27 -26.24
CA ARG E 289 -27.83 20.25 -27.00
C ARG E 289 -28.76 19.07 -27.24
N SER E 290 -28.66 18.50 -28.44
CA SER E 290 -29.46 17.36 -28.83
C SER E 290 -28.78 16.68 -30.01
N GLU E 291 -29.19 15.45 -30.27
CA GLU E 291 -28.61 14.71 -31.39
C GLU E 291 -29.12 15.27 -32.72
N ASN E 292 -30.38 15.71 -32.73
CA ASN E 292 -30.99 16.28 -33.93
C ASN E 292 -32.08 17.21 -33.42
N ILE E 293 -31.80 18.51 -33.43
CA ILE E 293 -32.74 19.51 -32.93
C ILE E 293 -34.00 19.58 -33.80
N THR E 294 -33.91 19.21 -35.07
CA THR E 294 -35.06 19.23 -35.95
C THR E 294 -35.90 17.97 -35.84
N ASP E 295 -35.56 17.06 -34.93
CA ASP E 295 -36.29 15.83 -34.71
C ASP E 295 -37.11 15.99 -33.42
N ASN E 296 -38.15 15.18 -33.29
CA ASN E 296 -39.02 15.26 -32.12
C ASN E 296 -38.76 14.19 -31.06
N ALA E 297 -38.35 12.99 -31.47
CA ALA E 297 -38.11 11.92 -30.50
C ALA E 297 -36.81 12.07 -29.74
N LYS E 298 -35.92 12.97 -30.15
CA LYS E 298 -34.65 13.15 -29.47
C LYS E 298 -34.79 14.08 -28.28
N THR E 299 -34.12 13.72 -27.19
CA THR E 299 -34.16 14.52 -25.97
C THR E 299 -33.33 15.79 -26.14
N ILE E 300 -33.86 16.91 -25.67
CA ILE E 300 -33.19 18.20 -25.76
C ILE E 300 -32.72 18.55 -24.35
N ILE E 301 -31.44 18.31 -24.09
CA ILE E 301 -30.86 18.61 -22.78
C ILE E 301 -30.48 20.08 -22.75
N VAL E 302 -30.96 20.80 -21.75
CA VAL E 302 -30.68 22.22 -21.58
C VAL E 302 -29.85 22.40 -20.32
N GLN E 303 -28.67 22.98 -20.47
CA GLN E 303 -27.77 23.24 -19.35
C GLN E 303 -27.80 24.72 -19.04
N LEU E 304 -28.10 25.07 -17.81
CA LEU E 304 -28.19 26.46 -17.40
C LEU E 304 -26.83 26.96 -16.91
N ASN E 305 -26.79 28.22 -16.46
CA ASN E 305 -25.56 28.81 -15.93
C ASN E 305 -25.86 29.56 -14.63
N GLU E 306 -27.00 29.28 -14.01
CA GLU E 306 -27.41 29.91 -12.76
C GLU E 306 -27.98 28.82 -11.88
N ALA E 307 -27.39 28.62 -10.70
CA ALA E 307 -27.85 27.59 -9.80
C ALA E 307 -29.17 27.99 -9.15
N VAL E 308 -30.28 27.69 -9.83
CA VAL E 308 -31.61 28.01 -9.30
C VAL E 308 -31.88 27.12 -8.10
N GLU E 309 -32.09 27.72 -6.95
CA GLU E 309 -32.33 26.91 -5.77
C GLU E 309 -33.79 26.47 -5.70
N ILE E 310 -34.02 25.47 -4.86
CA ILE E 310 -35.34 24.91 -4.62
C ILE E 310 -35.37 24.52 -3.15
N ASN E 311 -36.55 24.59 -2.54
CA ASN E 311 -36.69 24.26 -1.12
C ASN E 311 -37.92 23.37 -0.96
N CYS E 312 -37.69 22.06 -0.97
CA CYS E 312 -38.74 21.08 -0.82
C CYS E 312 -38.62 20.50 0.58
N THR E 313 -39.76 20.39 1.26
CA THR E 313 -39.74 19.85 2.62
C THR E 313 -41.07 19.21 2.95
N ARG E 314 -41.03 18.34 3.96
CA ARG E 314 -42.21 17.64 4.45
C ARG E 314 -42.45 18.16 5.87
N PRO E 315 -43.39 19.09 6.07
CA PRO E 315 -43.62 19.63 7.42
C PRO E 315 -44.36 18.71 8.37
N ASN E 316 -44.65 17.46 8.01
CA ASN E 316 -45.35 16.56 8.90
C ASN E 316 -44.38 15.93 9.89
N ASN E 317 -44.83 14.92 10.62
CA ASN E 317 -44.02 14.24 11.61
C ASN E 317 -44.50 12.80 11.71
N ASN E 318 -43.69 11.86 11.23
CA ASN E 318 -44.04 10.46 11.24
C ASN E 318 -43.25 9.73 12.32
N THR E 319 -43.86 8.71 12.91
CA THR E 319 -43.25 7.90 13.96
C THR E 319 -43.11 6.47 13.49
N ARG E 320 -41.95 5.88 13.78
CA ARG E 320 -41.63 4.51 13.38
C ARG E 320 -42.50 3.49 14.10
N LYS E 321 -43.28 2.72 13.33
CA LYS E 321 -44.15 1.70 13.90
C LYS E 321 -43.39 0.44 14.27
N SER E 322 -42.39 0.07 13.46
CA SER E 322 -41.54 -1.11 13.64
C SER E 322 -42.33 -2.42 13.70
N ILE E 323 -42.99 -2.73 12.59
CA ILE E 323 -43.78 -3.94 12.49
C ILE E 323 -42.86 -5.08 12.06
N HIS E 324 -42.79 -6.12 12.89
CA HIS E 324 -41.95 -7.28 12.58
C HIS E 324 -42.83 -8.39 12.02
N ILE E 325 -42.51 -8.83 10.81
CA ILE E 325 -43.24 -9.88 10.11
C ILE E 325 -42.23 -10.90 9.62
N GLY E 326 -42.18 -12.06 10.27
CA GLY E 326 -41.26 -13.11 9.90
C GLY E 326 -40.23 -13.41 10.97
N PRO E 327 -39.42 -14.44 10.75
CA PRO E 327 -38.38 -14.82 11.74
C PRO E 327 -37.16 -13.88 11.73
N GLY E 328 -37.32 -12.75 12.41
CA GLY E 328 -36.26 -11.76 12.47
C GLY E 328 -36.22 -10.87 11.25
N ARG E 329 -37.37 -10.32 10.88
CA ARG E 329 -37.49 -9.45 9.73
C ARG E 329 -38.21 -8.17 10.14
N ALA E 330 -37.76 -7.04 9.63
CA ALA E 330 -38.35 -5.75 9.96
C ALA E 330 -39.16 -5.19 8.79
N PHE E 331 -39.99 -4.20 9.12
CA PHE E 331 -40.87 -3.48 8.21
C PHE E 331 -41.28 -2.22 8.94
N TYR E 332 -41.37 -1.09 8.22
CA TYR E 332 -41.69 0.17 8.89
C TYR E 332 -42.78 0.96 8.18
N ALA E 333 -44.03 0.75 8.55
CA ALA E 333 -45.15 1.48 7.98
C ALA E 333 -45.54 2.64 8.88
N THR E 334 -44.61 3.59 9.01
CA THR E 334 -44.72 4.77 9.87
C THR E 334 -45.96 5.64 9.68
N GLY E 335 -46.32 6.38 10.74
CA GLY E 335 -47.47 7.27 10.73
C GLY E 335 -47.90 7.76 12.10
N ASP E 336 -48.25 9.04 12.21
CA ASP E 336 -48.70 9.62 13.46
C ASP E 336 -49.51 10.87 13.16
N ILE E 337 -50.47 11.15 14.03
CA ILE E 337 -51.36 12.31 13.90
C ILE E 337 -50.80 13.42 14.78
N ILE E 338 -49.87 14.20 14.22
CA ILE E 338 -49.27 15.32 14.91
C ILE E 338 -49.58 16.54 14.06
N GLY E 339 -50.79 16.55 13.50
CA GLY E 339 -51.21 17.64 12.64
C GLY E 339 -50.97 17.34 11.17
N ASN E 340 -51.48 16.18 10.72
CA ASN E 340 -51.34 15.73 9.33
C ASN E 340 -52.28 16.50 8.41
N ILE E 341 -51.97 17.78 8.24
CA ILE E 341 -52.76 18.65 7.37
C ILE E 341 -51.89 19.46 6.41
N ARG E 342 -50.61 19.65 6.68
CA ARG E 342 -49.74 20.41 5.80
C ARG E 342 -49.12 19.47 4.76
N GLN E 343 -49.49 19.66 3.50
CA GLN E 343 -48.97 18.83 2.42
C GLN E 343 -47.59 19.31 2.01
N ALA E 344 -46.69 18.36 1.76
CA ALA E 344 -45.32 18.67 1.36
C ALA E 344 -45.31 19.34 -0.01
N HIS E 345 -44.57 20.45 -0.12
CA HIS E 345 -44.51 21.20 -1.37
C HIS E 345 -43.07 21.65 -1.58
N CYS E 346 -42.91 22.59 -2.51
CA CYS E 346 -41.61 23.14 -2.85
C CYS E 346 -41.74 24.63 -3.11
N ASN E 347 -40.60 25.32 -3.12
CA ASN E 347 -40.56 26.76 -3.37
C ASN E 347 -39.43 27.09 -4.32
N ILE E 348 -39.76 27.79 -5.40
CA ILE E 348 -38.81 28.19 -6.43
C ILE E 348 -38.93 29.70 -6.60
N SER E 349 -37.78 30.39 -6.65
CA SER E 349 -37.75 31.84 -6.81
C SER E 349 -38.28 32.22 -8.18
N LYS E 350 -39.46 32.85 -8.19
CA LYS E 350 -40.10 33.25 -9.45
C LYS E 350 -39.28 34.32 -10.17
N ALA E 351 -38.56 35.16 -9.42
CA ALA E 351 -37.74 36.19 -10.04
C ALA E 351 -36.56 35.57 -10.76
N ARG E 352 -35.97 34.52 -10.17
CA ARG E 352 -34.86 33.84 -10.80
C ARG E 352 -35.36 32.95 -11.94
N TRP E 353 -36.57 32.41 -11.81
CA TRP E 353 -37.16 31.56 -12.83
C TRP E 353 -37.49 32.32 -14.11
N ASN E 354 -37.70 33.63 -14.02
CA ASN E 354 -37.97 34.42 -15.23
C ASN E 354 -36.71 34.59 -16.06
N GLU E 355 -35.59 34.91 -15.39
CA GLU E 355 -34.32 35.13 -16.08
C GLU E 355 -33.82 33.86 -16.74
N THR E 356 -34.17 32.69 -16.21
CA THR E 356 -33.72 31.44 -16.81
C THR E 356 -34.50 31.14 -18.09
N LEU E 357 -35.84 31.11 -17.99
CA LEU E 357 -36.66 30.83 -19.18
C LEU E 357 -36.57 31.94 -20.21
N GLY E 358 -36.24 33.16 -19.79
CA GLY E 358 -36.10 34.25 -20.74
C GLY E 358 -34.89 34.06 -21.63
N GLN E 359 -33.84 33.45 -21.09
CA GLN E 359 -32.63 33.19 -21.87
C GLN E 359 -32.77 31.91 -22.69
N ILE E 360 -33.59 30.97 -22.25
CA ILE E 360 -33.79 29.72 -22.96
C ILE E 360 -34.57 29.95 -24.25
N VAL E 361 -35.64 30.75 -24.17
CA VAL E 361 -36.44 31.07 -25.35
C VAL E 361 -35.62 31.89 -26.33
N ALA E 362 -34.69 32.71 -25.81
CA ALA E 362 -33.82 33.51 -26.65
C ALA E 362 -32.86 32.62 -27.45
N LYS E 363 -32.54 31.45 -26.92
CA LYS E 363 -31.67 30.50 -27.59
C LYS E 363 -32.47 29.57 -28.49
N LEU E 364 -33.68 29.19 -28.06
CA LEU E 364 -34.51 28.30 -28.86
C LEU E 364 -35.04 29.00 -30.10
N GLU E 365 -35.13 30.33 -30.07
CA GLU E 365 -35.61 31.08 -31.22
C GLU E 365 -34.60 31.06 -32.36
N GLU E 366 -33.32 30.84 -32.05
CA GLU E 366 -32.28 30.79 -33.06
C GLU E 366 -32.45 29.58 -33.98
N GLN E 367 -32.59 28.38 -33.40
CA GLN E 367 -32.78 27.19 -34.21
C GLN E 367 -34.18 27.10 -34.78
N PHE E 368 -35.15 27.76 -34.15
CA PHE E 368 -36.55 27.73 -34.57
C PHE E 368 -36.99 29.16 -34.93
N PRO E 369 -36.78 29.59 -36.17
CA PRO E 369 -37.17 30.95 -36.54
C PRO E 369 -38.64 31.05 -36.93
N ASN E 370 -39.18 32.27 -36.72
CA ASN E 370 -40.59 32.61 -37.02
C ASN E 370 -41.56 31.69 -36.30
N LYS E 371 -41.21 31.28 -35.09
CA LYS E 371 -42.06 30.37 -34.34
C LYS E 371 -42.22 30.85 -32.91
N THR E 372 -43.27 30.34 -32.26
CA THR E 372 -43.59 30.65 -30.87
C THR E 372 -43.22 29.44 -30.03
N ILE E 373 -42.28 29.61 -29.11
CA ILE E 373 -41.83 28.53 -28.26
C ILE E 373 -42.80 28.37 -27.09
N ILE E 374 -43.83 27.56 -27.28
CA ILE E 374 -44.86 27.30 -26.26
C ILE E 374 -44.42 26.15 -25.37
N PHE E 375 -44.47 26.38 -24.06
CA PHE E 375 -44.17 25.35 -23.09
C PHE E 375 -45.50 24.77 -22.63
N ASN E 376 -45.53 23.49 -22.29
CA ASN E 376 -46.80 22.90 -21.91
C ASN E 376 -46.59 21.76 -20.92
N HIS E 377 -47.72 21.32 -20.35
CA HIS E 377 -47.87 20.22 -19.42
C HIS E 377 -47.26 18.94 -20.00
N SER E 378 -46.86 18.03 -19.11
CA SER E 378 -46.27 16.78 -19.55
C SER E 378 -47.37 15.80 -20.00
N SER E 379 -46.95 14.59 -20.37
CA SER E 379 -47.86 13.54 -20.82
C SER E 379 -48.46 12.81 -19.64
N GLY E 380 -49.01 11.63 -19.85
CA GLY E 380 -49.61 10.88 -18.75
C GLY E 380 -49.12 9.46 -18.57
N GLY E 381 -50.01 8.57 -18.13
CA GLY E 381 -49.66 7.18 -17.93
C GLY E 381 -49.29 6.82 -16.50
N ASP E 382 -48.04 6.43 -16.31
CA ASP E 382 -47.56 6.07 -14.99
C ASP E 382 -47.32 7.36 -14.18
N PRO E 383 -47.76 7.42 -12.92
CA PRO E 383 -47.54 8.63 -12.12
C PRO E 383 -46.09 9.02 -11.88
N GLU E 384 -45.14 8.11 -12.06
CA GLU E 384 -43.73 8.45 -11.86
C GLU E 384 -43.10 9.05 -13.11
N ILE E 385 -43.88 9.31 -14.15
CA ILE E 385 -43.40 9.90 -15.38
C ILE E 385 -43.73 11.38 -15.46
N VAL E 386 -44.97 11.72 -15.15
CA VAL E 386 -45.45 13.10 -15.23
C VAL E 386 -44.80 13.97 -14.16
N THR E 387 -44.52 13.40 -13.00
CA THR E 387 -43.98 14.17 -11.89
C THR E 387 -42.46 14.10 -11.80
N HIS E 388 -41.92 15.05 -11.05
CA HIS E 388 -40.50 15.16 -10.80
C HIS E 388 -40.10 14.18 -9.72
N SER E 389 -38.92 13.59 -9.84
CA SER E 389 -38.45 12.65 -8.85
C SER E 389 -37.37 13.28 -7.98
N PHE E 390 -37.54 13.20 -6.66
CA PHE E 390 -36.61 13.76 -5.71
C PHE E 390 -35.99 12.68 -4.83
N ASN E 391 -35.14 13.16 -3.93
CA ASN E 391 -34.46 12.33 -2.94
C ASN E 391 -34.02 13.34 -1.86
N CYS E 392 -34.80 13.44 -0.79
CA CYS E 392 -34.51 14.40 0.27
C CYS E 392 -34.25 13.65 1.57
N GLY E 393 -32.98 13.41 1.88
CA GLY E 393 -32.58 12.72 3.09
C GLY E 393 -32.91 11.24 3.16
N GLY E 394 -33.64 10.68 2.20
CA GLY E 394 -34.00 9.28 2.24
C GLY E 394 -35.45 9.06 1.88
N GLU E 395 -36.14 10.10 1.42
CA GLU E 395 -37.53 10.00 1.03
C GLU E 395 -37.65 10.52 -0.40
N PHE E 396 -38.55 9.92 -1.17
CA PHE E 396 -38.74 10.28 -2.57
C PHE E 396 -40.01 11.10 -2.73
N PHE E 397 -39.88 12.25 -3.40
CA PHE E 397 -40.98 13.18 -3.61
C PHE E 397 -41.38 13.23 -5.08
N TYR E 398 -42.68 13.18 -5.35
CA TYR E 398 -43.23 13.27 -6.70
C TYR E 398 -44.04 14.56 -6.77
N CYS E 399 -43.50 15.56 -7.44
CA CYS E 399 -44.11 16.88 -7.52
C CYS E 399 -44.69 17.20 -8.89
N ASN E 400 -45.91 17.72 -8.90
CA ASN E 400 -46.61 18.15 -10.11
C ASN E 400 -45.94 19.41 -10.62
N THR E 401 -45.25 19.31 -11.75
CA THR E 401 -44.52 20.45 -12.32
C THR E 401 -45.36 21.27 -13.29
N THR E 402 -46.68 21.24 -13.17
CA THR E 402 -47.55 22.03 -14.05
C THR E 402 -47.41 23.54 -13.83
N PRO E 403 -47.28 24.10 -12.60
CA PRO E 403 -47.08 25.56 -12.51
C PRO E 403 -45.77 26.02 -13.14
N LEU E 404 -44.81 25.11 -13.29
CA LEU E 404 -43.57 25.46 -13.94
C LEU E 404 -43.80 25.47 -15.45
N PHE E 405 -43.21 26.47 -16.07
CA PHE E 405 -43.13 26.90 -17.47
C PHE E 405 -44.42 27.47 -18.04
N ASN E 406 -45.56 26.77 -17.82
CA ASN E 406 -46.96 27.06 -18.17
C ASN E 406 -47.28 28.28 -19.05
N SER E 407 -46.52 28.56 -20.11
CA SER E 407 -46.83 29.76 -20.87
C SER E 407 -46.70 29.51 -22.37
N THR E 408 -46.78 30.61 -23.13
CA THR E 408 -46.70 30.64 -24.58
C THR E 408 -45.40 31.21 -25.11
N TRP E 409 -44.90 32.31 -24.54
CA TRP E 409 -43.65 32.96 -24.90
C TRP E 409 -43.50 33.32 -26.38
N ASN E 410 -44.29 34.28 -26.88
CA ASN E 410 -44.22 34.72 -28.27
C ASN E 410 -42.85 35.28 -28.63
N ASN E 411 -42.44 36.40 -28.07
CA ASN E 411 -41.13 36.95 -28.37
C ASN E 411 -40.22 36.66 -27.19
N THR E 412 -38.96 37.07 -27.29
CA THR E 412 -37.97 36.80 -26.26
C THR E 412 -38.25 37.61 -24.99
N ARG E 413 -38.15 36.92 -23.85
CA ARG E 413 -38.31 37.44 -22.49
C ARG E 413 -39.60 38.20 -22.23
N THR E 414 -40.75 37.56 -22.47
CA THR E 414 -42.05 38.19 -22.23
C THR E 414 -43.02 37.20 -21.61
N ASP E 415 -44.28 37.65 -21.54
CA ASP E 415 -45.43 36.92 -21.01
C ASP E 415 -45.22 36.49 -19.55
N ASP E 416 -45.13 37.50 -18.69
CA ASP E 416 -44.99 37.24 -17.26
C ASP E 416 -46.38 37.17 -16.61
N TYR E 417 -46.44 36.52 -15.46
CA TYR E 417 -47.73 36.42 -14.79
C TYR E 417 -47.83 36.62 -13.26
N PRO E 418 -47.10 37.57 -12.59
CA PRO E 418 -47.32 37.68 -11.14
C PRO E 418 -48.18 38.84 -10.69
N THR E 419 -48.50 39.77 -11.61
CA THR E 419 -49.24 41.05 -11.39
C THR E 419 -48.74 41.78 -10.13
N GLY E 420 -47.43 41.70 -9.91
CA GLY E 420 -46.79 42.30 -8.76
C GLY E 420 -46.70 41.39 -7.55
N GLY E 421 -46.93 40.09 -7.73
CA GLY E 421 -46.88 39.17 -6.61
C GLY E 421 -45.52 38.70 -6.13
N GLU E 422 -44.82 37.90 -6.96
CA GLU E 422 -43.49 37.32 -6.66
C GLU E 422 -43.55 36.54 -5.35
N GLN E 423 -44.64 35.79 -5.18
CA GLN E 423 -44.92 35.06 -3.95
C GLN E 423 -44.50 33.59 -3.96
N ASN E 424 -43.27 33.23 -4.34
CA ASN E 424 -42.77 31.85 -4.32
C ASN E 424 -43.65 30.80 -4.99
N ILE E 425 -43.67 30.70 -6.32
CA ILE E 425 -44.50 29.71 -7.03
C ILE E 425 -44.22 28.31 -6.50
N THR E 426 -45.25 27.68 -5.95
CA THR E 426 -45.17 26.38 -5.32
C THR E 426 -45.47 25.24 -6.29
N LEU E 427 -45.23 24.02 -5.80
CA LEU E 427 -45.46 22.78 -6.54
C LEU E 427 -46.00 21.77 -5.54
N GLN E 428 -47.23 21.32 -5.74
CA GLN E 428 -47.81 20.33 -4.84
C GLN E 428 -47.12 19.00 -5.08
N CYS E 429 -46.80 18.28 -3.99
CA CYS E 429 -46.08 17.03 -4.13
C CYS E 429 -46.73 15.87 -3.41
N ARG E 430 -46.59 14.70 -4.01
CA ARG E 430 -47.05 13.43 -3.46
C ARG E 430 -45.82 12.64 -3.05
N ILE E 431 -46.00 11.70 -2.13
CA ILE E 431 -44.87 10.91 -1.63
C ILE E 431 -45.19 9.43 -1.75
N LYS E 432 -44.29 8.67 -2.36
CA LYS E 432 -44.44 7.23 -2.50
C LYS E 432 -43.54 6.49 -1.53
N GLN E 433 -43.86 5.22 -1.34
CA GLN E 433 -43.11 4.31 -0.50
C GLN E 433 -42.62 3.11 -1.29
N ILE E 434 -43.46 2.58 -2.18
CA ILE E 434 -43.08 1.48 -3.06
C ILE E 434 -42.55 2.15 -4.32
N ILE E 435 -41.27 1.96 -4.61
CA ILE E 435 -40.62 2.64 -5.72
C ILE E 435 -40.27 1.67 -6.85
N ASN E 436 -40.73 2.00 -8.07
CA ASN E 436 -40.43 1.21 -9.26
C ASN E 436 -38.99 1.60 -9.61
N MET E 437 -38.08 0.92 -8.93
CA MET E 437 -36.66 1.18 -9.00
C MET E 437 -36.03 0.85 -10.35
N TRP E 438 -35.14 1.74 -10.79
CA TRP E 438 -34.34 1.62 -12.01
C TRP E 438 -35.04 1.32 -13.32
N GLN E 439 -35.62 2.36 -13.91
CA GLN E 439 -36.31 2.41 -15.19
C GLN E 439 -35.63 1.55 -16.25
N GLY E 440 -36.37 0.59 -16.80
CA GLY E 440 -35.84 -0.29 -17.82
C GLY E 440 -35.90 -1.77 -17.53
N VAL E 441 -35.66 -2.19 -16.29
CA VAL E 441 -35.68 -3.61 -15.94
C VAL E 441 -36.97 -3.97 -15.22
N GLY E 442 -37.17 -3.40 -14.05
CA GLY E 442 -38.36 -3.66 -13.25
C GLY E 442 -38.11 -4.58 -12.08
N LYS E 443 -37.83 -3.96 -10.93
CA LYS E 443 -37.58 -4.66 -9.69
C LYS E 443 -37.82 -3.59 -8.61
N ALA E 444 -38.97 -3.62 -7.97
CA ALA E 444 -39.29 -2.61 -6.98
C ALA E 444 -38.51 -2.80 -5.69
N MET E 445 -38.68 -1.84 -4.79
CA MET E 445 -38.05 -1.83 -3.49
C MET E 445 -38.94 -1.04 -2.55
N TYR E 446 -38.57 -1.04 -1.27
CA TYR E 446 -39.31 -0.32 -0.24
C TYR E 446 -38.40 0.73 0.37
N ALA E 447 -38.92 1.93 0.57
CA ALA E 447 -38.15 3.02 1.14
C ALA E 447 -38.48 3.17 2.61
N PRO E 448 -37.53 2.95 3.51
CA PRO E 448 -37.81 3.13 4.94
C PRO E 448 -37.99 4.60 5.27
N PRO E 449 -39.09 4.96 5.92
CA PRO E 449 -39.33 6.38 6.23
C PRO E 449 -38.38 6.93 7.28
N ILE E 450 -38.38 8.26 7.38
CA ILE E 450 -37.54 9.00 8.30
C ILE E 450 -38.41 9.49 9.45
N ARG E 451 -37.90 9.34 10.67
CA ARG E 451 -38.61 9.77 11.86
C ARG E 451 -38.47 11.27 12.03
N GLY E 452 -39.55 12.01 11.86
CA GLY E 452 -39.52 13.45 12.02
C GLY E 452 -39.73 14.22 10.75
N GLN E 453 -39.34 15.49 10.81
CA GLN E 453 -39.48 16.41 9.69
C GLN E 453 -38.35 16.21 8.69
N ILE E 454 -38.67 16.36 7.41
CA ILE E 454 -37.73 16.19 6.30
C ILE E 454 -37.63 17.51 5.55
N ARG E 455 -36.40 17.97 5.30
CA ARG E 455 -36.18 19.21 4.57
C ARG E 455 -34.94 19.06 3.69
N CYS E 456 -35.05 19.47 2.43
CA CYS E 456 -33.95 19.37 1.48
C CYS E 456 -33.90 20.62 0.62
N SER E 457 -32.74 20.84 -0.01
CA SER E 457 -32.54 21.99 -0.88
C SER E 457 -31.46 21.63 -1.89
N SER E 458 -31.76 21.85 -3.18
CA SER E 458 -30.81 21.55 -4.24
C SER E 458 -30.81 22.66 -5.28
N ASN E 459 -29.89 22.56 -6.22
CA ASN E 459 -29.71 23.54 -7.28
C ASN E 459 -30.20 22.99 -8.61
N ILE E 460 -31.20 23.62 -9.20
CA ILE E 460 -31.72 23.21 -10.50
C ILE E 460 -30.73 23.76 -11.53
N THR E 461 -29.89 22.90 -12.08
CA THR E 461 -28.89 23.32 -13.04
C THR E 461 -29.16 22.89 -14.48
N GLY E 462 -29.93 21.83 -14.68
CA GLY E 462 -30.22 21.34 -16.02
C GLY E 462 -31.72 21.27 -16.28
N LEU E 463 -32.04 20.84 -17.50
CA LEU E 463 -33.41 20.70 -17.95
C LEU E 463 -33.50 19.66 -19.05
N LEU E 464 -34.49 18.80 -18.94
CA LEU E 464 -34.77 17.79 -19.95
C LEU E 464 -36.04 18.26 -20.65
N LEU E 465 -36.06 18.20 -21.97
CA LEU E 465 -37.21 18.64 -22.73
C LEU E 465 -37.48 17.67 -23.87
N THR E 466 -38.54 17.94 -24.60
CA THR E 466 -38.94 17.13 -25.75
C THR E 466 -39.85 17.99 -26.62
N ARG E 467 -39.84 17.72 -27.92
CA ARG E 467 -40.65 18.47 -28.87
C ARG E 467 -41.77 17.58 -29.38
N ASP E 468 -42.98 18.13 -29.46
CA ASP E 468 -44.12 17.39 -29.95
C ASP E 468 -44.24 17.59 -31.46
N GLY E 469 -43.94 16.55 -32.23
CA GLY E 469 -44.05 16.68 -33.67
C GLY E 469 -45.49 16.59 -34.08
N GLY E 470 -46.09 17.72 -34.42
CA GLY E 470 -47.49 17.75 -34.81
C GLY E 470 -47.70 18.48 -36.11
N ARG E 471 -48.69 18.02 -36.88
CA ARG E 471 -49.00 18.62 -38.17
C ARG E 471 -49.83 19.89 -38.05
N ASP E 472 -50.24 20.26 -36.84
CA ASP E 472 -50.98 21.49 -36.59
C ASP E 472 -50.01 22.65 -36.30
N GLN E 473 -48.77 22.50 -36.72
CA GLN E 473 -47.68 23.45 -36.53
C GLN E 473 -47.95 24.72 -37.33
N ASN E 474 -48.37 25.76 -36.63
CA ASN E 474 -48.63 27.08 -37.19
C ASN E 474 -47.69 28.08 -36.56
N GLY E 475 -46.42 27.68 -36.42
CA GLY E 475 -45.44 28.52 -35.79
C GLY E 475 -45.47 28.41 -34.28
N THR E 476 -45.99 27.31 -33.76
CA THR E 476 -46.09 27.07 -32.31
C THR E 476 -45.64 25.64 -32.02
N GLU E 477 -44.35 25.44 -31.82
CA GLU E 477 -43.82 24.11 -31.52
C GLU E 477 -43.85 23.95 -30.00
N THR E 478 -44.77 23.13 -29.51
CA THR E 478 -44.91 22.92 -28.07
C THR E 478 -43.84 22.00 -27.50
N PHE E 479 -43.35 22.39 -26.32
CA PHE E 479 -42.34 21.65 -25.57
C PHE E 479 -42.91 21.15 -24.27
N ARG E 480 -42.44 19.99 -23.84
CA ARG E 480 -42.88 19.34 -22.62
C ARG E 480 -41.66 18.94 -21.80
N PRO E 481 -41.80 18.78 -20.49
CA PRO E 481 -40.64 18.38 -19.68
C PRO E 481 -40.20 16.95 -19.97
N GLY E 482 -41.12 16.05 -20.29
CA GLY E 482 -40.79 14.67 -20.60
C GLY E 482 -40.09 13.90 -19.51
N GLY E 483 -38.79 13.68 -19.70
CA GLY E 483 -37.98 12.94 -18.74
C GLY E 483 -37.02 12.02 -19.45
N GLY E 484 -37.42 11.53 -20.63
CA GLY E 484 -36.67 10.65 -21.50
C GLY E 484 -36.21 9.38 -20.81
N ASN E 485 -35.01 8.95 -21.18
CA ASN E 485 -34.36 7.77 -20.63
C ASN E 485 -33.56 8.15 -19.40
N MET E 486 -33.18 7.13 -18.61
CA MET E 486 -32.40 7.38 -17.42
C MET E 486 -30.96 7.77 -17.77
N ARG E 487 -30.49 7.33 -18.93
CA ARG E 487 -29.13 7.66 -19.37
C ARG E 487 -28.96 9.13 -19.70
N ASP E 488 -30.04 9.84 -20.02
CA ASP E 488 -29.96 11.25 -20.34
C ASP E 488 -29.58 12.10 -19.14
N ASN E 489 -29.76 11.59 -17.92
CA ASN E 489 -29.37 12.33 -16.74
C ASN E 489 -27.87 12.34 -16.57
N TRP E 490 -27.17 11.47 -17.28
CA TRP E 490 -25.73 11.33 -17.21
C TRP E 490 -25.01 11.81 -18.47
N ARG E 491 -25.74 12.04 -19.56
CA ARG E 491 -25.11 12.56 -20.76
C ARG E 491 -24.81 14.05 -20.63
N SER E 492 -25.44 14.71 -19.66
CA SER E 492 -25.22 16.13 -19.40
C SER E 492 -23.98 16.37 -18.56
N GLU E 493 -23.23 15.32 -18.24
CA GLU E 493 -22.01 15.40 -17.46
C GLU E 493 -20.84 14.69 -18.12
N LEU E 494 -21.09 13.81 -19.09
CA LEU E 494 -20.06 13.08 -19.80
C LEU E 494 -19.91 13.55 -21.24
N TYR E 495 -20.45 14.74 -21.53
CA TYR E 495 -20.39 15.28 -22.88
C TYR E 495 -19.05 15.92 -23.21
N LYS E 496 -18.18 16.08 -22.23
CA LYS E 496 -16.90 16.73 -22.48
C LYS E 496 -15.76 15.80 -22.84
N TYR E 497 -15.90 14.48 -22.70
CA TYR E 497 -14.76 13.65 -23.01
C TYR E 497 -15.12 12.25 -23.49
N LYS E 498 -14.10 11.60 -24.05
CA LYS E 498 -14.16 10.26 -24.61
C LYS E 498 -12.92 9.50 -24.16
N VAL E 499 -12.90 8.19 -24.38
CA VAL E 499 -11.79 7.32 -23.99
C VAL E 499 -11.09 6.85 -25.26
N VAL E 500 -9.80 7.14 -25.39
CA VAL E 500 -9.06 6.75 -26.57
C VAL E 500 -7.89 5.84 -26.23
N LYS E 501 -7.46 5.08 -27.23
CA LYS E 501 -6.34 4.17 -27.18
C LYS E 501 -5.26 4.75 -28.08
N ILE E 502 -4.00 4.48 -27.78
CA ILE E 502 -2.90 5.03 -28.56
C ILE E 502 -2.32 3.97 -29.46
N GLU E 503 -2.50 4.13 -30.77
CA GLU E 503 -1.92 3.22 -31.74
C GLU E 503 -0.57 3.82 -32.07
N PRO E 504 0.54 3.22 -31.69
CA PRO E 504 1.84 3.86 -31.90
C PRO E 504 2.50 3.72 -33.26
N LEU E 505 2.20 2.70 -34.05
CA LEU E 505 2.89 2.60 -35.34
C LEU E 505 2.08 3.22 -36.45
N GLY E 506 2.78 3.80 -37.41
CA GLY E 506 2.16 4.44 -38.55
C GLY E 506 3.15 4.46 -39.68
N ILE E 507 2.64 4.42 -40.90
CA ILE E 507 3.50 4.41 -42.08
C ILE E 507 3.40 5.77 -42.77
N ALA E 508 4.44 6.07 -43.56
CA ALA E 508 4.55 7.32 -44.30
C ALA E 508 5.60 7.12 -45.36
N PRO E 509 5.48 7.78 -46.51
CA PRO E 509 6.48 7.62 -47.57
C PRO E 509 7.58 8.67 -47.52
N THR E 510 8.77 8.25 -47.95
CA THR E 510 9.93 9.12 -47.99
C THR E 510 10.86 8.62 -49.09
N ALA E 511 12.04 9.24 -49.21
CA ALA E 511 12.99 8.91 -50.25
C ALA E 511 14.10 7.95 -49.82
N CYS E 512 14.02 7.30 -48.67
CA CYS E 512 15.10 6.39 -48.33
C CYS E 512 14.83 5.02 -48.93
N LYS E 513 15.86 4.18 -48.95
CA LYS E 513 15.75 2.83 -49.49
C LYS E 513 16.56 1.89 -48.63
N ARG E 514 16.07 0.66 -48.46
CA ARG E 514 16.77 -0.33 -47.67
C ARG E 514 17.88 -0.98 -48.48
N ARG E 515 19.07 -1.06 -47.89
CA ARG E 515 20.21 -1.67 -48.56
C ARG E 515 20.02 -3.18 -48.66
N VAL E 516 20.20 -3.70 -49.87
CA VAL E 516 20.04 -5.14 -50.10
C VAL E 516 21.17 -5.62 -51.01
N ALA F 1 9.88 9.09 -23.43
CA ALA F 1 9.98 10.31 -22.65
C ALA F 1 10.60 11.45 -23.47
N VAL F 2 11.05 11.12 -24.66
CA VAL F 2 11.67 12.09 -25.56
C VAL F 2 10.59 12.62 -26.50
N GLY F 3 10.71 13.88 -26.92
CA GLY F 3 9.76 14.48 -27.82
C GLY F 3 8.63 15.23 -27.14
N LEU F 4 8.23 14.76 -25.95
CA LEU F 4 7.17 15.32 -25.12
C LEU F 4 5.84 15.38 -25.86
N GLY F 5 5.28 14.22 -26.17
CA GLY F 5 4.01 14.14 -26.87
C GLY F 5 2.84 13.89 -25.94
N ALA F 6 3.04 14.19 -24.65
CA ALA F 6 2.10 14.08 -23.54
C ALA F 6 1.66 12.66 -23.18
N PHE F 7 2.11 11.66 -23.93
CA PHE F 7 1.77 10.26 -23.71
C PHE F 7 3.06 9.48 -23.55
N ILE F 8 2.95 8.27 -22.99
CA ILE F 8 4.14 7.43 -22.84
C ILE F 8 4.56 6.91 -24.19
N LEU F 9 3.63 6.33 -24.94
CA LEU F 9 3.89 5.91 -26.30
C LEU F 9 3.62 7.12 -27.17
N GLY F 10 3.92 7.02 -28.46
CA GLY F 10 3.71 8.19 -29.28
C GLY F 10 4.73 9.27 -29.02
N PHE F 11 5.97 8.85 -28.72
CA PHE F 11 7.08 9.73 -28.41
C PHE F 11 7.79 10.31 -29.62
N LEU F 12 7.44 9.89 -30.83
CA LEU F 12 8.12 10.43 -32.01
C LEU F 12 7.63 11.82 -32.39
N GLY F 13 6.68 12.39 -31.64
CA GLY F 13 6.19 13.72 -31.95
C GLY F 13 5.02 14.05 -31.05
N ALA F 14 4.60 15.31 -31.14
CA ALA F 14 3.49 15.82 -30.36
C ALA F 14 2.28 15.95 -31.27
N ALA F 15 1.11 15.62 -30.75
CA ALA F 15 -0.11 15.71 -31.53
C ALA F 15 -0.46 17.17 -31.76
N GLY F 16 -0.65 17.54 -33.01
CA GLY F 16 -0.97 18.91 -33.35
C GLY F 16 0.07 19.46 -34.28
N SER F 17 1.33 19.12 -34.05
CA SER F 17 2.41 19.59 -34.91
C SER F 17 2.44 18.72 -36.17
N THR F 18 2.93 19.30 -37.25
CA THR F 18 3.01 18.61 -38.53
C THR F 18 4.02 17.47 -38.48
N MET F 19 3.95 16.61 -39.51
CA MET F 19 4.82 15.46 -39.61
C MET F 19 6.27 15.87 -39.81
N GLY F 20 6.51 16.94 -40.58
CA GLY F 20 7.87 17.38 -40.80
C GLY F 20 8.47 18.10 -39.62
N ALA F 21 7.69 18.97 -38.97
CA ALA F 21 8.19 19.71 -37.83
C ALA F 21 8.37 18.84 -36.59
N ALA F 22 7.73 17.66 -36.54
CA ALA F 22 7.90 16.79 -35.40
C ALA F 22 9.24 16.06 -35.44
N SER F 23 9.75 15.78 -36.64
CA SER F 23 11.03 15.12 -36.78
C SER F 23 12.18 16.10 -36.73
N MET F 24 11.98 17.33 -37.22
CA MET F 24 13.05 18.32 -37.16
C MET F 24 13.26 18.79 -35.73
N ALA F 25 12.20 18.79 -34.92
CA ALA F 25 12.31 19.19 -33.53
C ALA F 25 12.67 18.01 -32.65
N LEU F 26 12.71 16.81 -33.19
CA LEU F 26 13.08 15.64 -32.41
C LEU F 26 14.59 15.49 -32.32
N THR F 27 15.29 15.71 -33.44
CA THR F 27 16.74 15.62 -33.43
C THR F 27 17.35 16.74 -32.60
N VAL F 28 16.70 17.91 -32.58
CA VAL F 28 17.18 19.03 -31.77
C VAL F 28 16.97 18.71 -30.31
N GLN F 29 15.85 18.07 -29.98
CA GLN F 29 15.57 17.69 -28.61
C GLN F 29 16.45 16.51 -28.19
N ALA F 30 16.87 15.69 -29.16
CA ALA F 30 17.71 14.55 -28.85
C ALA F 30 19.16 14.96 -28.60
N ARG F 31 19.60 16.08 -29.17
CA ARG F 31 20.97 16.52 -28.94
C ARG F 31 21.15 17.02 -27.51
N LEU F 32 20.09 17.58 -26.93
CA LEU F 32 20.17 18.09 -25.57
C LEU F 32 20.12 16.98 -24.53
N LEU F 33 19.70 15.77 -24.92
CA LEU F 33 19.64 14.68 -23.97
C LEU F 33 20.90 13.83 -23.98
N LEU F 34 21.57 13.71 -25.13
CA LEU F 34 22.81 12.93 -25.16
C LEU F 34 23.95 13.72 -24.52
N SER F 35 23.99 15.03 -24.76
CA SER F 35 25.04 15.86 -24.17
C SER F 35 24.87 16.00 -22.67
N GLY F 36 23.67 15.78 -22.14
CA GLY F 36 23.44 15.89 -20.72
C GLY F 36 23.48 17.29 -20.17
N ILE F 37 23.37 18.29 -21.03
CA ILE F 37 23.41 19.68 -20.56
C ILE F 37 22.01 20.08 -20.12
N VAL F 38 21.94 21.00 -19.16
CA VAL F 38 20.66 21.46 -18.63
C VAL F 38 20.33 22.86 -19.16
N HIS F 53 -0.97 13.12 2.48
CA HIS F 53 -1.58 11.87 2.91
C HIS F 53 -0.68 10.73 2.45
N MET F 54 -0.94 9.51 2.91
CA MET F 54 -0.10 8.37 2.53
C MET F 54 -0.93 7.24 1.93
N LEU F 55 -2.16 7.05 2.40
CA LEU F 55 -2.99 5.98 1.86
C LEU F 55 -3.41 6.28 0.43
N GLN F 56 -3.66 7.54 0.10
CA GLN F 56 -4.02 7.90 -1.27
C GLN F 56 -2.79 8.12 -2.11
N LEU F 57 -1.60 8.01 -1.51
CA LEU F 57 -0.35 8.17 -2.21
C LEU F 57 0.31 6.83 -2.52
N THR F 58 -0.06 5.77 -1.79
CA THR F 58 0.47 4.44 -2.02
C THR F 58 -0.38 3.65 -3.01
N VAL F 59 -1.60 4.09 -3.28
CA VAL F 59 -2.46 3.41 -4.25
C VAL F 59 -2.25 4.01 -5.63
N TRP F 60 -2.14 5.34 -5.69
CA TRP F 60 -1.89 6.02 -6.95
C TRP F 60 -0.43 5.97 -7.36
N GLY F 61 0.43 5.40 -6.53
CA GLY F 61 1.83 5.27 -6.86
C GLY F 61 1.95 3.99 -7.64
N ILE F 62 1.02 3.08 -7.38
CA ILE F 62 0.99 1.79 -8.07
C ILE F 62 0.37 1.94 -9.45
N LYS F 63 -0.73 2.70 -9.55
CA LYS F 63 -1.38 2.90 -10.83
C LYS F 63 -0.53 3.70 -11.81
N GLN F 64 0.41 4.49 -11.32
CA GLN F 64 1.30 5.18 -12.25
C GLN F 64 2.38 4.23 -12.71
N LEU F 65 2.69 3.21 -11.90
CA LEU F 65 3.67 2.21 -12.28
C LEU F 65 3.06 1.23 -13.27
N GLN F 66 1.81 0.85 -13.07
CA GLN F 66 1.14 -0.08 -13.98
C GLN F 66 0.93 0.55 -15.35
N ALA F 67 0.89 1.86 -15.44
CA ALA F 67 0.74 2.52 -16.73
C ALA F 67 2.07 2.62 -17.44
N ARG F 68 3.18 2.64 -16.69
CA ARG F 68 4.51 2.72 -17.27
C ARG F 68 5.07 1.35 -17.59
N VAL F 69 4.83 0.35 -16.74
CA VAL F 69 5.35 -0.99 -17.00
C VAL F 69 4.61 -1.63 -18.18
N LEU F 70 3.31 -1.34 -18.34
CA LEU F 70 2.56 -1.87 -19.47
C LEU F 70 3.04 -1.25 -20.77
N ALA F 71 3.39 0.04 -20.75
CA ALA F 71 3.88 0.68 -21.95
C ALA F 71 5.28 0.20 -22.31
N VAL F 72 6.06 -0.25 -21.33
CA VAL F 72 7.39 -0.77 -21.62
C VAL F 72 7.26 -2.16 -22.24
N GLU F 73 6.33 -2.97 -21.71
CA GLU F 73 6.12 -4.32 -22.24
C GLU F 73 5.54 -4.26 -23.65
N ARG F 74 4.71 -3.26 -23.95
CA ARG F 74 4.16 -3.16 -25.28
C ARG F 74 5.24 -2.66 -26.24
N TYR F 75 6.17 -1.86 -25.74
CA TYR F 75 7.25 -1.36 -26.58
C TYR F 75 8.22 -2.47 -26.92
N LEU F 76 8.65 -3.25 -25.92
CA LEU F 76 9.59 -4.34 -26.15
C LEU F 76 8.97 -5.44 -27.00
N ARG F 77 7.66 -5.60 -26.95
CA ARG F 77 7.01 -6.62 -27.75
C ARG F 77 6.94 -6.19 -29.20
N ASP F 78 6.55 -4.94 -29.44
CA ASP F 78 6.43 -4.45 -30.79
C ASP F 78 7.77 -4.26 -31.47
N GLN F 79 8.85 -4.03 -30.74
CA GLN F 79 10.15 -3.90 -31.39
C GLN F 79 10.63 -5.23 -31.94
N GLN F 80 10.11 -6.34 -31.43
CA GLN F 80 10.48 -7.65 -31.94
C GLN F 80 9.45 -8.18 -32.93
N LEU F 81 8.21 -7.71 -32.87
CA LEU F 81 7.21 -8.15 -33.83
C LEU F 81 7.45 -7.55 -35.20
N LEU F 82 8.26 -6.49 -35.28
CA LEU F 82 8.59 -5.87 -36.55
C LEU F 82 9.62 -6.66 -37.32
N GLY F 83 10.05 -7.82 -36.80
CA GLY F 83 11.00 -8.67 -37.49
C GLY F 83 10.42 -9.32 -38.72
N ILE F 84 9.10 -9.32 -38.86
CA ILE F 84 8.43 -9.87 -40.02
C ILE F 84 8.58 -8.93 -41.20
N TRP F 85 8.93 -7.67 -40.92
CA TRP F 85 9.09 -6.65 -41.95
C TRP F 85 10.55 -6.25 -42.09
N GLY F 86 11.45 -6.89 -41.35
CA GLY F 86 12.86 -6.57 -41.38
C GLY F 86 13.26 -5.37 -40.54
N CYS F 87 12.32 -4.78 -39.81
CA CYS F 87 12.57 -3.62 -38.97
C CYS F 87 12.66 -4.00 -37.51
N SER F 88 13.28 -5.13 -37.21
CA SER F 88 13.42 -5.61 -35.84
C SER F 88 14.28 -4.68 -35.00
N GLY F 89 13.67 -4.06 -33.99
CA GLY F 89 14.39 -3.17 -33.12
C GLY F 89 14.73 -1.82 -33.71
N LYS F 90 13.78 -1.16 -34.36
CA LYS F 90 14.02 0.15 -34.95
C LYS F 90 12.81 1.05 -34.72
N ILE F 91 13.06 2.35 -34.80
CA ILE F 91 12.02 3.36 -34.63
C ILE F 91 11.62 3.85 -36.01
N ILE F 92 12.56 4.47 -36.71
CA ILE F 92 12.33 4.99 -38.05
C ILE F 92 12.98 3.98 -38.98
N CYS F 93 12.18 3.01 -39.43
CA CYS F 93 12.72 2.00 -40.32
C CYS F 93 12.66 2.49 -41.76
N CYS F 94 13.05 1.62 -42.68
CA CYS F 94 13.05 1.97 -44.10
C CYS F 94 12.98 0.67 -44.89
N THR F 95 11.93 0.50 -45.68
CA THR F 95 11.72 -0.71 -46.47
C THR F 95 11.95 -0.41 -47.95
N ASN F 96 11.70 -1.43 -48.79
CA ASN F 96 11.86 -1.29 -50.23
C ASN F 96 10.57 -1.53 -50.99
N VAL F 97 9.43 -1.26 -50.39
CA VAL F 97 8.16 -1.45 -51.08
C VAL F 97 7.85 -0.19 -51.86
N PRO F 98 7.57 -0.29 -53.17
CA PRO F 98 7.28 0.91 -53.97
C PRO F 98 5.97 1.54 -53.56
N TRP F 99 6.01 2.84 -53.26
CA TRP F 99 4.81 3.56 -52.87
C TRP F 99 3.93 3.75 -54.09
N ASN F 100 2.75 3.15 -54.06
CA ASN F 100 1.82 3.25 -55.17
C ASN F 100 1.24 4.66 -55.22
N ASP F 101 1.12 5.22 -56.42
CA ASP F 101 0.59 6.56 -56.55
C ASP F 101 -0.91 6.63 -56.26
N SER F 102 -1.62 5.51 -56.34
CA SER F 102 -3.04 5.49 -56.04
C SER F 102 -3.33 5.58 -54.55
N TRP F 103 -2.30 5.46 -53.71
CA TRP F 103 -2.44 5.53 -52.26
C TRP F 103 -2.22 6.96 -51.78
N SER F 104 -2.97 7.90 -52.37
CA SER F 104 -2.92 9.33 -52.05
C SER F 104 -1.52 9.91 -52.27
N ASN F 105 -1.18 10.09 -53.55
CA ASN F 105 0.10 10.63 -54.06
C ASN F 105 0.64 11.80 -53.23
N LYS F 106 -0.09 12.91 -53.22
CA LYS F 106 0.14 14.11 -52.42
C LYS F 106 1.47 14.85 -52.48
N THR F 107 2.46 14.41 -53.27
CA THR F 107 3.75 15.10 -53.42
C THR F 107 4.51 15.30 -52.09
N ILE F 108 5.33 14.32 -51.69
CA ILE F 108 6.10 14.16 -50.44
C ILE F 108 6.39 15.42 -49.62
N ASN F 109 6.84 16.49 -50.27
CA ASN F 109 7.10 17.72 -49.52
C ASN F 109 5.81 18.37 -48.99
N GLU F 110 4.66 18.04 -49.57
CA GLU F 110 3.38 18.58 -49.10
C GLU F 110 2.77 17.75 -47.99
N ILE F 111 3.25 16.53 -47.77
CA ILE F 111 2.72 15.71 -46.70
C ILE F 111 3.31 16.11 -45.37
N TRP F 112 4.64 16.19 -45.32
CA TRP F 112 5.35 16.52 -44.10
C TRP F 112 5.18 17.96 -43.69
N ASP F 113 4.90 18.87 -44.63
CA ASP F 113 4.77 20.28 -44.29
C ASP F 113 3.34 20.74 -44.03
N ASN F 114 2.34 19.93 -44.36
CA ASN F 114 0.97 20.36 -44.13
C ASN F 114 0.16 19.45 -43.23
N MET F 115 0.26 18.15 -43.40
CA MET F 115 -0.52 17.20 -42.63
C MET F 115 0.21 16.74 -41.38
N THR F 116 -0.56 16.47 -40.33
CA THR F 116 -0.04 15.97 -39.08
C THR F 116 -0.20 14.45 -39.11
N TRP F 117 0.04 13.78 -37.99
CA TRP F 117 -0.13 12.34 -38.01
C TRP F 117 -1.59 11.94 -37.95
N MET F 118 -2.45 12.80 -37.40
CA MET F 118 -3.86 12.46 -37.33
C MET F 118 -4.53 12.55 -38.69
N GLN F 119 -4.22 13.58 -39.47
CA GLN F 119 -4.83 13.70 -40.79
C GLN F 119 -4.27 12.69 -41.76
N TRP F 120 -3.02 12.26 -41.56
CA TRP F 120 -2.46 11.30 -42.49
C TRP F 120 -3.01 9.90 -42.28
N GLU F 121 -3.35 9.54 -41.04
CA GLU F 121 -3.90 8.21 -40.80
C GLU F 121 -5.32 8.12 -41.34
N LYS F 122 -6.04 9.24 -41.38
CA LYS F 122 -7.38 9.27 -41.93
C LYS F 122 -7.37 9.31 -43.44
N GLU F 123 -6.20 9.52 -44.04
CA GLU F 123 -6.02 9.59 -45.48
C GLU F 123 -5.80 8.22 -46.09
N ILE F 124 -5.08 7.34 -45.41
CA ILE F 124 -4.80 6.00 -45.91
C ILE F 124 -5.40 4.93 -45.01
N ASP F 125 -6.53 5.24 -44.38
CA ASP F 125 -7.20 4.29 -43.48
C ASP F 125 -7.66 3.04 -44.20
N ASN F 126 -8.06 3.16 -45.46
CA ASN F 126 -8.49 2.02 -46.24
C ASN F 126 -7.34 1.25 -46.87
N TYR F 127 -6.11 1.75 -46.76
CA TYR F 127 -4.98 1.09 -47.38
C TYR F 127 -3.95 0.53 -46.41
N THR F 128 -4.09 0.75 -45.10
CA THR F 128 -3.10 0.22 -44.17
C THR F 128 -3.16 -1.29 -44.07
N GLN F 129 -4.33 -1.89 -44.26
CA GLN F 129 -4.40 -3.34 -44.17
C GLN F 129 -3.82 -4.03 -45.39
N HIS F 130 -3.71 -3.32 -46.51
CA HIS F 130 -3.13 -3.90 -47.71
C HIS F 130 -1.64 -3.69 -47.78
N ILE F 131 -1.13 -2.58 -47.25
CA ILE F 131 0.30 -2.32 -47.26
C ILE F 131 0.99 -3.21 -46.25
N TYR F 132 0.31 -3.55 -45.15
CA TYR F 132 0.88 -4.43 -44.14
C TYR F 132 1.12 -5.84 -44.67
N THR F 133 0.39 -6.25 -45.72
CA THR F 133 0.62 -7.56 -46.30
C THR F 133 1.73 -7.52 -47.34
N LEU F 134 1.93 -6.39 -48.00
CA LEU F 134 2.99 -6.28 -48.99
C LEU F 134 4.36 -6.20 -48.32
N LEU F 135 4.41 -5.73 -47.08
CA LEU F 135 5.68 -5.64 -46.37
C LEU F 135 6.17 -7.03 -45.97
N GLU F 136 5.23 -7.92 -45.61
CA GLU F 136 5.61 -9.26 -45.22
C GLU F 136 6.06 -10.08 -46.43
N VAL F 137 5.41 -9.88 -47.58
CA VAL F 137 5.78 -10.60 -48.79
C VAL F 137 7.16 -10.16 -49.27
N SER F 138 7.44 -8.86 -49.21
CA SER F 138 8.73 -8.35 -49.65
C SER F 138 9.86 -8.74 -48.69
N GLN F 139 9.54 -9.03 -47.43
CA GLN F 139 10.58 -9.42 -46.49
C GLN F 139 10.97 -10.88 -46.68
N ILE F 140 9.99 -11.73 -47.00
CA ILE F 140 10.27 -13.15 -47.24
C ILE F 140 11.16 -13.30 -48.46
N GLN F 141 11.02 -12.41 -49.44
CA GLN F 141 11.88 -12.45 -50.62
C GLN F 141 13.31 -12.06 -50.25
N GLN F 142 13.47 -11.19 -49.24
CA GLN F 142 14.82 -10.80 -48.83
C GLN F 142 15.47 -11.92 -48.03
N GLU F 143 14.70 -12.63 -47.22
CA GLU F 143 15.22 -13.74 -46.42
C GLU F 143 15.40 -15.00 -47.25
N LYS F 144 15.03 -14.97 -48.53
CA LYS F 144 15.17 -16.10 -49.44
C LYS F 144 16.24 -15.85 -50.49
N ASN F 145 16.33 -14.62 -51.00
CA ASN F 145 17.34 -14.30 -51.98
C ASN F 145 18.71 -14.17 -51.34
N GLU F 146 18.78 -13.56 -50.15
CA GLU F 146 20.04 -13.40 -49.45
C GLU F 146 20.46 -14.67 -48.72
N GLN F 147 19.61 -15.69 -48.73
CA GLN F 147 19.92 -16.96 -48.10
C GLN F 147 20.46 -17.97 -49.09
N GLU F 148 19.98 -17.94 -50.33
CA GLU F 148 20.45 -18.84 -51.36
C GLU F 148 21.88 -18.50 -51.79
N LEU F 149 22.31 -17.26 -51.59
CA LEU F 149 23.67 -16.86 -51.95
C LEU F 149 24.71 -17.54 -51.07
N LEU F 150 24.31 -17.90 -49.84
CA LEU F 150 25.23 -18.57 -48.93
C LEU F 150 25.24 -20.07 -49.15
N GLU F 151 24.17 -20.63 -49.69
CA GLU F 151 24.11 -22.07 -49.94
C GLU F 151 24.99 -22.49 -51.11
N LEU F 152 25.36 -21.55 -51.97
CA LEU F 152 26.21 -21.89 -53.12
C LEU F 152 27.65 -22.16 -52.71
N ASP F 153 28.10 -21.57 -51.60
CA ASP F 153 29.47 -21.78 -51.14
C ASP F 153 29.65 -23.17 -50.53
N GLN G 1 -51.49 12.65 -35.69
CA GLN G 1 -52.42 12.20 -34.68
C GLN G 1 -51.99 10.85 -34.10
N VAL G 2 -52.57 10.47 -32.98
CA VAL G 2 -52.24 9.20 -32.34
C VAL G 2 -52.82 8.05 -33.15
N GLN G 3 -51.97 7.12 -33.54
CA GLN G 3 -52.42 5.99 -34.33
C GLN G 3 -51.49 4.80 -34.09
N LEU G 4 -52.09 3.63 -33.89
CA LEU G 4 -51.36 2.40 -33.68
C LEU G 4 -51.55 1.51 -34.90
N VAL G 5 -50.45 1.15 -35.55
CA VAL G 5 -50.47 0.31 -36.74
C VAL G 5 -49.83 -1.02 -36.39
N GLN G 6 -50.60 -2.08 -36.48
CA GLN G 6 -50.11 -3.42 -36.19
C GLN G 6 -49.54 -4.05 -37.45
N SER G 7 -48.94 -5.23 -37.30
CA SER G 7 -48.37 -5.92 -38.44
C SER G 7 -49.48 -6.69 -39.17
N GLY G 8 -49.10 -7.39 -40.24
CA GLY G 8 -50.05 -8.15 -41.02
C GLY G 8 -50.42 -9.46 -40.35
N ALA G 9 -51.18 -10.27 -41.10
CA ALA G 9 -51.61 -11.57 -40.61
C ALA G 9 -50.43 -12.52 -40.53
N GLU G 10 -50.58 -13.55 -39.69
CA GLU G 10 -49.50 -14.53 -39.52
C GLU G 10 -50.12 -15.89 -39.22
N VAL G 11 -50.30 -16.68 -40.28
CA VAL G 11 -50.87 -18.02 -40.15
C VAL G 11 -49.74 -18.97 -39.82
N LYS G 12 -49.79 -19.58 -38.63
CA LYS G 12 -48.74 -20.50 -38.20
C LYS G 12 -49.32 -21.83 -37.75
N LYS G 13 -48.44 -22.83 -37.74
CA LYS G 13 -48.78 -24.17 -37.33
C LYS G 13 -48.94 -24.22 -35.81
N PRO G 14 -49.74 -25.17 -35.28
CA PRO G 14 -49.91 -25.26 -33.83
C PRO G 14 -48.63 -25.74 -33.16
N GLY G 15 -48.08 -24.90 -32.27
CA GLY G 15 -46.86 -25.22 -31.57
C GLY G 15 -45.75 -24.27 -31.94
N ALA G 16 -46.08 -23.25 -32.73
CA ALA G 16 -45.12 -22.25 -33.18
C ALA G 16 -45.16 -21.03 -32.26
N SER G 17 -44.49 -19.96 -32.66
CA SER G 17 -44.43 -18.73 -31.90
C SER G 17 -44.83 -17.56 -32.78
N VAL G 18 -46.01 -17.01 -32.54
CA VAL G 18 -46.53 -15.88 -33.30
C VAL G 18 -46.02 -14.60 -32.65
N LYS G 19 -45.42 -13.72 -33.45
CA LYS G 19 -44.86 -12.46 -32.95
C LYS G 19 -45.68 -11.29 -33.51
N VAL G 20 -46.64 -10.83 -32.72
CA VAL G 20 -47.49 -9.71 -33.10
C VAL G 20 -46.82 -8.42 -32.63
N SER G 21 -46.77 -7.42 -33.49
CA SER G 21 -46.13 -6.16 -33.16
C SER G 21 -47.08 -4.98 -33.26
N CYS G 22 -46.79 -3.95 -32.46
CA CYS G 22 -47.53 -2.70 -32.40
C CYS G 22 -46.57 -1.59 -32.82
N GLN G 23 -47.12 -0.41 -33.13
CA GLN G 23 -46.26 0.69 -33.55
C GLN G 23 -46.90 2.02 -33.20
N ALA G 24 -46.23 2.78 -32.33
CA ALA G 24 -46.71 4.09 -31.90
C ALA G 24 -46.18 5.16 -32.84
N SER G 25 -47.06 6.08 -33.25
CA SER G 25 -46.66 7.13 -34.17
C SER G 25 -46.88 8.54 -33.67
N GLY G 26 -48.09 8.87 -33.19
CA GLY G 26 -48.38 10.21 -32.76
C GLY G 26 -48.11 10.64 -31.33
N TYR G 27 -47.26 9.92 -30.60
CA TYR G 27 -46.96 10.29 -29.22
C TYR G 27 -45.61 9.71 -28.85
N ARG G 28 -45.25 9.84 -27.57
CA ARG G 28 -43.99 9.30 -27.06
C ARG G 28 -44.29 7.93 -26.49
N PHE G 29 -43.82 6.88 -27.19
CA PHE G 29 -44.06 5.50 -26.80
C PHE G 29 -43.49 5.15 -25.42
N SER G 30 -42.46 5.84 -24.98
CA SER G 30 -41.87 5.53 -23.68
C SER G 30 -42.62 6.16 -22.51
N ASN G 31 -43.89 6.54 -22.65
CA ASN G 31 -44.62 7.13 -21.54
C ASN G 31 -45.99 6.53 -21.28
N PHE G 32 -46.53 5.69 -22.17
CA PHE G 32 -47.85 5.10 -21.98
C PHE G 32 -47.76 3.59 -21.94
N VAL G 33 -48.74 2.97 -21.26
CA VAL G 33 -48.82 1.52 -21.10
C VAL G 33 -49.64 0.94 -22.24
N ILE G 34 -49.15 -0.16 -22.82
CA ILE G 34 -49.79 -0.82 -23.96
C ILE G 34 -50.49 -2.10 -23.49
N HIS G 35 -51.75 -2.25 -23.89
CA HIS G 35 -52.57 -3.42 -23.58
C HIS G 35 -52.77 -4.29 -24.81
N TRP G 36 -52.99 -5.58 -24.56
CA TRP G 36 -53.28 -6.56 -25.60
C TRP G 36 -54.51 -7.34 -25.18
N VAL G 37 -55.50 -7.42 -26.07
CA VAL G 37 -56.71 -8.16 -25.81
C VAL G 37 -56.88 -9.17 -26.93
N ARG G 38 -57.78 -10.13 -26.74
CA ARG G 38 -58.04 -11.16 -27.73
C ARG G 38 -59.52 -11.19 -28.07
N GLN G 39 -59.82 -11.42 -29.35
CA GLN G 39 -61.20 -11.48 -29.83
C GLN G 39 -61.34 -12.60 -30.83
N ALA G 40 -62.12 -13.60 -30.45
CA ALA G 40 -62.55 -14.82 -31.13
C ALA G 40 -63.90 -14.55 -31.80
N PRO G 41 -64.12 -15.11 -33.00
CA PRO G 41 -65.39 -14.86 -33.70
C PRO G 41 -66.61 -15.40 -32.97
N GLY G 42 -67.44 -14.47 -32.48
CA GLY G 42 -68.65 -14.80 -31.75
C GLY G 42 -68.51 -14.69 -30.25
N GLN G 43 -67.28 -14.76 -29.73
CA GLN G 43 -67.03 -14.68 -28.30
C GLN G 43 -66.93 -13.22 -27.86
N ARG G 44 -66.45 -13.01 -26.63
CA ARG G 44 -66.26 -11.69 -26.04
C ARG G 44 -64.78 -11.34 -26.07
N PHE G 45 -64.48 -10.09 -25.74
CA PHE G 45 -63.08 -9.70 -25.65
C PHE G 45 -62.49 -10.33 -24.40
N GLU G 46 -61.16 -10.41 -24.37
CA GLU G 46 -60.50 -10.98 -23.21
C GLU G 46 -59.11 -10.40 -23.08
N TRP G 47 -58.82 -9.89 -21.89
CA TRP G 47 -57.54 -9.27 -21.58
C TRP G 47 -56.41 -10.29 -21.56
N MET G 48 -55.26 -9.88 -22.07
CA MET G 48 -54.09 -10.74 -22.14
C MET G 48 -52.90 -10.22 -21.35
N GLY G 49 -53.00 -9.03 -20.77
CA GLY G 49 -51.91 -8.45 -20.01
C GLY G 49 -51.50 -7.10 -20.56
N TRP G 50 -50.50 -6.52 -19.90
CA TRP G 50 -49.99 -5.23 -20.33
C TRP G 50 -48.50 -5.16 -20.06
N ILE G 51 -47.85 -4.20 -20.70
CA ILE G 51 -46.43 -3.97 -20.52
C ILE G 51 -46.23 -2.47 -20.32
N ASN G 52 -45.33 -2.12 -19.42
CA ASN G 52 -45.04 -0.72 -19.17
C ASN G 52 -43.68 -0.48 -19.78
N PRO G 53 -43.59 0.11 -20.97
CA PRO G 53 -42.28 0.32 -21.61
C PRO G 53 -41.40 1.32 -20.91
N TYR G 54 -41.93 2.10 -19.97
CA TYR G 54 -41.13 3.07 -19.25
C TYR G 54 -40.17 2.37 -18.31
N ASN G 55 -40.70 1.67 -17.31
CA ASN G 55 -39.88 0.99 -16.33
C ASN G 55 -39.75 -0.51 -16.54
N GLY G 56 -40.30 -1.06 -17.62
CA GLY G 56 -40.20 -2.50 -17.82
C GLY G 56 -41.10 -3.33 -16.94
N ASN G 57 -42.10 -2.73 -16.31
CA ASN G 57 -43.01 -3.46 -15.44
C ASN G 57 -43.98 -4.25 -16.31
N LYS G 58 -44.04 -5.56 -16.10
CA LYS G 58 -44.91 -6.43 -16.88
C LYS G 58 -45.93 -7.12 -15.99
N GLU G 59 -47.14 -7.27 -16.50
CA GLU G 59 -48.21 -7.94 -15.77
C GLU G 59 -49.14 -8.57 -16.78
N PHE G 60 -49.31 -9.88 -16.69
CA PHE G 60 -50.16 -10.64 -17.58
C PHE G 60 -51.17 -11.43 -16.76
N SER G 61 -52.31 -11.74 -17.38
CA SER G 61 -53.37 -12.46 -16.70
C SER G 61 -52.96 -13.89 -16.37
N ALA G 62 -53.65 -14.46 -15.36
CA ALA G 62 -53.38 -15.81 -14.89
C ALA G 62 -53.74 -16.87 -15.92
N LYS G 63 -54.64 -16.57 -16.86
CA LYS G 63 -55.02 -17.54 -17.87
C LYS G 63 -53.89 -17.77 -18.86
N PHE G 64 -53.06 -16.76 -19.10
CA PHE G 64 -51.93 -16.83 -20.02
C PHE G 64 -50.64 -16.70 -19.24
N GLN G 65 -50.55 -17.46 -18.15
CA GLN G 65 -49.38 -17.42 -17.27
C GLN G 65 -48.10 -17.86 -17.98
N ASP G 66 -48.03 -19.11 -18.41
CA ASP G 66 -46.85 -19.66 -19.09
C ASP G 66 -47.06 -19.83 -20.58
N ARG G 67 -47.76 -18.90 -21.24
CA ARG G 67 -47.98 -19.06 -22.67
C ARG G 67 -47.63 -17.82 -23.47
N VAL G 68 -47.83 -16.63 -22.90
CA VAL G 68 -47.58 -15.37 -23.60
C VAL G 68 -46.57 -14.54 -22.82
N THR G 69 -45.54 -14.05 -23.51
CA THR G 69 -44.52 -13.20 -22.93
C THR G 69 -44.58 -11.84 -23.62
N PHE G 70 -44.16 -10.80 -22.91
CA PHE G 70 -44.21 -9.43 -23.41
C PHE G 70 -42.82 -8.82 -23.49
N THR G 71 -42.53 -8.17 -24.63
CA THR G 71 -41.26 -7.49 -24.86
C THR G 71 -41.55 -6.19 -25.61
N ALA G 72 -40.78 -5.15 -25.31
CA ALA G 72 -40.97 -3.86 -25.95
C ALA G 72 -39.63 -3.23 -26.28
N ASP G 73 -39.63 -2.41 -27.34
CA ASP G 73 -38.45 -1.71 -27.82
C ASP G 73 -38.73 -0.22 -27.73
N THR G 74 -38.01 0.48 -26.85
CA THR G 74 -38.21 1.91 -26.66
C THR G 74 -37.66 2.72 -27.83
N SER G 75 -36.44 2.42 -28.27
CA SER G 75 -35.81 3.15 -29.37
C SER G 75 -36.45 2.93 -30.72
N ALA G 76 -37.35 1.95 -30.87
CA ALA G 76 -37.99 1.70 -32.14
C ALA G 76 -39.48 2.02 -32.12
N ASN G 77 -40.02 2.41 -30.96
CA ASN G 77 -41.43 2.76 -30.75
C ASN G 77 -42.37 1.61 -31.12
N THR G 78 -41.95 0.39 -30.80
CA THR G 78 -42.73 -0.80 -31.12
C THR G 78 -42.82 -1.73 -29.92
N ALA G 79 -44.00 -2.33 -29.74
CA ALA G 79 -44.27 -3.28 -28.67
C ALA G 79 -44.50 -4.64 -29.30
N TYR G 80 -43.88 -5.67 -28.73
CA TYR G 80 -43.96 -7.03 -29.25
C TYR G 80 -44.71 -7.96 -28.31
N MET G 81 -45.24 -9.04 -28.87
CA MET G 81 -45.97 -10.04 -28.08
C MET G 81 -45.62 -11.43 -28.62
N GLU G 82 -44.93 -12.22 -27.80
CA GLU G 82 -44.54 -13.56 -28.17
C GLU G 82 -45.48 -14.57 -27.53
N LEU G 83 -45.65 -15.71 -28.20
CA LEU G 83 -46.51 -16.79 -27.72
C LEU G 83 -45.67 -18.05 -27.61
N ARG G 84 -45.67 -18.68 -26.44
CA ARG G 84 -44.89 -19.89 -26.24
C ARG G 84 -45.50 -21.08 -26.98
N SER G 85 -46.70 -21.47 -26.60
CA SER G 85 -47.38 -22.60 -27.21
C SER G 85 -48.62 -22.12 -27.95
N LEU G 86 -49.10 -22.94 -28.86
CA LEU G 86 -50.28 -22.64 -29.64
C LEU G 86 -51.27 -23.79 -29.53
N ARG G 87 -52.46 -23.57 -30.07
CA ARG G 87 -53.56 -24.52 -30.08
C ARG G 87 -54.56 -24.02 -31.10
N SER G 88 -55.36 -24.94 -31.65
CA SER G 88 -56.37 -24.56 -32.65
C SER G 88 -57.45 -23.66 -32.09
N ALA G 89 -57.63 -23.63 -30.76
CA ALA G 89 -58.62 -22.78 -30.13
C ALA G 89 -58.16 -21.33 -30.03
N ASP G 90 -56.90 -21.04 -30.36
CA ASP G 90 -56.36 -19.69 -30.31
C ASP G 90 -56.56 -18.93 -31.61
N THR G 91 -57.35 -19.46 -32.54
CA THR G 91 -57.60 -18.79 -33.80
C THR G 91 -58.50 -17.60 -33.49
N ALA G 92 -57.90 -16.43 -33.29
CA ALA G 92 -58.65 -15.25 -32.94
C ALA G 92 -57.96 -14.00 -33.49
N VAL G 93 -58.65 -12.88 -33.38
CA VAL G 93 -58.14 -11.60 -33.85
C VAL G 93 -57.49 -10.86 -32.68
N TYR G 94 -56.19 -10.65 -32.76
CA TYR G 94 -55.45 -9.96 -31.70
C TYR G 94 -55.51 -8.45 -31.91
N TYR G 95 -55.57 -7.71 -30.82
CA TYR G 95 -55.62 -6.25 -30.84
C TYR G 95 -54.40 -5.66 -30.14
N CYS G 96 -54.45 -4.34 -29.96
CA CYS G 96 -53.40 -3.56 -29.32
C CYS G 96 -54.05 -2.26 -28.88
N ALA G 97 -53.83 -1.85 -27.64
CA ALA G 97 -54.45 -0.64 -27.13
C ALA G 97 -53.46 0.19 -26.31
N ARG G 98 -53.89 1.41 -25.99
CA ARG G 98 -53.09 2.39 -25.24
C ARG G 98 -53.93 2.98 -24.12
N VAL G 99 -53.35 3.05 -22.92
CA VAL G 99 -54.00 3.59 -21.74
C VAL G 99 -54.18 5.10 -21.86
N GLY G 100 -54.95 5.68 -20.95
CA GLY G 100 -55.21 7.11 -20.96
C GLY G 100 -54.25 7.94 -20.15
N PRO G 101 -54.37 9.26 -20.25
CA PRO G 101 -53.50 10.15 -19.49
C PRO G 101 -53.89 10.16 -18.03
N TYR G 102 -52.92 10.48 -17.18
CA TYR G 102 -53.11 10.52 -15.73
C TYR G 102 -53.48 11.91 -15.25
N SER G 103 -54.54 11.98 -14.45
CA SER G 103 -55.01 13.22 -13.86
C SER G 103 -54.48 13.33 -12.44
N TRP G 104 -54.52 14.55 -11.90
CA TRP G 104 -54.00 14.77 -10.55
C TRP G 104 -54.96 14.36 -9.44
N ASP G 105 -56.24 14.14 -9.75
CA ASP G 105 -57.17 13.78 -8.68
C ASP G 105 -57.78 12.38 -8.76
N ASP G 106 -56.98 11.35 -9.03
CA ASP G 106 -57.54 10.01 -9.08
C ASP G 106 -56.50 8.98 -8.65
N SER G 107 -56.99 7.75 -8.44
CA SER G 107 -56.17 6.63 -8.03
C SER G 107 -55.19 6.25 -9.15
N PRO G 108 -54.05 5.60 -8.81
CA PRO G 108 -53.08 5.21 -9.84
C PRO G 108 -53.51 4.17 -10.88
N GLN G 109 -54.74 3.67 -10.80
CA GLN G 109 -55.21 2.69 -11.76
C GLN G 109 -56.48 3.11 -12.47
N ASP G 110 -56.97 4.32 -12.23
CA ASP G 110 -58.19 4.81 -12.87
C ASP G 110 -57.96 5.34 -14.27
N ASN G 111 -56.78 5.18 -14.84
CA ASN G 111 -56.51 5.70 -16.17
C ASN G 111 -55.90 4.64 -17.08
N TYR G 112 -56.44 3.42 -17.01
CA TYR G 112 -56.00 2.30 -17.83
C TYR G 112 -57.20 1.74 -18.58
N TYR G 113 -57.99 2.59 -19.24
CA TYR G 113 -59.20 2.12 -19.90
C TYR G 113 -59.07 1.98 -21.42
N MET G 114 -57.84 1.84 -21.94
CA MET G 114 -57.56 1.58 -23.35
C MET G 114 -58.17 2.60 -24.32
N ASP G 115 -57.60 3.82 -24.31
CA ASP G 115 -58.11 4.87 -25.20
C ASP G 115 -58.01 4.59 -26.69
N VAL G 116 -56.79 4.50 -27.21
CA VAL G 116 -56.54 4.32 -28.63
C VAL G 116 -56.23 2.85 -28.93
N TRP G 117 -57.04 2.25 -29.78
CA TRP G 117 -56.90 0.87 -30.21
C TRP G 117 -55.99 0.79 -31.42
N GLY G 118 -56.00 -0.35 -32.10
CA GLY G 118 -55.17 -0.54 -33.28
C GLY G 118 -55.90 -1.40 -34.28
N LYS G 119 -55.41 -1.35 -35.53
CA LYS G 119 -56.01 -2.14 -36.61
C LYS G 119 -55.65 -3.60 -36.34
N GLY G 120 -56.60 -4.31 -35.75
CA GLY G 120 -56.44 -5.70 -35.36
C GLY G 120 -56.00 -6.75 -36.36
N THR G 121 -54.87 -7.38 -36.08
CA THR G 121 -54.35 -8.44 -36.93
C THR G 121 -55.01 -9.76 -36.53
N THR G 122 -55.08 -10.66 -37.49
CA THR G 122 -55.70 -11.96 -37.27
C THR G 122 -54.71 -13.09 -37.51
N VAL G 123 -54.83 -14.16 -36.73
CA VAL G 123 -53.98 -15.32 -36.83
C VAL G 123 -54.86 -16.55 -36.98
N ILE G 124 -54.42 -17.48 -37.82
CA ILE G 124 -55.15 -18.72 -38.07
C ILE G 124 -54.19 -19.87 -37.80
N VAL G 125 -54.67 -20.90 -37.10
CA VAL G 125 -53.83 -22.03 -36.74
C VAL G 125 -53.82 -23.10 -37.85
N SER G 126 -54.99 -23.45 -38.40
CA SER G 126 -55.06 -24.46 -39.46
C SER G 126 -56.07 -23.99 -40.50
N SER G 127 -55.59 -23.65 -41.69
CA SER G 127 -56.44 -23.20 -42.79
C SER G 127 -56.73 -24.32 -43.78
N GLU H 1 -64.26 -15.02 -12.18
CA GLU H 1 -64.57 -14.23 -11.01
C GLU H 1 -65.60 -13.14 -11.33
N ILE H 2 -65.18 -12.17 -12.14
CA ILE H 2 -66.03 -11.06 -12.54
C ILE H 2 -66.64 -11.40 -13.89
N VAL H 3 -67.97 -11.30 -13.98
CA VAL H 3 -68.71 -11.58 -15.21
C VAL H 3 -69.71 -10.46 -15.43
N LEU H 4 -69.62 -9.79 -16.56
CA LEU H 4 -70.51 -8.69 -16.88
C LEU H 4 -71.71 -9.18 -17.68
N THR H 5 -72.84 -8.51 -17.49
CA THR H 5 -74.08 -8.82 -18.17
C THR H 5 -74.65 -7.53 -18.75
N GLN H 6 -75.20 -7.63 -19.96
CA GLN H 6 -75.78 -6.46 -20.62
C GLN H 6 -77.17 -6.78 -21.13
N SER H 7 -78.01 -5.75 -21.17
CA SER H 7 -79.38 -5.87 -21.65
C SER H 7 -79.85 -4.48 -22.05
N PRO H 8 -80.62 -4.34 -23.14
CA PRO H 8 -81.07 -5.41 -24.06
C PRO H 8 -80.02 -5.72 -25.11
N GLY H 9 -80.06 -6.94 -25.66
CA GLY H 9 -79.09 -7.31 -26.68
C GLY H 9 -79.34 -6.61 -28.00
N THR H 10 -80.59 -6.29 -28.29
CA THR H 10 -81.00 -5.62 -29.52
C THR H 10 -81.78 -4.37 -29.14
N LEU H 11 -81.92 -3.46 -30.11
CA LEU H 11 -82.66 -2.22 -29.88
C LEU H 11 -83.44 -1.86 -31.14
N SER H 12 -84.77 -1.96 -31.07
CA SER H 12 -85.63 -1.60 -32.19
C SER H 12 -85.82 -0.08 -32.14
N LEU H 13 -84.80 0.62 -32.61
CA LEU H 13 -84.81 2.07 -32.58
C LEU H 13 -84.66 2.68 -33.98
N SER H 14 -85.07 3.93 -34.06
CA SER H 14 -85.04 4.78 -35.25
C SER H 14 -84.25 6.04 -34.92
N PRO H 15 -83.71 6.75 -35.93
CA PRO H 15 -82.94 7.97 -35.65
C PRO H 15 -83.74 9.09 -35.00
N GLY H 16 -83.42 9.37 -33.75
CA GLY H 16 -84.08 10.39 -32.95
C GLY H 16 -84.67 9.88 -31.65
N GLU H 17 -84.52 8.59 -31.34
CA GLU H 17 -85.06 7.98 -30.14
C GLU H 17 -84.02 8.03 -29.01
N ARG H 18 -84.29 7.28 -27.94
CA ARG H 18 -83.42 7.20 -26.78
C ARG H 18 -83.18 5.74 -26.45
N ALA H 19 -81.92 5.39 -26.20
CA ALA H 19 -81.53 4.02 -25.89
C ALA H 19 -81.31 3.85 -24.39
N THR H 20 -81.47 2.61 -23.93
CA THR H 20 -81.28 2.25 -22.53
C THR H 20 -80.24 1.15 -22.44
N PHE H 21 -79.17 1.41 -21.70
CA PHE H 21 -78.09 0.46 -21.53
C PHE H 21 -77.96 0.10 -20.05
N SER H 22 -77.42 -1.08 -19.79
CA SER H 22 -77.27 -1.54 -18.41
C SER H 22 -76.15 -2.56 -18.34
N CYS H 23 -75.30 -2.41 -17.33
CA CYS H 23 -74.16 -3.31 -17.11
C CYS H 23 -74.20 -3.74 -15.66
N ARG H 24 -74.95 -4.80 -15.37
CA ARG H 24 -75.08 -5.33 -14.02
C ARG H 24 -73.94 -6.32 -13.79
N SER H 25 -72.94 -5.90 -13.05
CA SER H 25 -71.79 -6.75 -12.79
C SER H 25 -72.11 -7.76 -11.69
N SER H 26 -71.32 -8.83 -11.65
CA SER H 26 -71.49 -9.85 -10.63
C SER H 26 -71.08 -9.31 -9.27
N HIS H 27 -70.08 -8.44 -9.26
CA HIS H 27 -69.58 -7.78 -8.08
C HIS H 27 -70.21 -6.39 -8.01
N SER H 28 -69.72 -5.58 -7.08
CA SER H 28 -70.16 -4.21 -6.92
C SER H 28 -68.89 -3.37 -6.93
N ILE H 29 -68.76 -2.49 -7.91
CA ILE H 29 -67.56 -1.66 -8.03
C ILE H 29 -67.57 -0.61 -6.92
N ARG H 30 -66.56 -0.65 -6.07
CA ARG H 30 -66.46 0.28 -4.95
C ARG H 30 -66.02 1.67 -5.40
N SER H 31 -65.00 1.74 -6.24
CA SER H 31 -64.51 3.03 -6.71
C SER H 31 -65.43 3.71 -7.71
N ARG H 32 -66.29 2.94 -8.39
CA ARG H 32 -67.22 3.41 -9.42
C ARG H 32 -66.44 4.00 -10.60
N ARG H 33 -65.52 3.20 -11.12
CA ARG H 33 -64.67 3.58 -12.26
C ARG H 33 -64.80 2.50 -13.34
N VAL H 34 -65.55 2.80 -14.39
CA VAL H 34 -65.74 1.88 -15.52
C VAL H 34 -65.50 2.64 -16.82
N ALA H 35 -65.79 2.00 -17.94
CA ALA H 35 -65.63 2.63 -19.24
C ALA H 35 -66.58 1.94 -20.20
N TRP H 36 -66.81 2.58 -21.34
CA TRP H 36 -67.69 2.06 -22.36
C TRP H 36 -67.03 2.21 -23.72
N TYR H 37 -67.26 1.24 -24.60
CA TYR H 37 -66.66 1.22 -25.91
C TYR H 37 -67.68 1.32 -27.02
N GLN H 38 -67.16 1.56 -28.23
CA GLN H 38 -67.92 1.65 -29.46
C GLN H 38 -67.11 0.91 -30.51
N HIS H 39 -67.64 -0.21 -31.00
CA HIS H 39 -66.95 -1.02 -31.99
C HIS H 39 -67.78 -1.12 -33.26
N LYS H 40 -67.39 -0.38 -34.28
CA LYS H 40 -68.11 -0.45 -35.54
C LYS H 40 -67.64 -1.68 -36.31
N PRO H 41 -68.52 -2.28 -37.11
CA PRO H 41 -68.14 -3.49 -37.88
C PRO H 41 -67.11 -3.16 -38.95
N GLY H 42 -65.92 -3.74 -38.81
CA GLY H 42 -64.84 -3.53 -39.76
C GLY H 42 -63.78 -2.57 -39.29
N GLN H 43 -64.19 -1.50 -38.62
CA GLN H 43 -63.27 -0.49 -38.12
C GLN H 43 -62.60 -0.95 -36.83
N ALA H 44 -61.96 -0.01 -36.14
CA ALA H 44 -61.23 -0.07 -34.88
C ALA H 44 -62.16 0.34 -33.73
N PRO H 45 -61.97 -0.21 -32.54
CA PRO H 45 -62.84 0.15 -31.41
C PRO H 45 -62.59 1.59 -30.98
N ARG H 46 -63.60 2.18 -30.37
CA ARG H 46 -63.50 3.57 -29.93
C ARG H 46 -64.05 3.71 -28.51
N LEU H 47 -63.32 4.45 -27.69
CA LEU H 47 -63.71 4.70 -26.32
C LEU H 47 -64.85 5.70 -26.26
N VAL H 48 -65.89 5.39 -25.50
CA VAL H 48 -67.03 6.28 -25.36
C VAL H 48 -66.82 7.20 -24.17
N ILE H 49 -66.74 6.62 -22.96
CA ILE H 49 -66.53 7.41 -21.75
C ILE H 49 -65.36 6.84 -20.96
N HIS H 50 -64.46 7.73 -20.52
CA HIS H 50 -63.27 7.35 -19.75
C HIS H 50 -63.55 7.60 -18.26
N GLY H 51 -64.50 6.85 -17.76
CA GLY H 51 -64.94 6.97 -16.38
C GLY H 51 -66.38 6.53 -16.29
N VAL H 52 -66.96 6.68 -15.11
CA VAL H 52 -68.36 6.29 -14.99
C VAL H 52 -69.24 7.35 -15.63
N SER H 53 -68.78 8.60 -15.67
CA SER H 53 -69.52 9.69 -16.29
C SER H 53 -68.62 10.63 -17.06
N ASN H 54 -67.31 10.40 -17.06
CA ASN H 54 -66.36 11.27 -17.76
C ASN H 54 -66.24 10.78 -19.21
N ARG H 55 -66.70 11.60 -20.14
CA ARG H 55 -66.63 11.22 -21.55
C ARG H 55 -65.21 11.36 -22.08
N ALA H 56 -64.94 10.65 -23.17
CA ALA H 56 -63.63 10.67 -23.80
C ALA H 56 -63.49 11.90 -24.68
N SER H 57 -62.28 12.09 -25.20
CA SER H 57 -62.01 13.23 -26.06
C SER H 57 -62.66 13.03 -27.42
N GLY H 58 -63.24 14.11 -27.96
CA GLY H 58 -63.90 14.07 -29.24
C GLY H 58 -65.30 13.50 -29.24
N ILE H 59 -65.75 12.91 -28.13
CA ILE H 59 -67.09 12.35 -28.07
C ILE H 59 -68.10 13.48 -27.92
N SER H 60 -69.17 13.42 -28.72
CA SER H 60 -70.21 14.43 -28.70
C SER H 60 -70.99 14.41 -27.40
N ASP H 61 -71.82 15.44 -27.22
CA ASP H 61 -72.64 15.57 -26.02
C ASP H 61 -73.85 14.65 -26.00
N ARG H 62 -74.11 13.94 -27.10
CA ARG H 62 -75.25 13.02 -27.12
C ARG H 62 -75.01 11.82 -26.20
N PHE H 63 -73.76 11.40 -26.07
CA PHE H 63 -73.42 10.31 -25.17
C PHE H 63 -73.24 10.86 -23.77
N SER H 64 -73.80 10.18 -22.79
CA SER H 64 -73.68 10.63 -21.41
C SER H 64 -73.80 9.44 -20.48
N GLY H 65 -72.79 9.24 -19.64
CA GLY H 65 -72.80 8.14 -18.70
C GLY H 65 -73.34 8.53 -17.34
N SER H 66 -73.93 7.56 -16.67
CA SER H 66 -74.51 7.76 -15.35
C SER H 66 -74.61 6.41 -14.66
N GLY H 67 -74.95 6.44 -13.38
CA GLY H 67 -75.10 5.24 -12.58
C GLY H 67 -74.02 5.12 -11.52
N SER H 68 -74.27 4.21 -10.58
CA SER H 68 -73.37 3.93 -9.48
C SER H 68 -73.72 2.55 -8.94
N GLY H 69 -72.77 1.98 -8.20
CA GLY H 69 -72.99 0.66 -7.62
C GLY H 69 -72.92 -0.41 -8.69
N THR H 70 -74.06 -0.98 -9.05
CA THR H 70 -74.12 -2.01 -10.08
C THR H 70 -75.01 -1.62 -11.24
N ASP H 71 -75.63 -0.45 -11.20
CA ASP H 71 -76.51 0.01 -12.27
C ASP H 71 -75.74 0.94 -13.22
N PHE H 72 -74.79 0.33 -13.92
CA PHE H 72 -73.95 1.04 -14.89
C PHE H 72 -74.79 1.21 -16.14
N THR H 73 -75.34 2.41 -16.32
CA THR H 73 -76.21 2.71 -17.44
C THR H 73 -75.61 3.77 -18.35
N LEU H 74 -76.26 3.93 -19.51
CA LEU H 74 -75.91 4.92 -20.51
C LEU H 74 -77.19 5.33 -21.23
N THR H 75 -77.12 6.48 -21.88
CA THR H 75 -78.26 6.98 -22.63
C THR H 75 -77.73 7.79 -23.81
N ILE H 76 -78.43 7.71 -24.93
CA ILE H 76 -78.03 8.41 -26.14
C ILE H 76 -79.22 9.27 -26.55
N THR H 77 -79.15 10.55 -26.25
CA THR H 77 -80.22 11.48 -26.61
C THR H 77 -80.05 11.86 -28.07
N ARG H 78 -81.14 11.71 -28.85
CA ARG H 78 -81.19 12.02 -30.29
C ARG H 78 -80.14 11.21 -31.06
N VAL H 79 -80.39 9.89 -31.13
CA VAL H 79 -79.49 8.97 -31.83
C VAL H 79 -79.36 9.33 -33.30
N GLU H 80 -78.23 8.95 -33.89
CA GLU H 80 -77.90 9.21 -35.28
C GLU H 80 -77.54 7.91 -35.98
N PRO H 81 -77.67 7.84 -37.30
CA PRO H 81 -77.30 6.61 -38.02
C PRO H 81 -75.81 6.33 -38.02
N GLU H 82 -74.97 7.30 -37.68
CA GLU H 82 -73.53 7.15 -37.61
C GLU H 82 -73.03 6.54 -36.31
N ASP H 83 -73.93 6.03 -35.47
CA ASP H 83 -73.55 5.43 -34.19
C ASP H 83 -74.07 4.00 -34.05
N PHE H 84 -74.56 3.39 -35.12
CA PHE H 84 -75.08 2.03 -35.09
C PHE H 84 -73.90 1.07 -34.99
N ALA H 85 -73.55 0.64 -33.79
CA ALA H 85 -72.42 -0.26 -33.62
C ALA H 85 -72.60 -1.08 -32.34
N LEU H 86 -71.57 -1.88 -32.03
CA LEU H 86 -71.56 -2.72 -30.84
C LEU H 86 -70.95 -1.95 -29.68
N TYR H 87 -71.58 -2.05 -28.51
CA TYR H 87 -71.13 -1.35 -27.32
C TYR H 87 -70.76 -2.36 -26.23
N TYR H 88 -69.58 -2.21 -25.65
CA TYR H 88 -69.07 -3.10 -24.61
C TYR H 88 -68.91 -2.36 -23.30
N CYS H 89 -68.90 -3.12 -22.20
CA CYS H 89 -68.77 -2.60 -20.85
C CYS H 89 -67.42 -2.94 -20.25
N GLN H 90 -67.04 -2.19 -19.22
CA GLN H 90 -65.77 -2.39 -18.52
C GLN H 90 -65.98 -2.59 -17.04
N VAL H 91 -64.90 -2.99 -16.37
CA VAL H 91 -64.96 -3.23 -14.94
C VAL H 91 -64.05 -2.24 -14.22
N TYR H 92 -62.75 -2.34 -14.44
CA TYR H 92 -61.71 -1.52 -13.82
C TYR H 92 -60.41 -1.84 -14.56
N GLY H 93 -59.30 -1.27 -14.11
CA GLY H 93 -58.00 -1.57 -14.66
C GLY H 93 -57.22 -2.07 -13.47
N ALA H 94 -56.98 -3.37 -13.42
CA ALA H 94 -56.27 -4.01 -12.31
C ALA H 94 -55.79 -5.36 -12.79
N SER H 95 -55.46 -6.24 -11.84
CA SER H 95 -54.99 -7.59 -12.16
C SER H 95 -56.07 -8.48 -12.76
N SER H 96 -57.34 -8.08 -12.71
CA SER H 96 -58.42 -8.88 -13.27
C SER H 96 -59.59 -7.99 -13.62
N TYR H 97 -59.99 -8.03 -14.89
CA TYR H 97 -61.13 -7.28 -15.40
C TYR H 97 -61.58 -7.90 -16.71
N THR H 98 -62.89 -8.09 -16.82
CA THR H 98 -63.51 -8.71 -17.97
C THR H 98 -64.16 -7.67 -18.87
N PHE H 99 -64.87 -8.15 -19.88
CA PHE H 99 -65.55 -7.32 -20.86
C PHE H 99 -67.02 -7.70 -20.92
N GLY H 100 -67.84 -6.73 -21.33
CA GLY H 100 -69.27 -6.93 -21.41
C GLY H 100 -69.68 -7.82 -22.57
N GLN H 101 -70.99 -8.12 -22.61
CA GLN H 101 -71.54 -8.97 -23.66
C GLN H 101 -71.59 -8.24 -24.99
N GLY H 102 -72.35 -7.15 -25.06
CA GLY H 102 -72.45 -6.40 -26.29
C GLY H 102 -73.86 -6.12 -26.76
N THR H 103 -74.21 -4.85 -26.87
CA THR H 103 -75.52 -4.44 -27.33
C THR H 103 -75.40 -4.11 -28.82
N LYS H 104 -76.50 -3.69 -29.43
CA LYS H 104 -76.46 -3.36 -30.85
C LYS H 104 -77.53 -2.31 -31.12
N LEU H 105 -77.11 -1.15 -31.63
CA LEU H 105 -78.06 -0.08 -31.96
C LEU H 105 -78.57 -0.37 -33.36
N GLU H 106 -79.53 -1.30 -33.42
CA GLU H 106 -80.12 -1.73 -34.67
C GLU H 106 -81.02 -0.65 -35.29
N ARG H 107 -80.91 -0.49 -36.61
CA ARG H 107 -81.71 0.48 -37.33
C ARG H 107 -83.17 0.07 -37.43
N LYS H 108 -83.47 -1.21 -37.24
CA LYS H 108 -84.83 -1.73 -37.34
C LYS H 108 -85.58 -1.56 -36.02
N ALA I 37 21.69 -30.20 -47.99
CA ALA I 37 21.13 -29.38 -46.92
C ALA I 37 21.96 -29.52 -45.66
N LYS I 38 23.07 -28.79 -45.59
CA LYS I 38 23.93 -28.85 -44.42
C LYS I 38 23.29 -28.09 -43.26
N LYS I 39 23.35 -28.69 -42.07
CA LYS I 39 22.76 -28.12 -40.87
C LYS I 39 23.69 -27.09 -40.23
N TRP I 40 23.09 -26.18 -39.46
CA TRP I 40 23.86 -25.14 -38.78
C TRP I 40 23.22 -24.87 -37.43
N VAL I 41 24.05 -24.57 -36.43
CA VAL I 41 23.59 -24.31 -35.07
C VAL I 41 22.97 -22.92 -34.99
N THR I 42 21.81 -22.82 -34.33
CA THR I 42 21.13 -21.54 -34.15
C THR I 42 20.65 -21.40 -32.72
N VAL I 43 20.88 -20.23 -32.14
CA VAL I 43 20.46 -19.94 -30.77
C VAL I 43 19.14 -19.19 -30.81
N TYR I 44 18.19 -19.63 -30.01
CA TYR I 44 16.89 -18.98 -29.96
C TYR I 44 16.72 -18.43 -28.56
N TYR I 45 15.88 -17.41 -28.41
CA TYR I 45 15.64 -16.83 -27.10
C TYR I 45 14.14 -16.77 -26.86
N GLY I 46 13.69 -17.45 -25.82
CA GLY I 46 12.27 -17.47 -25.49
C GLY I 46 11.74 -18.88 -25.56
N VAL I 47 12.61 -19.85 -25.33
CA VAL I 47 12.25 -21.25 -25.36
C VAL I 47 11.52 -21.58 -24.06
N PRO I 48 10.42 -22.36 -24.06
CA PRO I 48 9.71 -22.66 -22.81
C PRO I 48 10.32 -23.75 -21.92
N VAL I 49 11.61 -24.05 -22.06
CA VAL I 49 12.28 -25.07 -21.26
C VAL I 49 12.25 -24.73 -19.77
N TRP I 50 11.92 -25.73 -18.94
CA TRP I 50 11.84 -25.63 -17.49
C TRP I 50 13.07 -26.26 -16.86
N LYS I 51 13.33 -25.84 -15.63
CA LYS I 51 14.43 -26.34 -14.81
C LYS I 51 13.97 -26.25 -13.37
N GLU I 52 13.97 -27.37 -12.65
CA GLU I 52 13.53 -27.36 -11.27
C GLU I 52 14.58 -26.66 -10.40
N ALA I 53 14.16 -25.65 -9.65
CA ALA I 53 15.06 -24.91 -8.80
C ALA I 53 14.41 -24.72 -7.44
N THR I 54 15.25 -24.39 -6.45
CA THR I 54 14.81 -24.17 -5.09
C THR I 54 14.84 -22.68 -4.76
N THR I 55 14.03 -22.29 -3.78
CA THR I 55 13.93 -20.91 -3.35
C THR I 55 13.27 -20.84 -1.98
N THR I 56 13.08 -19.62 -1.51
CA THR I 56 12.44 -19.35 -0.23
C THR I 56 11.08 -18.74 -0.51
N LEU I 57 10.06 -19.59 -0.54
CA LEU I 57 8.69 -19.18 -0.81
C LEU I 57 8.16 -18.35 0.35
N PHE I 58 7.22 -17.46 0.04
CA PHE I 58 6.65 -16.62 1.10
C PHE I 58 5.22 -17.07 1.41
N CYS I 59 4.85 -16.95 2.68
CA CYS I 59 3.53 -17.35 3.15
C CYS I 59 2.49 -16.33 2.75
N ALA I 60 1.22 -16.74 2.89
CA ALA I 60 0.07 -15.91 2.59
C ALA I 60 -1.11 -16.48 3.34
N SER I 61 -1.84 -15.63 4.06
CA SER I 61 -2.98 -16.10 4.83
C SER I 61 -3.98 -14.97 5.00
N ASP I 62 -5.18 -15.33 5.43
CA ASP I 62 -6.24 -14.34 5.64
C ASP I 62 -5.94 -13.44 6.83
N ALA I 63 -5.85 -14.02 8.02
CA ALA I 63 -5.56 -13.25 9.22
C ALA I 63 -4.07 -12.99 9.37
N ALA I 75 2.33 -15.95 13.36
CA ALA I 75 1.19 -16.31 12.54
C ALA I 75 0.78 -15.14 11.65
N THR I 76 1.14 -13.93 12.06
CA THR I 76 0.82 -12.72 11.32
C THR I 76 2.03 -12.00 10.77
N HIS I 77 3.25 -12.44 11.11
CA HIS I 77 4.46 -11.80 10.62
C HIS I 77 4.87 -12.43 9.30
N ALA I 78 5.25 -11.57 8.36
CA ALA I 78 5.71 -11.89 7.00
C ALA I 78 4.67 -12.58 6.14
N CYS I 79 3.42 -12.70 6.58
CA CYS I 79 2.37 -13.35 5.81
C CYS I 79 1.45 -12.27 5.24
N VAL I 80 1.56 -12.06 3.93
CA VAL I 80 0.76 -11.07 3.20
C VAL I 80 -0.65 -11.63 3.06
N PRO I 81 -1.67 -10.83 2.73
CA PRO I 81 -3.01 -11.39 2.56
C PRO I 81 -3.09 -12.26 1.32
N THR I 82 -4.15 -13.07 1.26
CA THR I 82 -4.35 -13.99 0.15
C THR I 82 -4.61 -13.25 -1.14
N ASP I 83 -4.28 -13.91 -2.24
CA ASP I 83 -4.46 -13.35 -3.57
C ASP I 83 -5.93 -13.31 -3.93
N PRO I 84 -6.51 -12.14 -4.22
CA PRO I 84 -7.93 -12.10 -4.60
C PRO I 84 -8.22 -12.64 -5.99
N ASN I 85 -7.19 -12.78 -6.84
CA ASN I 85 -7.34 -13.31 -8.19
C ASN I 85 -6.41 -14.50 -8.36
N PRO I 86 -6.80 -15.68 -7.87
CA PRO I 86 -5.93 -16.86 -8.02
C PRO I 86 -5.97 -17.41 -9.44
N GLN I 87 -5.13 -16.84 -10.31
CA GLN I 87 -5.10 -17.29 -11.70
C GLN I 87 -4.46 -18.67 -11.82
N GLU I 88 -4.96 -19.43 -12.78
CA GLU I 88 -4.49 -20.78 -13.07
C GLU I 88 -4.62 -21.00 -14.56
N ILE I 89 -3.54 -21.43 -15.20
CA ILE I 89 -3.53 -21.66 -16.64
C ILE I 89 -3.18 -23.12 -16.89
N VAL I 90 -4.06 -23.82 -17.60
CA VAL I 90 -3.80 -25.22 -17.94
C VAL I 90 -2.83 -25.23 -19.10
N LEU I 91 -1.69 -25.91 -18.93
CA LEU I 91 -0.67 -25.94 -19.97
C LEU I 91 -1.13 -26.74 -21.19
N GLY I 92 -1.42 -28.02 -21.02
CA GLY I 92 -1.86 -28.78 -22.16
C GLY I 92 -1.29 -30.18 -22.27
N ASN I 93 -0.51 -30.43 -23.32
CA ASN I 93 0.05 -31.75 -23.55
C ASN I 93 1.49 -31.84 -23.05
N VAL I 94 1.64 -31.63 -21.75
CA VAL I 94 2.95 -31.71 -21.10
C VAL I 94 2.93 -32.86 -20.11
N THR I 95 4.08 -33.51 -19.97
CA THR I 95 4.26 -34.64 -19.06
C THR I 95 5.49 -34.34 -18.21
N GLU I 96 5.28 -33.79 -17.02
CA GLU I 96 6.38 -33.44 -16.13
C GLU I 96 6.47 -34.48 -15.01
N ASN I 97 7.62 -35.12 -14.91
CA ASN I 97 7.84 -36.15 -13.90
C ASN I 97 7.93 -35.54 -12.51
N PHE I 98 7.00 -35.89 -11.64
CA PHE I 98 7.01 -35.37 -10.29
C PHE I 98 7.64 -36.36 -9.35
N ASN I 99 7.99 -35.88 -8.15
CA ASN I 99 8.61 -36.73 -7.14
C ASN I 99 8.34 -36.04 -5.80
N MET I 100 7.35 -36.54 -5.06
CA MET I 100 7.03 -35.94 -3.77
C MET I 100 7.99 -36.34 -2.67
N TRP I 101 8.86 -37.32 -2.91
CA TRP I 101 9.77 -37.76 -1.86
C TRP I 101 11.09 -37.00 -1.89
N LYS I 102 11.53 -36.56 -3.07
CA LYS I 102 12.75 -35.79 -3.20
C LYS I 102 12.44 -34.31 -3.42
N ASN I 103 11.29 -33.87 -2.93
CA ASN I 103 10.87 -32.48 -3.07
C ASN I 103 11.64 -31.61 -2.09
N ASN I 104 12.06 -30.44 -2.57
CA ASN I 104 12.80 -29.47 -1.77
C ASN I 104 11.87 -28.40 -1.20
N MET I 105 10.56 -28.65 -1.20
CA MET I 105 9.57 -27.76 -0.64
C MET I 105 9.13 -28.18 0.74
N VAL I 106 9.20 -29.48 1.04
CA VAL I 106 8.82 -29.98 2.35
C VAL I 106 9.80 -29.48 3.39
N GLU I 107 11.08 -29.37 3.01
CA GLU I 107 12.08 -28.83 3.91
C GLU I 107 11.85 -27.35 4.12
N GLN I 108 11.27 -26.68 3.11
CA GLN I 108 10.94 -25.27 3.23
C GLN I 108 9.75 -25.08 4.16
N MET I 109 8.88 -26.08 4.25
CA MET I 109 7.74 -25.99 5.16
C MET I 109 8.10 -26.51 6.54
N HIS I 110 9.04 -27.46 6.63
CA HIS I 110 9.47 -27.93 7.95
C HIS I 110 10.24 -26.83 8.65
N GLU I 111 10.99 -26.06 7.87
CA GLU I 111 11.68 -24.87 8.34
C GLU I 111 10.63 -23.77 8.19
N ASP I 112 10.88 -22.58 8.75
CA ASP I 112 9.96 -21.44 8.73
C ASP I 112 8.62 -21.73 9.43
N ILE I 113 8.53 -22.86 10.14
CA ILE I 113 7.36 -23.23 10.94
C ILE I 113 7.77 -23.57 12.35
N ILE I 114 9.06 -23.81 12.56
CA ILE I 114 9.68 -24.06 13.84
C ILE I 114 10.23 -22.68 14.14
N SER I 115 10.49 -21.94 13.06
CA SER I 115 10.99 -20.58 13.18
C SER I 115 9.90 -19.64 13.69
N LEU I 116 8.68 -19.74 13.14
CA LEU I 116 7.61 -18.90 13.65
C LEU I 116 7.15 -19.41 15.01
N TRP I 117 7.33 -20.70 15.25
CA TRP I 117 6.98 -21.29 16.53
C TRP I 117 7.92 -20.79 17.61
N ASP I 118 9.18 -20.58 17.25
CA ASP I 118 10.17 -20.07 18.20
C ASP I 118 10.00 -18.58 18.45
N GLN I 119 9.44 -17.85 17.49
CA GLN I 119 9.22 -16.42 17.69
C GLN I 119 8.16 -16.14 18.73
N SER I 120 7.24 -17.09 18.93
CA SER I 120 6.18 -16.95 19.92
C SER I 120 6.55 -17.58 21.26
N LEU I 121 7.84 -17.83 21.49
CA LEU I 121 8.32 -18.42 22.73
C LEU I 121 9.57 -17.71 23.23
N LYS I 122 9.58 -16.38 23.12
CA LYS I 122 10.74 -15.60 23.58
C LYS I 122 10.30 -14.50 24.53
N THR I 128 13.42 -20.46 34.12
CA THR I 128 12.32 -21.21 33.51
C THR I 128 12.18 -22.73 33.78
N PRO I 129 13.29 -23.57 33.83
CA PRO I 129 13.07 -24.99 34.11
C PRO I 129 12.56 -25.28 35.52
N LEU I 130 13.37 -24.92 36.52
CA LEU I 130 13.10 -25.07 37.96
C LEU I 130 12.70 -26.50 38.32
N CYS I 131 13.64 -27.42 38.14
CA CYS I 131 13.39 -28.83 38.45
C CYS I 131 13.72 -29.11 39.91
N VAL I 132 12.69 -29.30 40.71
CA VAL I 132 12.84 -29.60 42.12
C VAL I 132 12.10 -30.90 42.41
N THR I 133 12.48 -31.53 43.52
CA THR I 133 11.86 -32.80 43.92
C THR I 133 10.41 -32.55 44.34
N LEU I 134 9.48 -33.24 43.70
CA LEU I 134 8.07 -33.09 44.00
C LEU I 134 7.70 -34.02 45.15
N ASN I 135 6.40 -34.08 45.43
CA ASN I 135 5.84 -34.94 46.48
C ASN I 135 4.35 -35.02 46.19
N CYS I 136 3.83 -36.23 45.98
CA CYS I 136 2.41 -36.35 45.67
C CYS I 136 1.90 -37.73 46.04
N ASN I 137 0.62 -37.97 45.72
CA ASN I 137 -0.07 -39.22 45.97
C ASN I 137 -1.23 -39.35 45.00
N ASN I 138 -1.99 -40.43 45.13
CA ASN I 138 -3.12 -40.65 44.25
C ASN I 138 -4.23 -39.64 44.55
N VAL I 139 -5.02 -39.32 43.52
CA VAL I 139 -6.09 -38.36 43.68
C VAL I 139 -7.27 -39.03 44.39
N ASN I 140 -8.01 -38.24 45.17
CA ASN I 140 -9.16 -38.75 45.92
C ASN I 140 -10.38 -38.75 45.01
N THR I 141 -10.67 -39.91 44.43
CA THR I 141 -11.80 -40.06 43.53
C THR I 141 -13.11 -40.23 44.31
N MET I 158 -13.36 -46.02 31.23
CA MET I 158 -14.16 -44.81 31.21
C MET I 158 -14.04 -44.06 32.54
N GLU I 159 -13.12 -44.51 33.38
CA GLU I 159 -12.89 -43.93 34.69
C GLU I 159 -11.41 -43.72 34.92
N THR I 160 -11.06 -42.71 35.71
CA THR I 160 -9.68 -42.38 36.01
C THR I 160 -9.16 -43.30 37.11
N GLY I 161 -8.05 -43.97 36.83
CA GLY I 161 -7.48 -44.87 37.81
C GLY I 161 -6.36 -44.29 38.66
N GLU I 162 -5.34 -43.71 38.02
CA GLU I 162 -4.20 -43.13 38.72
C GLU I 162 -3.77 -41.87 37.99
N MET I 163 -4.04 -40.69 38.57
CA MET I 163 -3.66 -39.40 37.99
C MET I 163 -3.17 -38.55 39.16
N LYS I 164 -1.86 -38.53 39.37
CA LYS I 164 -1.25 -37.78 40.47
C LYS I 164 -1.41 -36.28 40.27
N ASN I 165 -1.88 -35.59 41.31
CA ASN I 165 -2.11 -34.15 41.25
C ASN I 165 -1.86 -33.55 42.63
N CYS I 166 -0.68 -32.96 42.84
CA CYS I 166 -0.36 -32.36 44.14
C CYS I 166 0.49 -31.11 43.93
N SER I 167 1.06 -30.59 45.03
CA SER I 167 1.90 -29.41 45.02
C SER I 167 3.29 -29.80 45.51
N PHE I 168 4.29 -28.99 45.17
CA PHE I 168 5.67 -29.25 45.51
C PHE I 168 6.14 -28.37 46.68
N ASN I 169 7.44 -28.39 46.95
CA ASN I 169 8.15 -27.69 48.01
C ASN I 169 8.56 -26.27 47.56
N VAL I 170 9.58 -25.72 48.22
CA VAL I 170 10.17 -24.39 48.03
C VAL I 170 10.40 -24.01 46.56
N THR I 171 9.90 -22.83 46.18
CA THR I 171 10.06 -22.33 44.81
C THR I 171 11.29 -21.44 44.73
N THR I 172 11.23 -20.30 45.43
CA THR I 172 12.34 -19.34 45.50
C THR I 172 12.78 -19.13 46.94
N SER I 173 11.86 -18.78 47.83
CA SER I 173 12.11 -18.55 49.23
C SER I 173 11.31 -19.55 50.06
N ILE I 174 11.49 -19.50 51.37
CA ILE I 174 10.79 -20.40 52.27
C ILE I 174 9.30 -20.11 52.33
N LEU I 184 -2.12 -29.85 37.40
CA LEU I 184 -1.31 -30.29 38.51
C LEU I 184 -0.41 -31.48 38.21
N PHE I 185 0.23 -31.47 37.04
CA PHE I 185 1.19 -32.49 36.57
C PHE I 185 0.51 -33.86 36.53
N TYR I 186 -0.43 -34.06 35.60
CA TYR I 186 -1.31 -35.23 35.45
C TYR I 186 -0.68 -36.60 35.62
N LYS I 187 0.00 -37.16 34.62
CA LYS I 187 0.59 -38.48 34.86
C LYS I 187 1.87 -38.74 34.07
N LEU I 188 1.99 -38.13 32.90
CA LEU I 188 3.15 -38.39 32.05
C LEU I 188 4.23 -37.33 32.17
N ASP I 189 4.38 -36.75 33.35
CA ASP I 189 5.41 -35.75 33.56
C ASP I 189 5.97 -35.89 34.96
N VAL I 190 5.98 -37.12 35.48
CA VAL I 190 6.50 -37.44 36.81
C VAL I 190 7.41 -38.66 36.70
N VAL I 191 8.49 -38.65 37.47
CA VAL I 191 9.45 -39.74 37.50
C VAL I 191 9.67 -40.10 38.96
N PRO I 192 9.27 -41.30 39.41
CA PRO I 192 9.43 -41.66 40.81
C PRO I 192 10.88 -41.80 41.27
N LEU I 193 11.07 -41.56 42.56
CA LEU I 193 12.37 -41.62 43.23
C LEU I 193 12.14 -42.00 44.69
N GLU I 194 13.21 -41.92 45.49
CA GLU I 194 13.21 -42.19 46.92
C GLU I 194 14.52 -41.73 47.54
N ASN I 195 14.46 -41.01 48.66
CA ASN I 195 15.66 -40.54 49.33
C ASN I 195 16.31 -41.66 50.14
N LYS I 196 17.47 -41.37 50.72
CA LYS I 196 18.23 -42.33 51.50
C LYS I 196 17.94 -42.25 52.99
N ASN I 197 16.87 -41.58 53.39
CA ASN I 197 16.54 -41.46 54.80
C ASN I 197 15.84 -42.74 55.29
N ASN I 198 15.42 -42.71 56.56
CA ASN I 198 14.73 -43.84 57.18
C ASN I 198 13.22 -43.73 57.09
N ILE I 199 12.70 -43.08 56.05
CA ILE I 199 11.26 -42.93 55.86
C ILE I 199 10.75 -44.02 54.95
N ASN I 200 11.58 -45.06 54.74
CA ASN I 200 11.20 -46.18 53.89
C ASN I 200 10.08 -47.03 54.49
N ASN I 201 9.91 -46.98 55.81
CA ASN I 201 8.86 -47.73 56.48
C ASN I 201 7.53 -47.01 56.47
N THR I 202 7.45 -45.85 55.81
CA THR I 202 6.23 -45.05 55.73
C THR I 202 5.72 -44.89 54.31
N ASN I 203 6.49 -45.30 53.30
CA ASN I 203 6.16 -45.21 51.88
C ASN I 203 5.86 -43.78 51.43
N ILE I 204 6.87 -42.93 51.51
CA ILE I 204 6.78 -41.53 51.11
C ILE I 204 7.46 -41.44 49.74
N THR I 205 6.66 -41.37 48.70
CA THR I 205 7.20 -41.29 47.35
C THR I 205 7.58 -39.86 46.98
N ASN I 206 8.50 -39.73 46.04
CA ASN I 206 8.99 -38.46 45.56
C ASN I 206 9.06 -38.51 44.04
N TYR I 207 8.70 -37.41 43.39
CA TYR I 207 8.71 -37.35 41.94
C TYR I 207 9.77 -36.38 41.44
N ARG I 208 9.79 -36.22 40.12
CA ARG I 208 10.70 -35.35 39.41
C ARG I 208 10.06 -35.06 38.06
N LEU I 209 10.36 -33.89 37.50
CA LEU I 209 9.81 -33.52 36.21
C LEU I 209 10.40 -34.42 35.12
N ILE I 210 9.62 -34.64 34.05
CA ILE I 210 10.04 -35.53 32.97
C ILE I 210 11.20 -34.95 32.16
N ASN I 211 11.34 -33.63 32.10
CA ASN I 211 12.43 -33.04 31.34
C ASN I 211 13.36 -32.28 32.28
N CYS I 212 13.73 -32.95 33.37
CA CYS I 212 14.61 -32.36 34.37
C CYS I 212 16.04 -32.17 33.86
N ASN I 213 16.49 -33.04 32.96
CA ASN I 213 17.83 -32.95 32.42
C ASN I 213 17.86 -32.63 30.92
N THR I 214 16.84 -31.92 30.44
CA THR I 214 16.75 -31.50 29.06
C THR I 214 17.35 -30.09 28.99
N SER I 215 17.83 -29.71 27.80
CA SER I 215 18.50 -28.44 27.54
C SER I 215 17.79 -27.16 27.98
N VAL I 216 16.67 -26.81 27.34
CA VAL I 216 15.95 -25.58 27.68
C VAL I 216 14.46 -25.90 27.81
N ILE I 217 13.87 -25.51 28.94
CA ILE I 217 12.45 -25.75 29.18
C ILE I 217 11.75 -24.39 29.26
N THR I 218 11.27 -23.88 28.13
CA THR I 218 10.60 -22.59 28.14
C THR I 218 9.16 -22.74 28.60
N GLN I 219 8.40 -21.65 28.50
CA GLN I 219 7.00 -21.62 28.88
C GLN I 219 6.32 -20.46 28.18
N ALA I 220 5.14 -20.72 27.64
CA ALA I 220 4.39 -19.69 26.94
C ALA I 220 3.55 -18.90 27.94
N SER I 225 -2.48 -19.53 22.65
CA SER I 225 -3.49 -20.16 21.80
C SER I 225 -2.88 -20.69 20.52
N PHE I 226 -3.18 -21.95 20.20
CA PHE I 226 -2.67 -22.60 19.00
C PHE I 226 -3.85 -22.92 18.10
N GLU I 227 -4.01 -22.13 17.04
CA GLU I 227 -5.10 -22.33 16.09
C GLU I 227 -4.51 -22.39 14.69
N PRO I 228 -4.68 -23.48 13.96
CA PRO I 228 -4.12 -23.58 12.61
C PRO I 228 -4.86 -22.67 11.62
N ILE I 229 -4.10 -21.85 10.91
CA ILE I 229 -4.61 -20.90 9.93
C ILE I 229 -4.22 -21.46 8.56
N PRO I 230 -5.09 -21.42 7.54
CA PRO I 230 -4.72 -21.96 6.23
C PRO I 230 -3.68 -21.15 5.48
N ILE I 231 -2.41 -21.45 5.76
CA ILE I 231 -1.29 -20.78 5.13
C ILE I 231 -1.19 -21.16 3.66
N HIS I 232 -0.91 -20.18 2.80
CA HIS I 232 -0.77 -20.38 1.36
C HIS I 232 0.66 -20.03 0.96
N TYR I 233 1.37 -20.98 0.38
CA TYR I 233 2.72 -20.71 -0.09
C TYR I 233 2.64 -20.21 -1.52
N CYS I 234 3.36 -19.13 -1.81
CA CYS I 234 3.36 -18.56 -3.14
C CYS I 234 4.77 -18.51 -3.68
N ALA I 235 4.88 -18.45 -4.99
CA ALA I 235 6.18 -18.41 -5.64
C ALA I 235 6.69 -16.97 -5.77
N PRO I 236 8.00 -16.77 -5.64
CA PRO I 236 8.54 -15.41 -5.78
C PRO I 236 8.62 -14.94 -7.21
N ALA I 237 9.21 -13.78 -7.43
CA ALA I 237 9.34 -13.26 -8.78
C ALA I 237 10.41 -14.04 -9.54
N GLY I 238 10.01 -14.59 -10.68
CA GLY I 238 10.92 -15.36 -11.51
C GLY I 238 10.75 -16.86 -11.44
N PHE I 239 9.96 -17.35 -10.50
CA PHE I 239 9.72 -18.77 -10.30
C PHE I 239 8.24 -19.08 -10.45
N ALA I 240 7.93 -20.32 -10.81
CA ALA I 240 6.55 -20.75 -11.00
C ALA I 240 6.31 -22.06 -10.28
N ILE I 241 5.04 -22.43 -10.18
CA ILE I 241 4.61 -23.66 -9.52
C ILE I 241 3.75 -24.45 -10.49
N LEU I 242 4.14 -25.71 -10.74
CA LEU I 242 3.44 -26.60 -11.67
C LEU I 242 2.57 -27.57 -10.89
N LYS I 243 1.28 -27.28 -10.79
CA LYS I 243 0.36 -28.15 -10.07
C LYS I 243 -0.30 -29.14 -11.00
N CYS I 244 -0.10 -30.44 -10.74
CA CYS I 244 -0.76 -31.44 -11.56
C CYS I 244 -2.22 -31.56 -11.14
N ASN I 245 -3.03 -32.09 -12.06
CA ASN I 245 -4.45 -32.24 -11.80
C ASN I 245 -4.96 -33.64 -12.09
N SER I 246 -4.08 -34.60 -12.37
CA SER I 246 -4.51 -35.95 -12.63
C SER I 246 -5.00 -36.58 -11.33
N LYS I 247 -6.24 -37.02 -11.32
CA LYS I 247 -6.87 -37.61 -10.13
C LYS I 247 -6.35 -39.00 -9.77
N THR I 248 -5.35 -39.53 -10.48
CA THR I 248 -4.82 -40.85 -10.18
C THR I 248 -3.38 -40.78 -9.70
N PHE I 249 -3.08 -39.87 -8.76
CA PHE I 249 -1.74 -39.73 -8.23
C PHE I 249 -1.30 -40.96 -7.45
N ASN I 250 0.00 -41.17 -7.45
CA ASN I 250 0.60 -42.25 -6.67
C ASN I 250 1.89 -41.81 -6.01
N GLY I 251 2.29 -40.54 -6.18
CA GLY I 251 3.49 -40.01 -5.58
C GLY I 251 4.60 -39.64 -6.53
N SER I 252 4.91 -40.50 -7.50
CA SER I 252 5.97 -40.23 -8.44
C SER I 252 5.49 -40.47 -9.86
N GLY I 253 6.40 -40.55 -10.82
CA GLY I 253 6.02 -40.78 -12.19
C GLY I 253 5.54 -39.51 -12.86
N PRO I 254 5.03 -39.64 -14.09
CA PRO I 254 4.57 -38.47 -14.82
C PRO I 254 3.11 -38.13 -14.58
N CYS I 255 2.75 -36.92 -15.00
CA CYS I 255 1.41 -36.35 -14.94
C CYS I 255 0.99 -36.02 -16.36
N THR I 256 -0.31 -35.87 -16.56
CA THR I 256 -0.83 -35.54 -17.89
C THR I 256 -1.67 -34.28 -17.93
N ASN I 257 -2.05 -33.72 -16.78
CA ASN I 257 -2.85 -32.51 -16.71
C ASN I 257 -2.12 -31.57 -15.75
N VAL I 258 -1.15 -30.84 -16.28
CA VAL I 258 -0.34 -29.91 -15.51
C VAL I 258 -0.82 -28.49 -15.73
N SER I 259 -0.97 -27.74 -14.63
CA SER I 259 -1.41 -26.36 -14.67
C SER I 259 -0.48 -25.53 -13.79
N THR I 260 -0.30 -24.27 -14.15
CA THR I 260 0.57 -23.36 -13.42
C THR I 260 -0.25 -22.47 -12.51
N VAL I 261 0.25 -22.24 -11.31
CA VAL I 261 -0.39 -21.40 -10.31
C VAL I 261 0.70 -20.59 -9.62
N GLN I 262 0.34 -19.40 -9.14
CA GLN I 262 1.31 -18.57 -8.45
C GLN I 262 1.27 -18.78 -6.94
N CYS I 263 0.25 -19.45 -6.44
CA CYS I 263 0.08 -19.74 -5.02
C CYS I 263 -0.43 -21.17 -4.92
N THR I 264 -0.99 -21.53 -3.78
CA THR I 264 -1.50 -22.88 -3.61
C THR I 264 -2.81 -22.86 -2.83
N HIS I 265 -3.32 -24.04 -2.54
CA HIS I 265 -4.57 -24.18 -1.81
C HIS I 265 -4.33 -23.97 -0.31
N GLY I 266 -5.40 -24.15 0.47
CA GLY I 266 -5.31 -23.97 1.91
C GLY I 266 -4.54 -25.10 2.56
N ILE I 267 -3.46 -24.78 3.26
CA ILE I 267 -2.64 -25.75 3.95
C ILE I 267 -2.75 -25.50 5.44
N ARG I 268 -3.25 -26.49 6.17
CA ARG I 268 -3.41 -26.38 7.61
C ARG I 268 -2.19 -26.95 8.31
N PRO I 269 -1.42 -26.15 9.02
CA PRO I 269 -0.21 -26.66 9.72
C PRO I 269 -0.50 -27.29 11.07
N VAL I 270 -1.35 -28.30 11.07
CA VAL I 270 -1.72 -29.00 12.29
C VAL I 270 -0.78 -30.18 12.51
N VAL I 271 -0.19 -30.25 13.69
CA VAL I 271 0.74 -31.32 14.03
C VAL I 271 -0.01 -32.47 14.66
N SER I 272 0.28 -33.68 14.19
CA SER I 272 -0.34 -34.92 14.67
C SER I 272 0.46 -36.09 14.14
N THR I 273 0.30 -37.24 14.79
CA THR I 273 0.96 -38.47 14.40
C THR I 273 -0.09 -39.58 14.31
N GLN I 274 0.19 -40.58 13.47
CA GLN I 274 -0.61 -41.77 13.18
C GLN I 274 -1.94 -41.51 12.46
N LEU I 275 -2.34 -40.26 12.33
CA LEU I 275 -3.58 -39.87 11.67
C LEU I 275 -3.42 -38.43 11.23
N LEU I 276 -3.92 -38.10 10.05
CA LEU I 276 -3.83 -36.76 9.52
C LEU I 276 -5.19 -36.11 9.72
N LEU I 277 -5.23 -35.04 10.50
CA LEU I 277 -6.46 -34.33 10.80
C LEU I 277 -6.57 -33.06 9.96
N ASN I 278 -7.81 -32.74 9.56
CA ASN I 278 -8.15 -31.55 8.77
C ASN I 278 -7.33 -31.43 7.50
N GLY I 279 -7.09 -32.56 6.83
CA GLY I 279 -6.30 -32.58 5.62
C GLY I 279 -7.11 -32.23 4.38
N SER I 280 -6.77 -32.88 3.28
CA SER I 280 -7.43 -32.67 2.00
C SER I 280 -7.85 -34.02 1.45
N LEU I 281 -9.16 -34.17 1.22
CA LEU I 281 -9.71 -35.41 0.70
C LEU I 281 -9.35 -35.57 -0.77
N ALA I 282 -9.52 -36.80 -1.27
CA ALA I 282 -9.22 -37.12 -2.66
C ALA I 282 -10.48 -36.93 -3.52
N GLU I 283 -10.38 -37.25 -4.81
CA GLU I 283 -11.49 -37.12 -5.74
C GLU I 283 -12.01 -38.47 -6.24
N GLU I 284 -11.23 -39.52 -6.07
CA GLU I 284 -11.60 -40.87 -6.50
C GLU I 284 -11.44 -41.73 -5.24
N GLU I 285 -11.32 -43.04 -5.43
CA GLU I 285 -11.12 -44.00 -4.35
C GLU I 285 -9.86 -43.69 -3.54
N ILE I 286 -9.78 -44.36 -2.38
CA ILE I 286 -8.66 -44.19 -1.45
C ILE I 286 -7.35 -44.63 -2.11
N VAL I 287 -6.44 -43.69 -2.27
CA VAL I 287 -5.16 -43.94 -2.90
C VAL I 287 -4.05 -43.96 -1.86
N ILE I 288 -3.08 -44.84 -2.07
CA ILE I 288 -1.93 -44.96 -1.19
C ILE I 288 -0.73 -44.47 -1.97
N ARG I 289 0.31 -44.07 -1.25
CA ARG I 289 1.50 -43.56 -1.92
C ARG I 289 2.71 -43.76 -1.01
N SER I 290 3.83 -44.12 -1.64
CA SER I 290 5.08 -44.34 -0.93
C SER I 290 6.21 -44.26 -1.94
N GLU I 291 7.42 -44.10 -1.42
CA GLU I 291 8.58 -44.03 -2.30
C GLU I 291 8.91 -45.40 -2.87
N ASN I 292 8.69 -46.45 -2.08
CA ASN I 292 8.94 -47.81 -2.52
C ASN I 292 8.00 -48.68 -1.68
N ILE I 293 6.90 -49.12 -2.30
CA ILE I 293 5.90 -49.92 -1.59
C ILE I 293 6.45 -51.29 -1.20
N THR I 294 7.44 -51.79 -1.92
CA THR I 294 8.04 -53.08 -1.60
C THR I 294 9.12 -52.98 -0.53
N ASP I 295 9.33 -51.80 0.03
CA ASP I 295 10.30 -51.56 1.09
C ASP I 295 9.54 -51.44 2.41
N ASN I 296 10.25 -51.67 3.51
CA ASN I 296 9.64 -51.60 4.83
C ASN I 296 9.92 -50.32 5.60
N ALA I 297 11.09 -49.71 5.40
CA ALA I 297 11.41 -48.49 6.13
C ALA I 297 10.72 -47.25 5.58
N LYS I 298 10.12 -47.33 4.40
CA LYS I 298 9.47 -46.16 3.81
C LYS I 298 8.05 -46.01 4.34
N THR I 299 7.67 -44.76 4.61
CA THR I 299 6.35 -44.46 5.13
C THR I 299 5.31 -44.60 4.03
N ILE I 300 4.18 -45.22 4.37
CA ILE I 300 3.09 -45.43 3.42
C ILE I 300 1.97 -44.46 3.80
N ILE I 301 1.89 -43.35 3.09
CA ILE I 301 0.86 -42.35 3.35
C ILE I 301 -0.41 -42.77 2.64
N VAL I 302 -1.51 -42.83 3.38
CA VAL I 302 -2.82 -43.23 2.85
C VAL I 302 -3.75 -42.03 2.93
N GLN I 303 -4.26 -41.61 1.79
CA GLN I 303 -5.19 -40.48 1.71
C GLN I 303 -6.59 -41.03 1.46
N LEU I 304 -7.53 -40.67 2.33
CA LEU I 304 -8.89 -41.15 2.21
C LEU I 304 -9.71 -40.20 1.34
N ASN I 305 -11.00 -40.49 1.20
CA ASN I 305 -11.92 -39.66 0.44
C ASN I 305 -13.23 -39.44 1.19
N GLU I 306 -13.22 -39.71 2.50
CA GLU I 306 -14.38 -39.55 3.37
C GLU I 306 -13.90 -38.90 4.65
N ALA I 307 -14.46 -37.73 4.97
CA ALA I 307 -14.04 -37.03 6.18
C ALA I 307 -14.59 -37.71 7.42
N VAL I 308 -13.86 -38.70 7.93
CA VAL I 308 -14.27 -39.42 9.13
C VAL I 308 -14.15 -38.49 10.32
N GLU I 309 -15.27 -38.24 10.98
CA GLU I 309 -15.22 -37.33 12.11
C GLU I 309 -14.74 -38.05 13.36
N ILE I 310 -14.35 -37.23 14.34
CA ILE I 310 -13.88 -37.71 15.64
C ILE I 310 -14.37 -36.69 16.65
N ASN I 311 -14.63 -37.14 17.87
CA ASN I 311 -15.13 -36.26 18.92
C ASN I 311 -14.34 -36.55 20.20
N CYS I 312 -13.28 -35.80 20.41
CA CYS I 312 -12.44 -35.93 21.59
C CYS I 312 -12.74 -34.78 22.52
N THR I 313 -12.90 -35.07 23.80
CA THR I 313 -13.21 -34.02 24.75
C THR I 313 -12.72 -34.40 26.15
N ARG I 314 -12.55 -33.38 26.98
CA ARG I 314 -12.13 -33.55 28.36
C ARG I 314 -13.31 -33.13 29.22
N PRO I 315 -14.09 -34.06 29.77
CA PRO I 315 -15.25 -33.69 30.58
C PRO I 315 -14.94 -33.19 31.98
N ASN I 316 -13.67 -33.01 32.36
CA ASN I 316 -13.34 -32.53 33.68
C ASN I 316 -13.48 -31.01 33.73
N ASN I 317 -12.99 -30.41 34.82
CA ASN I 317 -13.06 -28.96 35.01
C ASN I 317 -11.87 -28.55 35.87
N ASN I 318 -10.91 -27.86 35.27
CA ASN I 318 -9.72 -27.41 35.96
C ASN I 318 -9.79 -25.91 36.23
N THR I 319 -9.21 -25.50 37.35
CA THR I 319 -9.18 -24.11 37.76
C THR I 319 -7.75 -23.62 37.82
N ARG I 320 -7.55 -22.39 37.31
CA ARG I 320 -6.23 -21.78 37.24
C ARG I 320 -5.69 -21.44 38.63
N LYS I 321 -4.55 -22.04 38.98
CA LYS I 321 -3.92 -21.81 40.29
C LYS I 321 -3.16 -20.50 40.31
N SER I 322 -2.52 -20.13 39.20
CA SER I 322 -1.72 -18.90 39.03
C SER I 322 -0.60 -18.79 40.05
N ILE I 323 0.34 -19.72 39.96
CA ILE I 323 1.49 -19.73 40.87
C ILE I 323 2.58 -18.84 40.28
N HIS I 324 2.98 -17.80 41.03
CA HIS I 324 4.01 -16.88 40.58
C HIS I 324 5.33 -17.28 41.23
N ILE I 325 6.33 -17.56 40.39
CA ILE I 325 7.66 -17.95 40.84
C ILE I 325 8.68 -17.09 40.10
N GLY I 326 9.26 -16.13 40.80
CA GLY I 326 10.24 -15.25 40.22
C GLY I 326 9.79 -13.79 40.19
N PRO I 327 10.68 -12.89 39.77
CA PRO I 327 10.34 -11.46 39.71
C PRO I 327 9.44 -11.11 38.51
N GLY I 328 8.14 -11.34 38.69
CA GLY I 328 7.18 -11.07 37.64
C GLY I 328 7.10 -12.17 36.62
N ARG I 329 6.99 -13.41 37.08
CA ARG I 329 6.90 -14.58 36.22
C ARG I 329 5.68 -15.41 36.61
N ALA I 330 4.99 -15.95 35.63
CA ALA I 330 3.80 -16.74 35.87
C ALA I 330 4.06 -18.23 35.61
N PHE I 331 3.15 -19.04 36.12
CA PHE I 331 3.15 -20.50 36.01
C PHE I 331 1.75 -20.95 36.37
N TYR I 332 1.22 -21.95 35.66
CA TYR I 332 -0.16 -22.37 35.92
C TYR I 332 -0.30 -23.89 36.05
N ALA I 333 -0.20 -24.39 37.28
CA ALA I 333 -0.36 -25.82 37.55
C ALA I 333 -1.80 -26.09 38.03
N THR I 334 -2.74 -25.85 37.13
CA THR I 334 -4.18 -25.98 37.36
C THR I 334 -4.67 -27.32 37.90
N GLY I 335 -5.82 -27.29 38.58
CA GLY I 335 -6.44 -28.47 39.15
C GLY I 335 -7.55 -28.20 40.15
N ASP I 336 -8.63 -28.97 40.09
CA ASP I 336 -9.75 -28.81 41.00
C ASP I 336 -10.53 -30.11 41.04
N ILE I 337 -11.14 -30.37 42.19
CA ILE I 337 -11.93 -31.58 42.41
C ILE I 337 -13.40 -31.23 42.18
N ILE I 338 -13.84 -31.31 40.93
CA ILE I 338 -15.22 -31.03 40.55
C ILE I 338 -15.72 -32.32 39.91
N GLY I 339 -15.30 -33.45 40.46
CA GLY I 339 -15.68 -34.73 39.92
C GLY I 339 -14.64 -35.29 38.97
N ASN I 340 -13.38 -35.35 39.43
CA ASN I 340 -12.26 -35.84 38.63
C ASN I 340 -12.29 -37.37 38.55
N ILE I 341 -13.29 -37.88 37.83
CA ILE I 341 -13.45 -39.31 37.62
C ILE I 341 -13.69 -39.68 36.16
N ARG I 342 -14.12 -38.76 35.31
CA ARG I 342 -14.36 -39.06 33.90
C ARG I 342 -13.08 -38.80 33.12
N GLN I 343 -12.51 -39.87 32.57
CA GLN I 343 -11.28 -39.77 31.80
C GLN I 343 -11.59 -39.32 30.38
N ALA I 344 -10.76 -38.41 29.86
CA ALA I 344 -10.95 -37.90 28.50
C ALA I 344 -10.75 -39.00 27.48
N HIS I 345 -11.68 -39.09 26.53
CA HIS I 345 -11.62 -40.13 25.52
C HIS I 345 -12.04 -39.52 24.18
N CYS I 346 -12.32 -40.40 23.22
CA CYS I 346 -12.73 -39.99 21.87
C CYS I 346 -13.81 -40.93 21.37
N ASN I 347 -14.49 -40.51 20.31
CA ASN I 347 -15.55 -41.31 19.69
C ASN I 347 -15.41 -41.26 18.18
N ILE I 348 -15.37 -42.45 17.57
CA ILE I 348 -15.23 -42.61 16.13
C ILE I 348 -16.38 -43.49 15.66
N SER I 349 -17.04 -43.10 14.57
CA SER I 349 -18.17 -43.84 14.01
C SER I 349 -17.66 -45.17 13.47
N LYS I 350 -18.05 -46.27 14.15
CA LYS I 350 -17.62 -47.60 13.74
C LYS I 350 -18.20 -47.99 12.39
N ALA I 351 -19.39 -47.47 12.05
CA ALA I 351 -19.99 -47.77 10.75
C ALA I 351 -19.19 -47.12 9.63
N ARG I 352 -18.73 -45.89 9.87
CA ARG I 352 -17.92 -45.20 8.88
C ARG I 352 -16.51 -45.77 8.83
N TRP I 353 -16.01 -46.25 9.97
CA TRP I 353 -14.67 -46.83 10.06
C TRP I 353 -14.57 -48.15 9.31
N ASN I 354 -15.68 -48.86 9.11
CA ASN I 354 -15.65 -50.11 8.36
C ASN I 354 -15.46 -49.84 6.87
N GLU I 355 -16.20 -48.86 6.35
CA GLU I 355 -16.14 -48.53 4.93
C GLU I 355 -14.77 -47.98 4.54
N THR I 356 -14.07 -47.34 5.48
CA THR I 356 -12.75 -46.82 5.16
C THR I 356 -11.72 -47.94 5.06
N LEU I 357 -11.60 -48.75 6.12
CA LEU I 357 -10.64 -49.85 6.11
C LEU I 357 -10.99 -50.91 5.08
N GLY I 358 -12.28 -51.02 4.72
CA GLY I 358 -12.67 -52.01 3.72
C GLY I 358 -12.15 -51.63 2.35
N GLN I 359 -12.04 -50.33 2.07
CA GLN I 359 -11.53 -49.87 0.80
C GLN I 359 -10.01 -49.83 0.79
N ILE I 360 -9.39 -49.67 1.96
CA ILE I 360 -7.93 -49.63 2.06
C ILE I 360 -7.34 -51.00 1.80
N VAL I 361 -7.92 -52.05 2.39
CA VAL I 361 -7.45 -53.41 2.19
C VAL I 361 -7.69 -53.83 0.73
N ALA I 362 -8.75 -53.29 0.11
CA ALA I 362 -9.03 -53.59 -1.29
C ALA I 362 -7.97 -53.00 -2.20
N LYS I 363 -7.32 -51.91 -1.77
CA LYS I 363 -6.25 -51.29 -2.53
C LYS I 363 -4.90 -51.90 -2.19
N LEU I 364 -4.69 -52.27 -0.92
CA LEU I 364 -3.43 -52.87 -0.51
C LEU I 364 -3.27 -54.28 -1.07
N GLU I 365 -4.38 -54.95 -1.40
CA GLU I 365 -4.32 -56.29 -1.95
C GLU I 365 -3.78 -56.26 -3.37
N GLU I 366 -3.91 -55.14 -4.07
CA GLU I 366 -3.42 -55.01 -5.44
C GLU I 366 -1.90 -55.09 -5.49
N GLN I 367 -1.21 -54.28 -4.68
CA GLN I 367 0.24 -54.32 -4.67
C GLN I 367 0.78 -55.53 -3.93
N PHE I 368 0.00 -56.13 -3.03
CA PHE I 368 0.40 -57.29 -2.24
C PHE I 368 -0.54 -58.45 -2.57
N PRO I 369 -0.25 -59.24 -3.59
CA PRO I 369 -1.13 -60.35 -3.94
C PRO I 369 -0.84 -61.60 -3.12
N ASN I 370 -1.90 -62.41 -2.96
CA ASN I 370 -1.86 -63.68 -2.20
C ASN I 370 -1.39 -63.47 -0.77
N LYS I 371 -1.76 -62.35 -0.17
CA LYS I 371 -1.33 -62.04 1.19
C LYS I 371 -2.50 -61.53 2.01
N THR I 372 -2.33 -61.60 3.34
CA THR I 372 -3.31 -61.17 4.31
C THR I 372 -2.81 -59.86 4.91
N ILE I 373 -3.56 -58.78 4.70
CA ILE I 373 -3.17 -57.48 5.21
C ILE I 373 -3.58 -57.35 6.67
N ILE I 374 -2.70 -57.77 7.57
CA ILE I 374 -2.94 -57.73 9.01
C ILE I 374 -2.52 -56.39 9.58
N PHE I 375 -3.43 -55.76 10.33
CA PHE I 375 -3.14 -54.51 11.00
C PHE I 375 -2.77 -54.86 12.44
N ASN I 376 -1.90 -54.07 13.05
CA ASN I 376 -1.48 -54.41 14.40
C ASN I 376 -1.11 -53.17 15.18
N HIS I 377 -0.93 -53.37 16.48
CA HIS I 377 -0.53 -52.40 17.49
C HIS I 377 0.79 -51.74 17.09
N SER I 378 1.01 -50.53 17.59
CA SER I 378 2.24 -49.80 17.28
C SER I 378 3.41 -50.33 18.11
N SER I 379 4.57 -49.70 17.94
CA SER I 379 5.78 -50.07 18.66
C SER I 379 5.79 -49.43 20.05
N GLY I 380 6.95 -49.36 20.69
CA GLY I 380 7.03 -48.77 22.01
C GLY I 380 8.05 -47.66 22.18
N GLY I 381 8.64 -47.58 23.38
CA GLY I 381 9.65 -46.58 23.67
C GLY I 381 9.12 -45.33 24.35
N ASP I 382 9.21 -44.21 23.66
CA ASP I 382 8.72 -42.95 24.20
C ASP I 382 7.20 -42.92 24.12
N PRO I 383 6.49 -42.51 25.18
CA PRO I 383 5.02 -42.47 25.13
C PRO I 383 4.41 -41.56 24.08
N GLU I 384 5.17 -40.59 23.54
CA GLU I 384 4.63 -39.71 22.52
C GLU I 384 4.75 -40.30 21.11
N ILE I 385 5.18 -41.56 21.00
CA ILE I 385 5.33 -42.23 19.72
C ILE I 385 4.17 -43.19 19.46
N VAL I 386 3.86 -44.00 20.47
CA VAL I 386 2.81 -45.01 20.36
C VAL I 386 1.44 -44.36 20.25
N THR I 387 1.23 -43.24 20.92
CA THR I 387 -0.06 -42.59 20.94
C THR I 387 -0.22 -41.50 19.89
N HIS I 388 -1.47 -41.16 19.64
CA HIS I 388 -1.86 -40.13 18.71
C HIS I 388 -1.69 -38.77 19.36
N SER I 389 -1.26 -37.77 18.58
CA SER I 389 -1.07 -36.44 19.13
C SER I 389 -2.19 -35.53 18.66
N PHE I 390 -2.83 -34.83 19.59
CA PHE I 390 -3.92 -33.92 19.29
C PHE I 390 -3.57 -32.49 19.69
N ASN I 391 -4.55 -31.62 19.45
CA ASN I 391 -4.49 -30.21 19.80
C ASN I 391 -5.96 -29.77 19.81
N CYS I 392 -6.55 -29.71 20.99
CA CYS I 392 -7.96 -29.35 21.13
C CYS I 392 -8.08 -28.07 21.94
N GLY I 393 -8.18 -26.93 21.26
CA GLY I 393 -8.32 -25.64 21.89
C GLY I 393 -7.10 -25.12 22.63
N GLY I 394 -6.04 -25.90 22.76
CA GLY I 394 -4.86 -25.46 23.47
C GLY I 394 -4.32 -26.51 24.40
N GLU I 395 -4.86 -27.73 24.32
CA GLU I 395 -4.42 -28.84 25.15
C GLU I 395 -4.06 -29.99 24.24
N PHE I 396 -3.03 -30.75 24.62
CA PHE I 396 -2.53 -31.87 23.82
C PHE I 396 -2.99 -33.18 24.40
N PHE I 397 -3.59 -34.03 23.57
CA PHE I 397 -4.13 -35.32 23.98
C PHE I 397 -3.32 -36.46 23.37
N TYR I 398 -3.00 -37.46 24.19
CA TYR I 398 -2.27 -38.65 23.76
C TYR I 398 -3.20 -39.84 23.94
N CYS I 399 -3.72 -40.34 22.83
CA CYS I 399 -4.71 -41.42 22.84
C CYS I 399 -4.15 -42.75 22.35
N ASN I 400 -4.45 -43.82 23.10
CA ASN I 400 -4.07 -45.18 22.77
C ASN I 400 -4.91 -45.62 21.57
N THR I 401 -4.27 -45.77 20.41
CA THR I 401 -4.97 -46.16 19.19
C THR I 401 -5.04 -47.67 18.98
N THR I 402 -4.93 -48.46 20.03
CA THR I 402 -5.01 -49.92 19.92
C THR I 402 -6.40 -50.42 19.49
N PRO I 403 -7.55 -49.88 19.95
CA PRO I 403 -8.83 -50.38 19.42
C PRO I 403 -9.00 -50.10 17.94
N LEU I 404 -8.28 -49.12 17.41
CA LEU I 404 -8.33 -48.84 16.00
C LEU I 404 -7.48 -49.88 15.26
N PHE I 405 -8.04 -50.32 14.15
CA PHE I 405 -7.63 -51.28 13.12
C PHE I 405 -7.64 -52.74 13.56
N ASN I 406 -7.08 -53.04 14.75
CA ASN I 406 -6.97 -54.30 15.50
C ASN I 406 -7.46 -55.61 14.84
N SER I 407 -7.20 -55.85 13.56
CA SER I 407 -7.74 -57.07 12.96
C SER I 407 -6.73 -57.74 12.05
N THR I 408 -7.20 -58.75 11.31
CA THR I 408 -6.43 -59.56 10.39
C THR I 408 -6.75 -59.28 8.93
N TRP I 409 -8.03 -59.13 8.57
CA TRP I 409 -8.51 -58.81 7.22
C TRP I 409 -8.01 -59.74 6.12
N ASN I 410 -8.45 -61.01 6.11
CA ASN I 410 -8.05 -61.98 5.10
C ASN I 410 -8.45 -61.55 3.69
N ASN I 411 -9.74 -61.48 3.39
CA ASN I 411 -10.17 -61.04 2.08
C ASN I 411 -10.67 -59.61 2.19
N THR I 412 -11.09 -59.04 1.07
CA THR I 412 -11.54 -57.67 1.05
C THR I 412 -12.87 -57.48 1.76
N ARG I 413 -12.94 -56.43 2.58
CA ARG I 413 -14.11 -55.99 3.34
C ARG I 413 -14.74 -57.05 4.23
N THR I 414 -13.96 -57.65 5.13
CA THR I 414 -14.48 -58.67 6.04
C THR I 414 -13.90 -58.49 7.45
N ASP I 415 -14.17 -59.49 8.29
CA ASP I 415 -13.74 -59.59 9.68
C ASP I 415 -14.22 -58.41 10.53
N ASP I 416 -15.53 -58.32 10.66
CA ASP I 416 -16.11 -57.28 11.50
C ASP I 416 -16.26 -57.77 12.93
N TYR I 417 -16.35 -56.84 13.86
CA TYR I 417 -16.50 -57.26 15.25
C TYR I 417 -17.49 -56.54 16.17
N PRO I 418 -18.73 -56.10 15.75
CA PRO I 418 -19.59 -55.45 16.76
C PRO I 418 -20.72 -56.32 17.31
N THR I 419 -20.95 -57.50 16.72
CA THR I 419 -22.04 -58.47 17.02
C THR I 419 -23.40 -57.76 17.17
N GLY I 420 -23.59 -56.72 16.35
CA GLY I 420 -24.79 -55.91 16.38
C GLY I 420 -24.71 -54.72 17.31
N GLY I 421 -23.52 -54.35 17.77
CA GLY I 421 -23.37 -53.23 18.69
C GLY I 421 -23.39 -51.83 18.10
N GLU I 422 -22.35 -51.47 17.32
CA GLU I 422 -22.18 -50.15 16.69
C GLU I 422 -22.24 -49.05 17.77
N GLN I 423 -21.60 -49.33 18.90
CA GLN I 423 -21.64 -48.44 20.06
C GLN I 423 -20.46 -47.48 20.19
N ASN I 424 -20.09 -46.72 19.16
CA ASN I 424 -19.00 -45.73 19.22
C ASN I 424 -17.67 -46.21 19.81
N ILE I 425 -16.86 -46.94 19.04
CA ILE I 425 -15.56 -47.44 19.54
C ILE I 425 -14.71 -46.28 20.06
N THR I 426 -14.40 -46.35 21.36
CA THR I 426 -13.67 -45.32 22.06
C THR I 426 -12.16 -45.55 22.06
N LEU I 427 -11.45 -44.53 22.53
CA LEU I 427 -10.00 -44.52 22.64
C LEU I 427 -9.65 -43.82 23.95
N GLN I 428 -9.02 -44.55 24.87
CA GLN I 428 -8.64 -43.94 26.14
C GLN I 428 -7.48 -42.99 25.89
N CYS I 429 -7.52 -41.82 26.51
CA CYS I 429 -6.49 -40.82 26.27
C CYS I 429 -5.85 -40.28 27.54
N ARG I 430 -4.57 -39.98 27.43
CA ARG I 430 -3.77 -39.37 28.49
C ARG I 430 -3.48 -37.94 28.06
N ILE I 431 -3.18 -37.08 29.03
CA ILE I 431 -2.92 -35.67 28.73
C ILE I 431 -1.60 -35.25 29.35
N LYS I 432 -0.73 -34.65 28.54
CA LYS I 432 0.56 -34.16 29.00
C LYS I 432 0.54 -32.64 29.14
N GLN I 433 1.52 -32.15 29.88
CA GLN I 433 1.74 -30.74 30.10
C GLN I 433 3.12 -30.31 29.63
N ILE I 434 4.13 -31.13 29.87
CA ILE I 434 5.49 -30.88 29.40
C ILE I 434 5.56 -31.57 28.05
N ILE I 435 5.75 -30.80 26.99
CA ILE I 435 5.73 -31.33 25.63
C ILE I 435 7.12 -31.31 25.00
N ASN I 436 7.56 -32.47 24.51
CA ASN I 436 8.84 -32.60 23.80
C ASN I 436 8.56 -32.03 22.41
N MET I 437 8.65 -30.71 22.35
CA MET I 437 8.32 -29.93 21.17
C MET I 437 9.27 -30.15 19.99
N TRP I 438 8.68 -30.23 18.80
CA TRP I 438 9.36 -30.36 17.51
C TRP I 438 10.42 -31.44 17.35
N GLN I 439 9.93 -32.66 17.12
CA GLN I 439 10.68 -33.88 16.84
C GLN I 439 11.90 -33.65 15.96
N GLY I 440 13.08 -34.01 16.48
CA GLY I 440 14.31 -33.84 15.73
C GLY I 440 15.39 -33.01 16.40
N VAL I 441 15.01 -31.92 17.09
CA VAL I 441 16.01 -31.08 17.74
C VAL I 441 16.05 -31.34 19.24
N GLY I 442 14.94 -31.06 19.92
CA GLY I 442 14.84 -31.26 21.34
C GLY I 442 14.94 -29.97 22.14
N LYS I 443 13.76 -29.41 22.44
CA LYS I 443 13.63 -28.19 23.22
C LYS I 443 12.18 -28.23 23.70
N ALA I 444 11.98 -28.61 24.96
CA ALA I 444 10.63 -28.72 25.48
C ALA I 444 9.99 -27.35 25.74
N MET I 445 8.72 -27.40 26.10
CA MET I 445 7.93 -26.22 26.41
C MET I 445 6.85 -26.63 27.40
N TYR I 446 6.10 -25.65 27.89
CA TYR I 446 5.02 -25.88 28.84
C TYR I 446 3.72 -25.41 28.21
N ALA I 447 2.68 -26.23 28.35
CA ALA I 447 1.38 -25.89 27.79
C ALA I 447 0.48 -25.32 28.87
N PRO I 448 0.05 -24.06 28.77
CA PRO I 448 -0.85 -23.50 29.78
C PRO I 448 -2.22 -24.12 29.66
N PRO I 449 -2.77 -24.64 30.76
CA PRO I 449 -4.09 -25.29 30.70
C PRO I 449 -5.22 -24.31 30.45
N ILE I 450 -6.37 -24.89 30.11
CA ILE I 450 -7.59 -24.14 29.81
C ILE I 450 -8.54 -24.28 31.00
N ARG I 451 -9.13 -23.16 31.40
CA ARG I 451 -10.07 -23.14 32.51
C ARG I 451 -11.42 -23.66 32.05
N GLY I 452 -11.81 -24.82 32.52
CA GLY I 452 -13.11 -25.38 32.17
C GLY I 452 -13.03 -26.63 31.32
N GLN I 453 -14.15 -26.93 30.69
CA GLN I 453 -14.28 -28.11 29.84
C GLN I 453 -13.68 -27.84 28.46
N ILE I 454 -13.06 -28.87 27.89
CA ILE I 454 -12.42 -28.82 26.58
C ILE I 454 -13.11 -29.81 25.65
N ARG I 455 -13.47 -29.36 24.45
CA ARG I 455 -14.14 -30.22 23.48
C ARG I 455 -13.65 -29.84 22.08
N CYS I 456 -13.28 -30.84 21.28
CA CYS I 456 -12.80 -30.62 19.93
C CYS I 456 -13.37 -31.68 18.99
N SER I 457 -13.32 -31.38 17.70
CA SER I 457 -13.82 -32.29 16.68
C SER I 457 -13.08 -32.01 15.37
N SER I 458 -12.52 -33.06 14.76
CA SER I 458 -11.79 -32.90 13.52
C SER I 458 -12.14 -34.03 12.56
N ASN I 459 -11.63 -33.92 11.34
CA ASN I 459 -11.88 -34.89 10.28
C ASN I 459 -10.63 -35.72 10.01
N ILE I 460 -10.73 -37.03 10.21
CA ILE I 460 -9.62 -37.93 9.94
C ILE I 460 -9.62 -38.15 8.43
N THR I 461 -8.68 -37.49 7.74
CA THR I 461 -8.61 -37.59 6.29
C THR I 461 -7.43 -38.40 5.76
N GLY I 462 -6.37 -38.53 6.54
CA GLY I 462 -5.21 -39.27 6.10
C GLY I 462 -4.83 -40.38 7.07
N LEU I 463 -3.77 -41.10 6.71
CA LEU I 463 -3.27 -42.20 7.49
C LEU I 463 -1.80 -42.42 7.22
N LEU I 464 -1.03 -42.60 8.29
CA LEU I 464 0.40 -42.90 8.20
C LEU I 464 0.53 -44.36 8.58
N LEU I 465 1.30 -45.12 7.82
CA LEU I 465 1.47 -46.54 8.09
C LEU I 465 2.94 -46.91 7.89
N THR I 466 3.23 -48.17 8.16
CA THR I 466 4.56 -48.73 8.02
C THR I 466 4.43 -50.24 7.91
N ARG I 467 5.38 -50.86 7.22
CA ARG I 467 5.36 -52.30 7.02
C ARG I 467 6.50 -52.93 7.81
N ASP I 468 6.22 -54.03 8.48
CA ASP I 468 7.23 -54.73 9.27
C ASP I 468 7.89 -55.77 8.39
N GLY I 469 9.15 -55.54 8.03
CA GLY I 469 9.84 -56.50 7.20
C GLY I 469 10.30 -57.65 8.06
N GLY I 470 9.61 -58.79 7.95
CA GLY I 470 9.95 -59.96 8.75
C GLY I 470 10.08 -61.20 7.90
N ARG I 471 10.99 -62.08 8.31
CA ARG I 471 11.25 -63.31 7.59
C ARG I 471 10.21 -64.39 7.90
N ASP I 472 9.27 -64.14 8.81
CA ASP I 472 8.21 -65.06 9.14
C ASP I 472 6.99 -64.81 8.25
N GLN I 473 7.21 -64.15 7.11
CA GLN I 473 6.19 -63.78 6.14
C GLN I 473 5.62 -65.01 5.47
N ASN I 474 4.41 -65.37 5.88
CA ASN I 474 3.66 -66.50 5.34
C ASN I 474 2.38 -65.97 4.72
N GLY I 475 2.50 -64.86 4.00
CA GLY I 475 1.36 -64.24 3.38
C GLY I 475 0.63 -63.34 4.33
N THR I 476 1.30 -62.84 5.38
CA THR I 476 0.71 -61.97 6.38
C THR I 476 1.69 -60.83 6.66
N GLU I 477 1.61 -59.76 5.87
CA GLU I 477 2.48 -58.60 6.07
C GLU I 477 1.78 -57.66 7.04
N THR I 478 2.30 -57.60 8.27
CA THR I 478 1.70 -56.76 9.30
C THR I 478 2.01 -55.28 9.13
N PHE I 479 1.01 -54.46 9.36
CA PHE I 479 1.09 -53.00 9.27
C PHE I 479 0.86 -52.39 10.63
N ARG I 480 1.53 -51.28 10.89
CA ARG I 480 1.44 -50.55 12.15
C ARG I 480 1.19 -49.09 11.85
N PRO I 481 0.61 -48.34 12.79
CA PRO I 481 0.39 -46.91 12.54
C PRO I 481 1.67 -46.11 12.46
N GLY I 482 2.69 -46.48 13.23
CA GLY I 482 3.97 -45.79 13.22
C GLY I 482 3.94 -44.32 13.59
N GLY I 483 4.09 -43.47 12.58
CA GLY I 483 4.08 -42.04 12.77
C GLY I 483 5.13 -41.37 11.91
N GLY I 484 6.23 -42.09 11.65
CA GLY I 484 7.36 -41.68 10.85
C GLY I 484 7.98 -40.38 11.29
N ASN I 485 8.41 -39.60 10.31
CA ASN I 485 9.03 -38.30 10.52
C ASN I 485 7.95 -37.22 10.54
N MET I 486 8.31 -36.04 11.04
CA MET I 486 7.36 -34.94 11.10
C MET I 486 7.09 -34.38 9.71
N ARG I 487 8.05 -34.53 8.79
CA ARG I 487 7.87 -34.04 7.43
C ARG I 487 6.82 -34.82 6.66
N ASP I 488 6.51 -36.05 7.06
CA ASP I 488 5.52 -36.86 6.36
C ASP I 488 4.11 -36.31 6.55
N ASN I 489 3.88 -35.48 7.57
CA ASN I 489 2.57 -34.88 7.76
C ASN I 489 2.31 -33.79 6.75
N TRP I 490 3.35 -33.32 6.06
CA TRP I 490 3.27 -32.26 5.07
C TRP I 490 3.50 -32.75 3.65
N ARG I 491 3.98 -33.98 3.46
CA ARG I 491 4.15 -34.50 2.12
C ARG I 491 2.81 -34.93 1.53
N SER I 492 1.79 -35.09 2.37
CA SER I 492 0.46 -35.47 1.94
C SER I 492 -0.34 -34.27 1.45
N GLU I 493 0.27 -33.09 1.40
CA GLU I 493 -0.35 -31.88 0.93
C GLU I 493 0.48 -31.14 -0.11
N LEU I 494 1.77 -31.46 -0.23
CA LEU I 494 2.66 -30.84 -1.20
C LEU I 494 3.03 -31.81 -2.32
N TYR I 495 2.28 -32.89 -2.45
CA TYR I 495 2.56 -33.89 -3.47
C TYR I 495 2.07 -33.50 -4.85
N LYS I 496 1.31 -32.43 -4.97
CA LYS I 496 0.76 -32.03 -6.26
C LYS I 496 1.61 -31.05 -7.04
N TYR I 497 2.64 -30.45 -6.45
CA TYR I 497 3.39 -29.47 -7.23
C TYR I 497 4.84 -29.34 -6.83
N LYS I 498 5.59 -28.67 -7.72
CA LYS I 498 7.01 -28.40 -7.60
C LYS I 498 7.26 -26.96 -8.02
N VAL I 499 8.46 -26.47 -7.78
CA VAL I 499 8.85 -25.10 -8.11
C VAL I 499 9.87 -25.15 -9.24
N VAL I 500 9.56 -24.50 -10.36
CA VAL I 500 10.46 -24.52 -11.51
C VAL I 500 10.90 -23.11 -11.89
N LYS I 501 12.03 -23.06 -12.57
CA LYS I 501 12.64 -21.85 -13.10
C LYS I 501 12.53 -21.93 -14.61
N ILE I 502 12.46 -20.80 -15.28
CA ILE I 502 12.32 -20.79 -16.74
C ILE I 502 13.64 -20.43 -17.38
N GLU I 503 14.24 -21.39 -18.09
CA GLU I 503 15.47 -21.13 -18.82
C GLU I 503 15.01 -20.72 -20.21
N PRO I 504 15.18 -19.47 -20.61
CA PRO I 504 14.63 -19.04 -21.90
C PRO I 504 15.42 -19.33 -23.16
N LEU I 505 16.73 -19.51 -23.10
CA LEU I 505 17.44 -19.75 -24.36
C LEU I 505 17.64 -21.23 -24.60
N GLY I 506 17.60 -21.60 -25.87
CA GLY I 506 17.77 -22.97 -26.29
C GLY I 506 18.27 -22.98 -27.71
N ILE I 507 19.03 -24.01 -28.06
CA ILE I 507 19.59 -24.13 -29.38
C ILE I 507 18.86 -25.23 -30.14
N ALA I 508 18.94 -25.15 -31.47
CA ALA I 508 18.30 -26.10 -32.38
C ALA I 508 18.93 -25.93 -33.74
N PRO I 509 19.04 -26.99 -34.53
CA PRO I 509 19.65 -26.86 -35.85
C PRO I 509 18.63 -26.60 -36.95
N THR I 510 19.09 -25.86 -37.97
CA THR I 510 18.26 -25.54 -39.12
C THR I 510 19.19 -25.32 -40.32
N ALA I 511 18.61 -24.90 -41.45
CA ALA I 511 19.36 -24.72 -42.68
C ALA I 511 19.80 -23.29 -42.96
N CYS I 512 19.70 -22.36 -42.01
CA CYS I 512 20.16 -21.02 -42.33
C CYS I 512 21.67 -20.90 -42.08
N LYS I 513 22.26 -19.83 -42.60
CA LYS I 513 23.68 -19.58 -42.43
C LYS I 513 23.91 -18.10 -42.23
N ARG I 514 24.89 -17.75 -41.40
CA ARG I 514 25.19 -16.35 -41.14
C ARG I 514 26.05 -15.79 -42.25
N ARG I 515 25.67 -14.61 -42.76
CA ARG I 515 26.43 -13.96 -43.82
C ARG I 515 27.75 -13.44 -43.28
N VAL I 516 28.83 -13.77 -43.98
CA VAL I 516 30.16 -13.34 -43.57
C VAL I 516 30.93 -12.89 -44.80
N ALA J 1 4.50 -11.34 -24.22
CA ALA J 1 3.05 -11.41 -24.18
C ALA J 1 2.50 -12.01 -25.46
N VAL J 2 3.38 -12.24 -26.44
CA VAL J 2 3.00 -12.82 -27.72
C VAL J 2 3.22 -14.33 -27.64
N GLY J 3 2.39 -15.08 -28.36
CA GLY J 3 2.51 -16.53 -28.38
C GLY J 3 1.63 -17.24 -27.37
N LEU J 4 1.42 -16.59 -26.22
CA LEU J 4 0.61 -17.08 -25.10
C LEU J 4 1.13 -18.43 -24.57
N GLY J 5 2.33 -18.42 -24.00
CA GLY J 5 2.92 -19.63 -23.46
C GLY J 5 2.76 -19.75 -21.96
N ALA J 6 1.77 -19.02 -21.42
CA ALA J 6 1.35 -18.95 -20.02
C ALA J 6 2.38 -18.36 -19.05
N PHE J 7 3.56 -18.01 -19.53
CA PHE J 7 4.63 -17.44 -18.74
C PHE J 7 5.05 -16.11 -19.35
N ILE J 8 5.75 -15.29 -18.57
CA ILE J 8 6.21 -14.01 -19.11
C ILE J 8 7.34 -14.25 -20.08
N LEU J 9 8.33 -15.03 -19.66
CA LEU J 9 9.41 -15.43 -20.55
C LEU J 9 8.92 -16.69 -21.24
N GLY J 10 9.69 -17.19 -22.21
CA GLY J 10 9.20 -18.37 -22.89
C GLY J 10 8.06 -18.05 -23.83
N PHE J 11 8.08 -16.86 -24.43
CA PHE J 11 7.06 -16.36 -25.33
C PHE J 11 7.17 -16.87 -26.75
N LEU J 12 8.23 -17.59 -27.10
CA LEU J 12 8.36 -18.07 -28.48
C LEU J 12 7.48 -19.29 -28.75
N GLY J 13 6.70 -19.76 -27.78
CA GLY J 13 5.84 -20.91 -28.00
C GLY J 13 5.19 -21.33 -26.70
N ALA J 14 4.25 -22.25 -26.82
CA ALA J 14 3.53 -22.78 -25.68
C ALA J 14 4.07 -24.17 -25.37
N ALA J 15 4.19 -24.49 -24.09
CA ALA J 15 4.69 -25.79 -23.68
C ALA J 15 3.64 -26.85 -24.00
N GLY J 16 4.06 -27.88 -24.73
CA GLY J 16 3.16 -28.94 -25.11
C GLY J 16 3.10 -29.06 -26.61
N SER J 17 3.10 -27.92 -27.30
CA SER J 17 3.08 -27.92 -28.74
C SER J 17 4.48 -28.21 -29.26
N THR J 18 4.54 -28.79 -30.46
CA THR J 18 5.81 -29.14 -31.07
C THR J 18 6.62 -27.89 -31.45
N MET J 19 7.90 -28.13 -31.75
CA MET J 19 8.80 -27.05 -32.13
C MET J 19 8.40 -26.40 -33.44
N GLY J 20 7.92 -27.19 -34.39
CA GLY J 20 7.52 -26.63 -35.68
C GLY J 20 6.20 -25.90 -35.62
N ALA J 21 5.22 -26.46 -34.92
CA ALA J 21 3.92 -25.82 -34.82
C ALA J 21 3.93 -24.58 -33.94
N ALA J 22 4.95 -24.41 -33.10
CA ALA J 22 5.01 -23.22 -32.26
C ALA J 22 5.48 -22.02 -33.06
N SER J 23 6.32 -22.24 -34.07
CA SER J 23 6.80 -21.14 -34.91
C SER J 23 5.82 -20.82 -36.02
N MET J 24 5.11 -21.83 -36.54
CA MET J 24 4.13 -21.56 -37.59
C MET J 24 2.93 -20.83 -37.03
N ALA J 25 2.60 -21.06 -35.76
CA ALA J 25 1.49 -20.39 -35.12
C ALA J 25 1.93 -19.07 -34.49
N LEU J 26 3.23 -18.78 -34.50
CA LEU J 26 3.71 -17.52 -33.95
C LEU J 26 3.61 -16.41 -34.97
N THR J 27 3.97 -16.68 -36.22
CA THR J 27 3.86 -15.68 -37.27
C THR J 27 2.41 -15.34 -37.55
N VAL J 28 1.51 -16.31 -37.42
CA VAL J 28 0.09 -16.06 -37.62
C VAL J 28 -0.44 -15.20 -36.48
N GLN J 29 0.04 -15.45 -35.27
CA GLN J 29 -0.38 -14.66 -34.12
C GLN J 29 0.27 -13.28 -34.17
N ALA J 30 1.42 -13.17 -34.81
CA ALA J 30 2.10 -11.88 -34.91
C ALA J 30 1.45 -10.98 -35.95
N ARG J 31 0.80 -11.55 -36.97
CA ARG J 31 0.13 -10.72 -37.96
C ARG J 31 -1.07 -10.02 -37.39
N LEU J 32 -1.74 -10.66 -36.43
CA LEU J 32 -2.92 -10.07 -35.81
C LEU J 32 -2.57 -8.97 -34.83
N LEU J 33 -1.32 -8.89 -34.38
CA LEU J 33 -0.93 -7.86 -33.43
C LEU J 33 -0.37 -6.62 -34.12
N LEU J 34 0.29 -6.77 -35.27
CA LEU J 34 0.80 -5.61 -35.98
C LEU J 34 -0.33 -4.86 -36.66
N SER J 35 -1.29 -5.59 -37.23
CA SER J 35 -2.42 -4.96 -37.90
C SER J 35 -3.36 -4.28 -36.92
N GLY J 36 -3.32 -4.66 -35.65
CA GLY J 36 -4.17 -4.06 -34.66
C GLY J 36 -5.63 -4.39 -34.78
N ILE J 37 -5.98 -5.43 -35.51
CA ILE J 37 -7.38 -5.80 -35.68
C ILE J 37 -7.79 -6.66 -34.49
N VAL J 38 -9.08 -6.60 -34.15
CA VAL J 38 -9.60 -7.36 -33.02
C VAL J 38 -10.42 -8.55 -33.50
N HIS J 53 -11.90 -5.56 -1.79
CA HIS J 53 -11.04 -5.11 -0.70
C HIS J 53 -9.95 -4.23 -1.31
N MET J 54 -9.17 -3.54 -0.48
CA MET J 54 -8.13 -2.67 -0.99
C MET J 54 -6.77 -3.02 -0.40
N LEU J 55 -6.72 -3.48 0.86
CA LEU J 55 -5.45 -3.83 1.47
C LEU J 55 -4.85 -5.07 0.83
N GLN J 56 -5.68 -6.03 0.45
CA GLN J 56 -5.18 -7.23 -0.22
C GLN J 56 -5.04 -7.01 -1.72
N LEU J 57 -5.41 -5.82 -2.20
CA LEU J 57 -5.31 -5.46 -3.60
C LEU J 57 -4.11 -4.57 -3.87
N THR J 58 -3.60 -3.88 -2.84
CA THR J 58 -2.42 -3.03 -2.97
C THR J 58 -1.13 -3.78 -2.69
N VAL J 59 -1.20 -4.95 -2.09
CA VAL J 59 -0.01 -5.76 -1.83
C VAL J 59 0.23 -6.70 -3.00
N TRP J 60 -0.84 -7.29 -3.51
CA TRP J 60 -0.72 -8.18 -4.66
C TRP J 60 -0.63 -7.43 -5.98
N GLY J 61 -0.72 -6.10 -5.94
CA GLY J 61 -0.59 -5.31 -7.13
C GLY J 61 0.89 -5.06 -7.31
N ILE J 62 1.60 -5.09 -6.18
CA ILE J 62 3.05 -4.89 -6.19
C ILE J 62 3.76 -6.17 -6.61
N LYS J 63 3.31 -7.31 -6.09
CA LYS J 63 3.94 -8.58 -6.44
C LYS J 63 3.72 -8.96 -7.89
N GLN J 64 2.69 -8.44 -8.54
CA GLN J 64 2.53 -8.71 -9.95
C GLN J 64 3.45 -7.81 -10.75
N LEU J 65 3.80 -6.65 -10.18
CA LEU J 65 4.72 -5.74 -10.84
C LEU J 65 6.15 -6.24 -10.69
N GLN J 66 6.50 -6.78 -9.52
CA GLN J 66 7.85 -7.29 -9.30
C GLN J 66 8.11 -8.52 -10.16
N ALA J 67 7.08 -9.24 -10.57
CA ALA J 67 7.26 -10.38 -11.44
C ALA J 67 7.42 -9.96 -12.88
N ARG J 68 6.86 -8.81 -13.25
CA ARG J 68 6.97 -8.30 -14.61
C ARG J 68 8.22 -7.46 -14.81
N VAL J 69 8.59 -6.63 -13.83
CA VAL J 69 9.78 -5.80 -13.95
C VAL J 69 11.04 -6.67 -13.93
N LEU J 70 11.04 -7.75 -13.14
CA LEU J 70 12.19 -8.65 -13.11
C LEU J 70 12.35 -9.38 -14.44
N ALA J 71 11.24 -9.75 -15.07
CA ALA J 71 11.31 -10.42 -16.36
C ALA J 71 11.75 -9.48 -17.46
N VAL J 72 11.48 -8.18 -17.31
CA VAL J 72 11.92 -7.22 -18.32
C VAL J 72 13.42 -6.98 -18.17
N GLU J 73 13.90 -6.91 -16.92
CA GLU J 73 15.33 -6.72 -16.69
C GLU J 73 16.14 -7.93 -17.11
N ARG J 74 15.57 -9.13 -16.98
CA ARG J 74 16.29 -10.33 -17.42
C ARG J 74 16.29 -10.40 -18.93
N TYR J 75 15.24 -9.88 -19.57
CA TYR J 75 15.17 -9.88 -21.02
C TYR J 75 16.16 -8.90 -21.61
N LEU J 76 16.20 -7.67 -21.09
CA LEU J 76 17.11 -6.65 -21.60
C LEU J 76 18.57 -7.02 -21.32
N ARG J 77 18.82 -7.79 -20.27
CA ARG J 77 20.18 -8.18 -19.97
C ARG J 77 20.64 -9.27 -20.91
N ASP J 78 19.78 -10.27 -21.14
CA ASP J 78 20.15 -11.38 -22.02
C ASP J 78 20.21 -10.97 -23.48
N GLN J 79 19.49 -9.93 -23.90
CA GLN J 79 19.59 -9.51 -25.29
C GLN J 79 20.94 -8.88 -25.59
N GLN J 80 21.64 -8.39 -24.56
CA GLN J 80 22.96 -7.81 -24.74
C GLN J 80 24.06 -8.80 -24.42
N LEU J 81 23.77 -9.82 -23.61
CA LEU J 81 24.79 -10.82 -23.32
C LEU J 81 25.02 -11.73 -24.50
N LEU J 82 24.10 -11.77 -25.46
CA LEU J 82 24.26 -12.57 -26.65
C LEU J 82 25.23 -11.95 -27.64
N GLY J 83 25.83 -10.81 -27.30
CA GLY J 83 26.80 -10.18 -28.17
C GLY J 83 28.09 -10.94 -28.28
N ILE J 84 28.31 -11.90 -27.39
CA ILE J 84 29.50 -12.74 -27.43
C ILE J 84 29.35 -13.79 -28.52
N TRP J 85 28.13 -14.00 -29.00
CA TRP J 85 27.83 -14.96 -30.04
C TRP J 85 27.41 -14.27 -31.33
N GLY J 86 27.41 -12.94 -31.36
CA GLY J 86 27.01 -12.18 -32.52
C GLY J 86 25.52 -12.01 -32.67
N CYS J 87 24.73 -12.49 -31.71
CA CYS J 87 23.28 -12.40 -31.74
C CYS J 87 22.77 -11.32 -30.80
N SER J 88 23.46 -10.19 -30.75
CA SER J 88 23.09 -9.08 -29.88
C SER J 88 21.75 -8.48 -30.29
N GLY J 89 20.77 -8.60 -29.42
CA GLY J 89 19.46 -8.05 -29.70
C GLY J 89 18.62 -8.80 -30.71
N LYS J 90 18.56 -10.13 -30.60
CA LYS J 90 17.77 -10.94 -31.52
C LYS J 90 17.04 -12.03 -30.76
N ILE J 91 15.99 -12.54 -31.38
CA ILE J 91 15.19 -13.61 -30.81
C ILE J 91 15.59 -14.91 -31.50
N ILE J 92 15.36 -14.98 -32.80
CA ILE J 92 15.70 -16.16 -33.60
C ILE J 92 16.98 -15.78 -34.32
N CYS J 93 18.12 -16.10 -33.72
CA CYS J 93 19.38 -15.78 -34.35
C CYS J 93 19.78 -16.88 -35.32
N CYS J 94 20.96 -16.74 -35.90
CA CYS J 94 21.46 -17.70 -36.86
C CYS J 94 22.98 -17.59 -36.90
N THR J 95 23.68 -18.66 -36.54
CA THR J 95 25.13 -18.68 -36.50
C THR J 95 25.68 -19.52 -37.64
N ASN J 96 27.01 -19.68 -37.66
CA ASN J 96 27.68 -20.47 -38.69
C ASN J 96 28.46 -21.65 -38.12
N VAL J 97 28.02 -22.17 -36.99
CA VAL J 97 28.71 -23.33 -36.41
C VAL J 97 28.13 -24.60 -37.04
N PRO J 98 28.97 -25.48 -37.58
CA PRO J 98 28.45 -26.70 -38.21
C PRO J 98 27.87 -27.65 -37.19
N TRP J 99 26.63 -28.06 -37.42
CA TRP J 99 25.96 -28.98 -36.52
C TRP J 99 26.57 -30.36 -36.66
N ASN J 100 27.19 -30.84 -35.58
CA ASN J 100 27.83 -32.14 -35.61
C ASN J 100 26.77 -33.22 -35.62
N ASP J 101 26.98 -34.26 -36.43
CA ASP J 101 26.00 -35.33 -36.51
C ASP J 101 25.96 -36.18 -35.25
N SER J 102 27.02 -36.16 -34.43
CA SER J 102 27.03 -36.94 -33.20
C SER J 102 26.16 -36.31 -32.11
N TRP J 103 25.68 -35.09 -32.34
CA TRP J 103 24.83 -34.38 -31.38
C TRP J 103 23.37 -34.65 -31.68
N SER J 104 23.00 -35.93 -31.76
CA SER J 104 21.63 -36.40 -32.04
C SER J 104 21.13 -35.88 -33.38
N ASN J 105 21.64 -36.48 -34.46
CA ASN J 105 21.34 -36.18 -35.87
C ASN J 105 19.85 -35.91 -36.14
N LYS J 106 19.01 -36.91 -35.91
CA LYS J 106 17.56 -36.88 -35.95
C LYS J 106 16.82 -36.39 -37.20
N THR J 107 17.50 -35.97 -38.28
CA THR J 107 16.87 -35.53 -39.54
C THR J 107 15.88 -34.36 -39.35
N ILE J 108 16.38 -33.11 -39.43
CA ILE J 108 15.72 -31.80 -39.19
C ILE J 108 14.20 -31.75 -39.29
N ASN J 109 13.62 -32.34 -40.35
CA ASN J 109 12.16 -32.32 -40.45
C ASN J 109 11.49 -33.18 -39.37
N GLU J 110 12.20 -34.12 -38.76
CA GLU J 110 11.65 -34.96 -37.72
C GLU J 110 11.79 -34.33 -36.34
N ILE J 111 12.62 -33.30 -36.19
CA ILE J 111 12.77 -32.64 -34.90
C ILE J 111 11.63 -31.67 -34.67
N TRP J 112 11.39 -30.80 -35.64
CA TRP J 112 10.35 -29.78 -35.54
C TRP J 112 8.95 -30.36 -35.59
N ASP J 113 8.76 -31.52 -36.22
CA ASP J 113 7.42 -32.09 -36.34
C ASP J 113 7.08 -33.11 -35.27
N ASN J 114 8.03 -33.57 -34.48
CA ASN J 114 7.71 -34.57 -33.47
C ASN J 114 8.05 -34.14 -32.05
N MET J 115 9.21 -33.54 -31.84
CA MET J 115 9.65 -33.16 -30.51
C MET J 115 9.25 -31.74 -30.15
N THR J 116 8.99 -31.52 -28.87
CA THR J 116 8.65 -30.21 -28.36
C THR J 116 9.93 -29.61 -27.81
N TRP J 117 9.83 -28.49 -27.10
CA TRP J 117 11.06 -27.91 -26.56
C TRP J 117 11.53 -28.66 -25.32
N MET J 118 10.61 -29.32 -24.61
CA MET J 118 11.01 -30.05 -23.41
C MET J 118 11.77 -31.32 -23.77
N GLN J 119 11.31 -32.06 -24.78
CA GLN J 119 12.02 -33.29 -25.16
C GLN J 119 13.32 -32.98 -25.86
N TRP J 120 13.43 -31.84 -26.54
CA TRP J 120 14.68 -31.53 -27.22
C TRP J 120 15.77 -31.11 -26.27
N GLU J 121 15.41 -30.45 -25.16
CA GLU J 121 16.44 -30.04 -24.21
C GLU J 121 16.99 -31.25 -23.45
N LYS J 122 16.17 -32.28 -23.28
CA LYS J 122 16.60 -33.50 -22.62
C LYS J 122 17.40 -34.39 -23.56
N GLU J 123 17.43 -34.06 -24.85
CA GLU J 123 18.15 -34.80 -25.86
C GLU J 123 19.60 -34.35 -25.99
N ILE J 124 19.86 -33.05 -25.84
CA ILE J 124 21.20 -32.52 -25.95
C ILE J 124 21.65 -31.88 -24.65
N ASP J 125 21.17 -32.42 -23.52
CA ASP J 125 21.54 -31.90 -22.21
C ASP J 125 23.03 -32.01 -21.92
N ASN J 126 23.67 -33.06 -22.43
CA ASN J 126 25.10 -33.25 -22.23
C ASN J 126 25.95 -32.48 -23.22
N TYR J 127 25.33 -31.83 -24.21
CA TYR J 127 26.08 -31.13 -25.23
C TYR J 127 25.90 -29.62 -25.24
N THR J 128 25.01 -29.07 -24.42
CA THR J 128 24.81 -27.62 -24.44
C THR J 128 26.00 -26.87 -23.87
N GLN J 129 26.74 -27.48 -22.93
CA GLN J 129 27.89 -26.76 -22.39
C GLN J 129 29.06 -26.77 -23.35
N HIS J 130 29.08 -27.67 -24.32
CA HIS J 130 30.17 -27.71 -25.30
C HIS J 130 29.86 -26.84 -26.51
N ILE J 131 28.60 -26.75 -26.89
CA ILE J 131 28.21 -25.93 -28.04
C ILE J 131 28.31 -24.45 -27.66
N TYR J 132 28.06 -24.12 -26.40
CA TYR J 132 28.17 -22.73 -25.94
C TYR J 132 29.60 -22.21 -26.03
N THR J 133 30.59 -23.09 -25.99
CA THR J 133 31.97 -22.65 -26.12
C THR J 133 32.39 -22.52 -27.58
N LEU J 134 31.81 -23.32 -28.47
CA LEU J 134 32.14 -23.23 -29.89
C LEU J 134 31.54 -21.98 -30.52
N LEU J 135 30.46 -21.46 -29.95
CA LEU J 135 29.85 -20.26 -30.49
C LEU J 135 30.71 -19.03 -30.18
N GLU J 136 31.34 -19.02 -29.01
CA GLU J 136 32.20 -17.90 -28.65
C GLU J 136 33.49 -17.91 -29.47
N VAL J 137 34.03 -19.09 -29.74
CA VAL J 137 35.26 -19.21 -30.53
C VAL J 137 35.00 -18.79 -31.97
N SER J 138 33.86 -19.19 -32.53
CA SER J 138 33.54 -18.81 -33.90
C SER J 138 33.20 -17.34 -34.04
N GLN J 139 32.78 -16.68 -32.96
CA GLN J 139 32.46 -15.26 -33.04
C GLN J 139 33.71 -14.41 -33.01
N ILE J 140 34.72 -14.84 -32.23
CA ILE J 140 35.98 -14.10 -32.15
C ILE J 140 36.69 -14.15 -33.50
N GLN J 141 36.51 -15.24 -34.25
CA GLN J 141 37.09 -15.32 -35.58
C GLN J 141 36.40 -14.36 -36.54
N GLN J 142 35.11 -14.08 -36.31
CA GLN J 142 34.40 -13.14 -37.17
C GLN J 142 34.81 -11.71 -36.85
N GLU J 143 35.03 -11.42 -35.57
CA GLU J 143 35.45 -10.08 -35.15
C GLU J 143 36.93 -9.83 -35.38
N LYS J 144 37.65 -10.82 -35.89
CA LYS J 144 39.07 -10.71 -36.21
C LYS J 144 39.32 -10.72 -37.70
N ASN J 145 38.57 -11.55 -38.45
CA ASN J 145 38.74 -11.61 -39.89
C ASN J 145 38.12 -10.38 -40.55
N GLU J 146 36.96 -9.96 -40.08
CA GLU J 146 36.29 -8.79 -40.64
C GLU J 146 36.87 -7.48 -40.12
N GLN J 147 37.82 -7.55 -39.20
CA GLN J 147 38.49 -6.38 -38.66
C GLN J 147 39.81 -6.10 -39.35
N GLU J 148 40.51 -7.16 -39.76
CA GLU J 148 41.78 -7.00 -40.46
C GLU J 148 41.58 -6.47 -41.87
N LEU J 149 40.38 -6.67 -42.44
CA LEU J 149 40.10 -6.16 -43.78
C LEU J 149 40.06 -4.64 -43.81
N LEU J 150 39.72 -4.02 -42.68
CA LEU J 150 39.66 -2.57 -42.60
C LEU J 150 41.01 -1.97 -42.29
N GLU J 151 41.91 -2.73 -41.66
CA GLU J 151 43.23 -2.22 -41.33
C GLU J 151 44.12 -2.11 -42.56
N LEU J 152 43.79 -2.80 -43.65
CA LEU J 152 44.60 -2.74 -44.85
C LEU J 152 44.42 -1.43 -45.59
N ASP J 153 43.29 -0.77 -45.44
CA ASP J 153 43.04 0.51 -46.10
C ASP J 153 43.82 1.64 -45.46
N GLN K 1 15.25 -60.46 12.85
CA GLN K 1 15.14 -60.26 14.28
C GLN K 1 15.91 -59.02 14.72
N VAL K 2 15.64 -58.57 15.94
CA VAL K 2 16.32 -57.39 16.47
C VAL K 2 17.76 -57.74 16.80
N GLN K 3 18.69 -56.98 16.24
CA GLN K 3 20.11 -57.24 16.49
C GLN K 3 20.88 -55.94 16.31
N LEU K 4 21.79 -55.69 17.26
CA LEU K 4 22.64 -54.50 17.24
C LEU K 4 24.07 -54.96 16.95
N VAL K 5 24.64 -54.45 15.86
CA VAL K 5 26.00 -54.80 15.47
C VAL K 5 26.87 -53.57 15.61
N GLN K 6 27.86 -53.65 16.48
CA GLN K 6 28.77 -52.54 16.72
C GLN K 6 29.96 -52.64 15.76
N SER K 7 30.80 -51.61 15.78
CA SER K 7 31.97 -51.60 14.93
C SER K 7 33.09 -52.42 15.57
N GLY K 8 34.23 -52.49 14.90
CA GLY K 8 35.37 -53.24 15.40
C GLY K 8 36.11 -52.48 16.49
N ALA K 9 37.25 -53.06 16.87
CA ALA K 9 38.08 -52.47 17.91
C ALA K 9 38.76 -51.20 17.38
N GLU K 10 39.15 -50.33 18.31
CA GLU K 10 39.79 -49.07 17.91
C GLU K 10 40.81 -48.69 19.00
N VAL K 11 42.05 -49.08 18.78
CA VAL K 11 43.14 -48.76 19.70
C VAL K 11 43.66 -47.38 19.35
N LYS K 12 43.51 -46.43 20.27
CA LYS K 12 43.96 -45.07 20.04
C LYS K 12 44.86 -44.57 21.17
N LYS K 13 45.62 -43.53 20.83
CA LYS K 13 46.53 -42.91 21.77
C LYS K 13 45.74 -42.09 22.79
N PRO K 14 46.30 -41.87 23.98
CA PRO K 14 45.57 -41.06 24.99
C PRO K 14 45.51 -39.60 24.58
N GLY K 15 44.30 -39.09 24.41
CA GLY K 15 44.07 -37.72 24.01
C GLY K 15 43.41 -37.63 22.65
N ALA K 16 43.03 -38.79 22.11
CA ALA K 16 42.39 -38.88 20.82
C ALA K 16 40.86 -38.91 20.99
N SER K 17 40.15 -39.20 19.90
CA SER K 17 38.69 -39.26 19.90
C SER K 17 38.24 -40.59 19.32
N VAL K 18 37.74 -41.48 20.16
CA VAL K 18 37.26 -42.79 19.74
C VAL K 18 35.80 -42.64 19.32
N LYS K 19 35.47 -43.12 18.12
CA LYS K 19 34.12 -43.03 17.59
C LYS K 19 33.50 -44.43 17.50
N VAL K 20 32.76 -44.80 18.52
CA VAL K 20 32.10 -46.10 18.59
C VAL K 20 30.72 -45.96 17.95
N SER K 21 30.37 -46.90 17.08
CA SER K 21 29.08 -46.85 16.39
C SER K 21 28.23 -48.09 16.66
N CYS K 22 26.92 -47.88 16.57
CA CYS K 22 25.90 -48.90 16.76
C CYS K 22 25.14 -49.02 15.45
N GLN K 23 24.37 -50.11 15.29
CA GLN K 23 23.62 -50.28 14.05
C GLN K 23 22.37 -51.10 14.30
N ALA K 24 21.22 -50.49 14.06
CA ALA K 24 19.93 -51.16 14.25
C ALA K 24 19.52 -51.85 12.96
N SER K 25 19.05 -53.09 13.08
CA SER K 25 18.66 -53.85 11.90
C SER K 25 17.22 -54.35 11.91
N GLY K 26 16.78 -54.99 12.97
CA GLY K 26 15.44 -55.55 13.01
C GLY K 26 14.28 -54.71 13.51
N TYR K 27 14.41 -53.39 13.52
CA TYR K 27 13.32 -52.53 13.99
C TYR K 27 13.50 -51.16 13.37
N ARG K 28 12.67 -50.21 13.80
CA ARG K 28 12.72 -48.83 13.34
C ARG K 28 13.57 -48.06 14.33
N PHE K 29 14.79 -47.70 13.91
CA PHE K 29 15.74 -46.99 14.76
C PHE K 29 15.23 -45.64 15.25
N SER K 30 14.34 -45.00 14.52
CA SER K 30 13.84 -43.70 14.93
C SER K 30 12.72 -43.77 15.98
N ASN K 31 12.57 -44.87 16.71
CA ASN K 31 11.52 -44.97 17.72
C ASN K 31 11.98 -45.43 19.09
N PHE K 32 13.19 -45.94 19.23
CA PHE K 32 13.68 -46.43 20.52
C PHE K 32 14.91 -45.66 20.98
N VAL K 33 15.11 -45.62 22.29
CA VAL K 33 16.22 -44.93 22.92
C VAL K 33 17.41 -45.88 23.05
N ILE K 34 18.60 -45.41 22.70
CA ILE K 34 19.83 -46.20 22.74
C ILE K 34 20.67 -45.82 23.95
N HIS K 35 21.12 -46.82 24.71
CA HIS K 35 21.97 -46.64 25.87
C HIS K 35 23.39 -47.10 25.60
N TRP K 36 24.34 -46.52 26.32
CA TRP K 36 25.74 -46.88 26.24
C TRP K 36 26.24 -47.09 27.67
N VAL K 37 26.87 -48.24 27.91
CA VAL K 37 27.44 -48.54 29.21
C VAL K 37 28.91 -48.87 29.01
N ARG K 38 29.65 -48.90 30.11
CA ARG K 38 31.09 -49.20 30.05
C ARG K 38 31.39 -50.38 30.97
N GLN K 39 32.32 -51.22 30.53
CA GLN K 39 32.73 -52.39 31.30
C GLN K 39 34.23 -52.58 31.19
N ALA K 40 34.91 -52.42 32.31
CA ALA K 40 36.32 -52.55 32.64
C ALA K 40 36.57 -53.96 33.17
N PRO K 41 37.70 -54.57 32.81
CA PRO K 41 37.98 -55.94 33.28
C PRO K 41 38.10 -56.07 34.79
N GLY K 42 37.14 -56.75 35.39
CA GLY K 42 37.08 -56.96 36.82
C GLY K 42 36.15 -56.02 37.56
N GLN K 43 35.84 -54.87 36.96
CA GLN K 43 34.96 -53.88 37.58
C GLN K 43 33.50 -54.21 37.29
N ARG K 44 32.61 -53.26 37.58
CA ARG K 44 31.18 -53.39 37.35
C ARG K 44 30.80 -52.58 36.12
N PHE K 45 29.55 -52.75 35.68
CA PHE K 45 29.08 -51.96 34.56
C PHE K 45 28.86 -50.53 35.04
N GLU K 46 28.83 -49.60 34.10
CA GLU K 46 28.61 -48.21 34.46
C GLU K 46 27.96 -47.48 33.30
N TRP K 47 26.86 -46.81 33.62
CA TRP K 47 26.08 -46.06 32.64
C TRP K 47 26.82 -44.84 32.14
N MET K 48 26.69 -44.56 30.84
CA MET K 48 27.36 -43.45 30.21
C MET K 48 26.40 -42.42 29.62
N GLY K 49 25.10 -42.69 29.64
CA GLY K 49 24.13 -41.78 29.09
C GLY K 49 23.29 -42.44 28.02
N TRP K 50 22.36 -41.66 27.47
CA TRP K 50 21.49 -42.16 26.42
C TRP K 50 21.18 -41.05 25.44
N ILE K 51 20.69 -41.44 24.28
CA ILE K 51 20.30 -40.50 23.24
C ILE K 51 18.93 -40.93 22.72
N ASN K 52 18.07 -39.96 22.47
CA ASN K 52 16.76 -40.25 21.95
C ASN K 52 16.81 -39.82 20.48
N PRO K 53 16.96 -40.75 19.54
CA PRO K 53 17.04 -40.36 18.13
C PRO K 53 15.76 -39.82 17.55
N TYR K 54 14.64 -39.97 18.25
CA TYR K 54 13.37 -39.45 17.74
C TYR K 54 13.36 -37.93 17.80
N ASN K 55 13.43 -37.37 19.00
CA ASN K 55 13.40 -35.93 19.18
C ASN K 55 14.75 -35.28 19.45
N GLY K 56 15.85 -36.04 19.41
CA GLY K 56 17.14 -35.44 19.67
C GLY K 56 17.40 -35.13 21.13
N ASN K 57 16.62 -35.69 22.05
CA ASN K 57 16.83 -35.44 23.47
C ASN K 57 18.03 -36.24 23.94
N LYS K 58 19.00 -35.57 24.53
CA LYS K 58 20.21 -36.20 25.01
C LYS K 58 20.37 -36.03 26.52
N GLU K 59 20.86 -37.07 27.17
CA GLU K 59 21.09 -37.03 28.61
C GLU K 59 22.24 -37.97 28.92
N PHE K 60 23.29 -37.43 29.52
CA PHE K 60 24.48 -38.17 29.90
C PHE K 60 24.75 -37.99 31.38
N SER K 61 25.42 -38.97 31.97
CA SER K 61 25.72 -38.94 33.39
C SER K 61 26.70 -37.82 33.74
N ALA K 62 26.67 -37.42 35.02
CA ALA K 62 27.51 -36.34 35.53
C ALA K 62 28.98 -36.71 35.54
N LYS K 63 29.31 -38.00 35.57
CA LYS K 63 30.71 -38.42 35.59
C LYS K 63 31.37 -38.17 34.24
N PHE K 64 30.59 -38.21 33.15
CA PHE K 64 31.10 -37.99 31.80
C PHE K 64 30.46 -36.73 31.24
N GLN K 65 30.47 -35.67 32.05
CA GLN K 65 29.87 -34.39 31.68
C GLN K 65 30.54 -33.77 30.45
N ASP K 66 31.81 -33.42 30.56
CA ASP K 66 32.55 -32.79 29.46
C ASP K 66 33.54 -33.74 28.79
N ARG K 67 33.18 -35.02 28.64
CA ARG K 67 34.12 -35.95 28.02
C ARG K 67 33.51 -36.77 26.90
N VAL K 68 32.22 -37.09 26.99
CA VAL K 68 31.55 -37.92 25.99
C VAL K 68 30.36 -37.16 25.43
N THR K 69 30.25 -37.12 24.10
CA THR K 69 29.15 -36.48 23.39
C THR K 69 28.42 -37.56 22.61
N PHE K 70 27.13 -37.33 22.37
CA PHE K 70 26.27 -38.28 21.67
C PHE K 70 25.71 -37.68 20.38
N THR K 71 25.77 -38.46 19.30
CA THR K 71 25.26 -38.08 17.99
C THR K 71 24.61 -39.30 17.35
N ALA K 72 23.52 -39.08 16.62
CA ALA K 72 22.81 -40.19 15.98
C ALA K 72 22.39 -39.79 14.58
N ASP K 73 22.28 -40.80 13.70
CA ASP K 73 21.88 -40.61 12.31
C ASP K 73 20.62 -41.43 12.09
N THR K 74 19.51 -40.74 11.83
CA THR K 74 18.23 -41.41 11.63
C THR K 74 18.16 -42.12 10.29
N SER K 75 18.57 -41.44 9.21
CA SER K 75 18.52 -42.00 7.87
C SER K 75 19.50 -43.15 7.63
N ALA K 76 20.46 -43.37 8.53
CA ALA K 76 21.42 -44.45 8.35
C ALA K 76 21.25 -45.57 9.38
N ASN K 77 20.32 -45.40 10.32
CA ASN K 77 20.02 -46.37 11.39
C ASN K 77 21.24 -46.69 12.24
N THR K 78 22.06 -45.67 12.51
CA THR K 78 23.27 -45.82 13.30
C THR K 78 23.39 -44.75 14.37
N ALA K 79 23.87 -45.15 15.54
CA ALA K 79 24.08 -44.26 16.68
C ALA K 79 25.58 -44.16 16.93
N TYR K 80 26.07 -42.95 17.12
CA TYR K 80 27.50 -42.70 17.31
C TYR K 80 27.79 -42.20 18.72
N MET K 81 29.04 -42.40 19.15
CA MET K 81 29.49 -41.95 20.46
C MET K 81 30.90 -41.41 20.34
N GLU K 82 31.06 -40.11 20.56
CA GLU K 82 32.36 -39.46 20.48
C GLU K 82 32.90 -39.24 21.89
N LEU K 83 34.24 -39.24 21.99
CA LEU K 83 34.92 -39.01 23.26
C LEU K 83 35.85 -37.83 23.09
N ARG K 84 35.72 -36.85 23.99
CA ARG K 84 36.56 -35.66 23.91
C ARG K 84 38.01 -35.95 24.32
N SER K 85 38.21 -36.35 25.58
CA SER K 85 39.52 -36.65 26.09
C SER K 85 39.62 -38.13 26.43
N LEU K 86 40.85 -38.62 26.52
CA LEU K 86 41.12 -40.01 26.85
C LEU K 86 42.08 -40.07 28.03
N ARG K 87 42.28 -41.28 28.54
CA ARG K 87 43.14 -41.57 29.66
C ARG K 87 43.37 -43.07 29.65
N SER K 88 44.49 -43.52 30.22
CA SER K 88 44.81 -44.94 30.28
C SER K 88 43.82 -45.74 31.13
N ALA K 89 43.08 -45.07 32.02
CA ALA K 89 42.09 -45.73 32.85
C ALA K 89 40.80 -46.03 32.09
N ASP K 90 40.66 -45.52 30.87
CA ASP K 90 39.48 -45.76 30.05
C ASP K 90 39.57 -47.01 29.20
N THR K 91 40.59 -47.85 29.43
CA THR K 91 40.73 -49.07 28.67
C THR K 91 39.64 -50.02 29.14
N ALA K 92 38.53 -50.04 28.42
CA ALA K 92 37.39 -50.87 28.81
C ALA K 92 36.62 -51.30 27.57
N VAL K 93 35.68 -52.20 27.79
CA VAL K 93 34.83 -52.73 26.72
C VAL K 93 33.53 -51.94 26.68
N TYR K 94 33.30 -51.22 25.58
CA TYR K 94 32.09 -50.42 25.43
C TYR K 94 30.97 -51.26 24.86
N TYR K 95 29.74 -50.99 25.30
CA TYR K 95 28.56 -51.70 24.86
C TYR K 95 27.59 -50.74 24.16
N CYS K 96 26.40 -51.27 23.87
CA CYS K 96 25.32 -50.55 23.21
C CYS K 96 24.04 -51.31 23.53
N ALA K 97 23.00 -50.60 23.96
CA ALA K 97 21.76 -51.26 24.33
C ALA K 97 20.55 -50.50 23.80
N ARG K 98 19.39 -51.15 23.90
CA ARG K 98 18.12 -50.61 23.43
C ARG K 98 17.05 -50.76 24.52
N VAL K 99 16.29 -49.69 24.75
CA VAL K 99 15.23 -49.67 25.76
C VAL K 99 14.06 -50.54 25.33
N GLY K 100 13.13 -50.77 26.25
CA GLY K 100 11.98 -51.60 25.97
C GLY K 100 10.76 -50.85 25.45
N PRO K 101 9.73 -51.61 25.07
CA PRO K 101 8.51 -50.98 24.56
C PRO K 101 7.72 -50.37 25.70
N TYR K 102 6.92 -49.37 25.36
CA TYR K 102 6.11 -48.64 26.33
C TYR K 102 4.71 -49.24 26.44
N SER K 103 4.27 -49.48 27.68
CA SER K 103 2.96 -50.01 27.98
C SER K 103 2.04 -48.86 28.37
N TRP K 104 0.74 -49.11 28.32
CA TRP K 104 -0.24 -48.08 28.63
C TRP K 104 -0.43 -47.86 30.14
N ASP K 105 0.01 -48.79 30.99
CA ASP K 105 -0.22 -48.61 32.41
C ASP K 105 1.03 -48.42 33.27
N ASP K 106 1.98 -47.58 32.86
CA ASP K 106 3.16 -47.37 33.68
C ASP K 106 3.71 -45.96 33.47
N SER K 107 4.64 -45.59 34.36
CA SER K 107 5.30 -44.29 34.35
C SER K 107 6.15 -44.14 33.10
N PRO K 108 6.42 -42.89 32.65
CA PRO K 108 7.24 -42.69 31.44
C PRO K 108 8.71 -43.12 31.51
N GLN K 109 9.17 -43.66 32.63
CA GLN K 109 10.55 -44.09 32.74
C GLN K 109 10.68 -45.55 33.15
N ASP K 110 9.58 -46.28 33.26
CA ASP K 110 9.62 -47.69 33.64
C ASP K 110 9.94 -48.62 32.48
N ASN K 111 10.30 -48.10 31.32
CA ASN K 111 10.58 -48.96 30.17
C ASN K 111 11.92 -48.63 29.54
N TYR K 112 12.93 -48.38 30.37
CA TYR K 112 14.28 -48.08 29.92
C TYR K 112 15.25 -49.05 30.58
N TYR K 113 14.97 -50.35 30.51
CA TYR K 113 15.81 -51.34 31.17
C TYR K 113 16.76 -52.09 30.24
N MET K 114 17.07 -51.54 29.07
CA MET K 114 18.05 -52.06 28.12
C MET K 114 17.79 -53.51 27.69
N ASP K 115 16.74 -53.69 26.87
CA ASP K 115 16.38 -55.03 26.40
C ASP K 115 17.44 -55.73 25.55
N VAL K 116 17.70 -55.20 24.36
CA VAL K 116 18.64 -55.80 23.41
C VAL K 116 19.98 -55.10 23.48
N TRP K 117 21.02 -55.87 23.78
CA TRP K 117 22.39 -55.40 23.88
C TRP K 117 23.06 -55.49 22.51
N GLY K 118 24.38 -55.38 22.50
CA GLY K 118 25.13 -55.46 21.26
C GLY K 118 26.45 -56.16 21.49
N LYS K 119 27.06 -56.59 20.40
CA LYS K 119 28.36 -57.26 20.47
C LYS K 119 29.40 -56.22 20.83
N GLY K 120 29.73 -56.15 22.11
CA GLY K 120 30.66 -55.18 22.66
C GLY K 120 32.05 -55.03 22.10
N THR K 121 32.34 -53.82 21.62
CA THR K 121 33.65 -53.50 21.08
C THR K 121 34.57 -53.10 22.23
N THR K 122 35.87 -53.31 22.02
CA THR K 122 36.86 -53.00 23.03
C THR K 122 37.86 -51.97 22.51
N VAL K 123 38.32 -51.11 23.40
CA VAL K 123 39.28 -50.07 23.08
C VAL K 123 40.45 -50.18 24.05
N ILE K 124 41.66 -49.97 23.54
CA ILE K 124 42.88 -50.03 24.33
C ILE K 124 43.61 -48.71 24.14
N VAL K 125 44.10 -48.14 25.24
CA VAL K 125 44.80 -46.87 25.19
C VAL K 125 46.29 -47.03 24.89
N SER K 126 46.96 -47.98 25.54
CA SER K 126 48.39 -48.20 25.31
C SER K 126 48.66 -49.70 25.31
N SER K 127 49.00 -50.25 24.14
CA SER K 127 49.30 -51.67 24.01
C SER K 127 50.79 -51.94 24.01
N GLU L 1 25.99 -42.30 45.25
CA GLU L 1 24.69 -42.24 45.92
C GLU L 1 24.12 -43.64 46.12
N ILE L 2 23.76 -44.30 45.02
CA ILE L 2 23.20 -45.64 45.05
C ILE L 2 24.33 -46.64 44.83
N VAL L 3 24.45 -47.62 45.71
CA VAL L 3 25.48 -48.65 45.63
C VAL L 3 24.81 -50.00 45.87
N LEU L 4 24.93 -50.90 44.91
CA LEU L 4 24.33 -52.23 45.03
C LEU L 4 25.32 -53.22 45.60
N THR L 5 24.79 -54.20 46.33
CA THR L 5 25.58 -55.25 46.95
C THR L 5 24.95 -56.60 46.61
N GLN L 6 25.79 -57.60 46.33
CA GLN L 6 25.30 -58.92 45.99
C GLN L 6 26.02 -59.97 46.82
N SER L 7 25.30 -61.07 47.09
CA SER L 7 25.83 -62.18 47.86
C SER L 7 25.01 -63.40 47.51
N PRO L 8 25.62 -64.60 47.39
CA PRO L 8 27.05 -64.88 47.54
C PRO L 8 27.81 -64.61 46.24
N GLY L 9 29.11 -64.33 46.34
CA GLY L 9 29.89 -64.08 45.15
C GLY L 9 30.13 -65.33 44.33
N THR L 10 30.20 -66.48 44.98
CA THR L 10 30.41 -67.77 44.34
C THR L 10 29.28 -68.70 44.73
N LEU L 11 29.13 -69.79 43.96
CA LEU L 11 28.08 -70.77 44.24
C LEU L 11 28.61 -72.16 43.95
N SER L 12 28.79 -72.96 45.00
CA SER L 12 29.26 -74.34 44.87
C SER L 12 28.03 -75.19 44.54
N LEU L 13 27.62 -75.12 43.28
CA LEU L 13 26.44 -75.84 42.83
C LEU L 13 26.75 -76.81 41.69
N SER L 14 25.85 -77.76 41.54
CA SER L 14 25.86 -78.83 40.55
C SER L 14 24.56 -78.73 39.74
N PRO L 15 24.53 -79.30 38.51
CA PRO L 15 23.29 -79.23 37.70
C PRO L 15 22.11 -79.96 38.32
N GLY L 16 21.10 -79.19 38.72
CA GLY L 16 19.89 -79.69 39.34
C GLY L 16 19.61 -79.10 40.71
N GLU L 17 20.46 -78.20 41.20
CA GLU L 17 20.29 -77.58 42.51
C GLU L 17 19.48 -76.28 42.39
N ARG L 18 19.48 -75.49 43.47
CA ARG L 18 18.77 -74.22 43.54
C ARG L 18 19.73 -73.15 44.03
N ALA L 19 19.73 -72.00 43.36
CA ALA L 19 20.60 -70.89 43.71
C ALA L 19 19.83 -69.82 44.48
N THR L 20 20.58 -69.05 45.27
CA THR L 20 20.03 -67.98 46.08
C THR L 20 20.75 -66.69 45.73
N PHE L 21 19.99 -65.68 45.28
CA PHE L 21 20.52 -64.39 44.89
C PHE L 21 19.94 -63.32 45.79
N SER L 22 20.68 -62.21 45.94
CA SER L 22 20.23 -61.12 46.78
C SER L 22 20.88 -59.83 46.33
N CYS L 23 20.07 -58.78 46.24
CA CYS L 23 20.55 -57.46 45.82
C CYS L 23 20.04 -56.45 46.86
N ARG L 24 20.81 -56.27 47.93
CA ARG L 24 20.46 -55.34 48.99
C ARG L 24 21.00 -53.97 48.61
N SER L 25 20.12 -53.08 48.15
CA SER L 25 20.52 -51.76 47.76
C SER L 25 20.72 -50.85 48.97
N SER L 26 21.48 -49.77 48.75
CA SER L 26 21.71 -48.81 49.82
C SER L 26 20.44 -48.05 50.14
N HIS L 27 19.62 -47.81 49.13
CA HIS L 27 18.34 -47.15 49.22
C HIS L 27 17.26 -48.22 49.28
N SER L 28 16.01 -47.79 49.19
CA SER L 28 14.86 -48.67 49.16
C SER L 28 14.06 -48.24 47.95
N ILE L 29 13.91 -49.14 46.98
CA ILE L 29 13.19 -48.82 45.76
C ILE L 29 11.70 -48.73 46.07
N ARG L 30 11.11 -47.56 45.85
CA ARG L 30 9.69 -47.35 46.12
C ARG L 30 8.80 -47.98 45.08
N SER L 31 9.12 -47.82 43.80
CA SER L 31 8.31 -48.38 42.74
C SER L 31 8.44 -49.89 42.61
N ARG L 32 9.55 -50.46 43.10
CA ARG L 32 9.89 -51.89 43.03
C ARG L 32 10.01 -52.32 41.56
N ARG L 33 10.85 -51.60 40.84
CA ARG L 33 11.13 -51.87 39.42
C ARG L 33 12.63 -52.02 39.23
N VAL L 34 13.10 -53.25 39.06
CA VAL L 34 14.51 -53.55 38.85
C VAL L 34 14.63 -54.49 37.66
N ALA L 35 15.84 -54.98 37.42
CA ALA L 35 16.09 -55.93 36.33
C ALA L 35 17.30 -56.75 36.69
N TRP L 36 17.48 -57.86 35.98
CA TRP L 36 18.60 -58.76 36.20
C TRP L 36 19.18 -59.15 34.86
N TYR L 37 20.50 -59.31 34.83
CA TYR L 37 21.23 -59.62 33.62
C TYR L 37 21.92 -60.98 33.69
N GLN L 38 22.36 -61.41 32.52
CA GLN L 38 23.09 -62.66 32.31
C GLN L 38 24.22 -62.34 31.34
N HIS L 39 25.46 -62.41 31.82
CA HIS L 39 26.62 -62.10 30.99
C HIS L 39 27.53 -63.31 30.89
N LYS L 40 27.49 -63.99 29.76
CA LYS L 40 28.36 -65.13 29.57
C LYS L 40 29.75 -64.64 29.18
N PRO L 41 30.81 -65.38 29.55
CA PRO L 41 32.17 -64.94 29.21
C PRO L 41 32.43 -65.02 27.71
N GLY L 42 32.68 -63.86 27.11
CA GLY L 42 32.95 -63.78 25.68
C GLY L 42 31.79 -63.28 24.86
N GLN L 43 30.58 -63.71 25.20
CA GLN L 43 29.37 -63.34 24.48
C GLN L 43 28.91 -61.94 24.89
N ALA L 44 27.68 -61.59 24.52
CA ALA L 44 26.91 -60.38 24.75
C ALA L 44 26.02 -60.56 25.98
N PRO L 45 25.74 -59.49 26.72
CA PRO L 45 24.88 -59.63 27.91
C PRO L 45 23.46 -59.93 27.50
N ARG L 46 22.72 -60.55 28.42
CA ARG L 46 21.34 -60.93 28.16
C ARG L 46 20.46 -60.58 29.35
N LEU L 47 19.30 -60.00 29.05
CA LEU L 47 18.34 -59.62 30.07
C LEU L 47 17.62 -60.85 30.60
N VAL L 48 17.56 -60.96 31.94
CA VAL L 48 16.88 -62.08 32.56
C VAL L 48 15.42 -61.73 32.80
N ILE L 49 15.16 -60.72 33.64
CA ILE L 49 13.81 -60.30 33.95
C ILE L 49 13.68 -58.80 33.73
N HIS L 50 12.60 -58.39 33.04
CA HIS L 50 12.32 -56.99 32.74
C HIS L 50 11.28 -56.46 33.73
N GLY L 51 11.69 -56.44 34.98
CA GLY L 51 10.84 -56.02 36.08
C GLY L 51 11.30 -56.71 37.34
N VAL L 52 10.56 -56.51 38.41
CA VAL L 52 10.95 -57.18 39.65
C VAL L 52 10.57 -58.66 39.58
N SER L 53 9.54 -59.00 38.80
CA SER L 53 9.10 -60.37 38.63
C SER L 53 8.70 -60.68 37.19
N ASN L 54 8.74 -59.68 36.29
CA ASN L 54 8.36 -59.87 34.90
C ASN L 54 9.58 -60.35 34.13
N ARG L 55 9.52 -61.60 33.64
CA ARG L 55 10.64 -62.14 32.89
C ARG L 55 10.67 -61.57 31.48
N ALA L 56 11.86 -61.64 30.87
CA ALA L 56 12.07 -61.13 29.53
C ALA L 56 11.57 -62.15 28.50
N SER L 57 11.60 -61.73 27.24
CA SER L 57 11.16 -62.60 26.16
C SER L 57 12.19 -63.69 25.91
N GLY L 58 11.70 -64.90 25.68
CA GLY L 58 12.55 -66.04 25.41
C GLY L 58 13.16 -66.69 26.63
N ILE L 59 13.03 -66.07 27.81
CA ILE L 59 13.60 -66.64 29.02
C ILE L 59 12.72 -67.80 29.49
N SER L 60 13.34 -68.92 29.83
CA SER L 60 12.63 -70.11 30.27
C SER L 60 11.97 -69.89 31.63
N ASP L 61 11.14 -70.85 32.02
CA ASP L 61 10.41 -70.79 33.28
C ASP L 61 11.28 -71.13 34.48
N ARG L 62 12.52 -71.56 34.27
CA ARG L 62 13.40 -71.87 35.39
C ARG L 62 13.80 -70.61 36.14
N PHE L 63 13.91 -69.49 35.44
CA PHE L 63 14.24 -68.23 36.08
C PHE L 63 12.95 -67.60 36.58
N SER L 64 12.98 -67.08 37.81
CA SER L 64 11.80 -66.45 38.37
C SER L 64 12.22 -65.42 39.41
N GLY L 65 11.78 -64.19 39.22
CA GLY L 65 12.13 -63.12 40.13
C GLY L 65 11.07 -62.92 41.21
N SER L 66 11.53 -62.45 42.37
CA SER L 66 10.66 -62.20 43.51
C SER L 66 11.35 -61.21 44.43
N GLY L 67 10.61 -60.75 45.42
CA GLY L 67 11.12 -59.80 46.39
C GLY L 67 10.47 -58.43 46.25
N SER L 68 10.69 -57.62 47.29
CA SER L 68 10.18 -56.26 47.37
C SER L 68 11.00 -55.51 48.39
N GLY L 69 10.93 -54.18 48.33
CA GLY L 69 11.67 -53.35 49.24
C GLY L 69 13.15 -53.37 48.91
N THR L 70 13.95 -54.04 49.73
CA THR L 70 15.38 -54.15 49.51
C THR L 70 15.85 -55.58 49.37
N ASP L 71 14.95 -56.56 49.46
CA ASP L 71 15.31 -57.97 49.32
C ASP L 71 15.03 -58.44 47.90
N PHE L 72 15.83 -57.90 46.99
CA PHE L 72 15.73 -58.23 45.57
C PHE L 72 16.41 -59.58 45.38
N THR L 73 15.61 -60.64 45.29
CA THR L 73 16.13 -61.99 45.17
C THR L 73 15.74 -62.63 43.84
N LEU L 74 16.35 -63.78 43.60
CA LEU L 74 16.12 -64.60 42.42
C LEU L 74 16.34 -66.06 42.82
N THR L 75 15.80 -66.95 42.00
CA THR L 75 15.95 -68.38 42.24
C THR L 75 15.93 -69.07 40.89
N ILE L 76 16.73 -70.13 40.77
CA ILE L 76 16.83 -70.89 39.54
C ILE L 76 16.52 -72.33 39.89
N THR L 77 15.30 -72.76 39.59
CA THR L 77 14.89 -74.12 39.87
C THR L 77 15.41 -75.03 38.77
N ARG L 78 16.12 -76.10 39.15
CA ARG L 78 16.71 -77.09 38.24
C ARG L 78 17.70 -76.43 37.28
N VAL L 79 18.83 -75.98 37.85
CA VAL L 79 19.87 -75.30 37.08
C VAL L 79 20.44 -76.23 35.99
N GLU L 80 20.96 -75.62 34.95
CA GLU L 80 21.52 -76.30 33.80
C GLU L 80 22.94 -75.80 33.55
N PRO L 81 23.78 -76.59 32.87
CA PRO L 81 25.15 -76.14 32.59
C PRO L 81 25.21 -75.00 31.58
N GLU L 82 24.14 -74.74 30.85
CA GLU L 82 24.07 -73.67 29.86
C GLU L 82 23.74 -72.31 30.47
N ASP L 83 23.76 -72.18 31.79
CA ASP L 83 23.46 -70.93 32.46
C ASP L 83 24.57 -70.47 33.39
N PHE L 84 25.74 -71.09 33.32
CA PHE L 84 26.86 -70.75 34.18
C PHE L 84 27.46 -69.44 33.68
N ALA L 85 27.06 -68.31 34.27
CA ALA L 85 27.56 -67.02 33.83
C ALA L 85 27.50 -66.02 34.98
N LEU L 86 27.83 -64.77 34.66
CA LEU L 86 27.82 -63.67 35.63
C LEU L 86 26.45 -63.00 35.61
N TYR L 87 25.92 -62.72 36.79
CA TYR L 87 24.60 -62.10 36.94
C TYR L 87 24.74 -60.76 37.64
N TYR L 88 24.15 -59.71 37.04
CA TYR L 88 24.21 -58.37 37.58
C TYR L 88 22.82 -57.90 38.00
N CYS L 89 22.79 -56.88 38.88
CA CYS L 89 21.57 -56.31 39.42
C CYS L 89 21.34 -54.90 38.87
N GLN L 90 20.09 -54.44 38.96
CA GLN L 90 19.70 -53.13 38.48
C GLN L 90 19.02 -52.33 39.59
N VAL L 91 18.84 -51.04 39.31
CA VAL L 91 18.20 -50.16 40.28
C VAL L 91 16.88 -49.65 39.71
N TYR L 92 16.95 -48.86 38.64
CA TYR L 92 15.81 -48.23 37.97
C TYR L 92 16.36 -47.62 36.69
N GLY L 93 15.51 -46.91 35.95
CA GLY L 93 15.94 -46.22 34.76
C GLY L 93 15.55 -44.78 35.04
N ALA L 94 16.54 -43.95 35.33
CA ALA L 94 16.33 -42.54 35.66
C ALA L 94 17.65 -41.81 35.47
N SER L 95 17.76 -40.62 36.07
CA SER L 95 18.97 -39.81 35.98
C SER L 95 20.16 -40.43 36.72
N SER L 96 19.95 -41.45 37.56
CA SER L 96 21.04 -42.07 38.28
C SER L 96 20.67 -43.49 38.65
N TYR L 97 21.49 -44.45 38.21
CA TYR L 97 21.29 -45.86 38.51
C TYR L 97 22.61 -46.58 38.28
N THR L 98 22.97 -47.42 39.24
CA THR L 98 24.21 -48.17 39.22
C THR L 98 23.97 -49.61 38.83
N PHE L 99 25.03 -50.41 38.92
CA PHE L 99 25.02 -51.82 38.57
C PHE L 99 25.51 -52.66 39.74
N GLY L 100 25.06 -53.90 39.80
CA GLY L 100 25.43 -54.80 40.87
C GLY L 100 26.87 -55.28 40.78
N GLN L 101 27.27 -56.02 41.82
CA GLN L 101 28.63 -56.54 41.90
C GLN L 101 28.83 -57.68 40.90
N GLY L 102 28.10 -58.77 41.07
CA GLY L 102 28.21 -59.90 40.17
C GLY L 102 28.42 -61.24 40.85
N THR L 103 27.49 -62.16 40.63
CA THR L 103 27.58 -63.50 41.18
C THR L 103 28.18 -64.40 40.12
N LYS L 104 28.32 -65.70 40.42
CA LYS L 104 28.87 -66.62 39.45
C LYS L 104 28.31 -68.01 39.74
N LEU L 105 27.63 -68.59 38.76
CA LEU L 105 27.06 -69.93 38.91
C LEU L 105 28.18 -70.92 38.56
N GLU L 106 29.06 -71.12 39.54
CA GLU L 106 30.21 -71.99 39.38
C GLU L 106 29.79 -73.47 39.33
N ARG L 107 30.42 -74.21 38.41
CA ARG L 107 30.15 -75.64 38.25
C ARG L 107 30.71 -76.46 39.41
N LYS L 108 31.66 -75.91 40.17
CA LYS L 108 32.28 -76.61 41.29
C LYS L 108 31.46 -76.47 42.57
#